data_9N4F
#
_entry.id   9N4F
#
_cell.length_a   1.00
_cell.length_b   1.00
_cell.length_c   1.00
_cell.angle_alpha   90.00
_cell.angle_beta   90.00
_cell.angle_gamma   90.00
#
_symmetry.space_group_name_H-M   'P 1'
#
loop_
_entity.id
_entity.type
_entity.pdbx_description
1 polymer Hemagglutinin
2 polymer 'Variable domain of the heavy chain of 240-14-IgA_2F02 Fab'
3 polymer 'Variable domain of the light chain of 240-14-IgA_2F02 Fab'
#
loop_
_entity_poly.entity_id
_entity_poly.type
_entity_poly.pdbx_seq_one_letter_code
_entity_poly.pdbx_strand_id
1 'polypeptide(L)'
;ATLCLGHHAVPNGTIVKTITDDQIEVTNATELVQSSSTGKICNNPHRILDGRDCTLIDALLGDPHCDVFQDETWDLYVER
SSAFSNCYPYDVPDYASLRSLVASSGTLEFITEGFTWTGVTQNGGSNACKRGPASGFFSRLNWLTKSGSAYPVLNVTMPN
NDNFDKLYVWGVHHPSTNQEQTNLYVQASGRVTVSTRRSQQTIIPNIGSRPWVRGQSGRISIYWTIVKPGDVLVINSNGN
LIAPRGYFKMRTGKSSIMRSDAPIDTCISECITPNGSIPNDKPFQNVNKITYGACPKYVKQSTLKLATGMRNVPEKQTRG
LFGAKAGFIENGWEGMIDGWYGFRHQNSEGTGQAADLKSTQAAIDQINGKLNRVIEKTNEKFHQIEKEFSEVEGRIQDLE
KYVEDTKIDLWSYNAELLVALENQHTIDLTDSEMNKLFEKTRRQLRENAEDMGNGCFKIYHKCDNACIESIRNGTYDHDI
YRDEALNNRFQIKGV
;
A,B,C,D,E,F
2 'polypeptide(L)'
;EVQLLESGGGLVQPGGSLRLSCAASGFTFSTYAMSWVRQAPGKGLEWVSTISGSGGSTYDAESVKGRFTISRDNSKNTLY
LQMNSLRAEDTAVYYCAKEGGDFWSGYYANWFDPWGQGTLVTVSS
;
H,M,O
3 'polypeptide(L)'
;QSALTQPRSVSGSPGQSVTISCTGTRSDVGGYNYVSWYQQHPGKAPKVIIYDVKKRPSGVPDRFSGSKSGNTASLTISGL
QAEDEADYYCSAFAGSHTLFGGGTKVTVL
;
L,N,P
#
# COMPACT_ATOMS: atom_id res chain seq x y z
N GLY A 6 29.19 23.72 9.46
CA GLY A 6 28.55 23.83 8.15
C GLY A 6 28.62 22.56 7.34
N HIS A 7 27.79 22.49 6.30
CA HIS A 7 27.73 21.36 5.40
C HIS A 7 28.03 21.81 3.98
N HIS A 8 28.04 20.85 3.05
CA HIS A 8 28.48 21.09 1.69
C HIS A 8 27.29 21.41 0.79
N ALA A 9 27.58 21.98 -0.37
CA ALA A 9 26.58 22.25 -1.38
C ALA A 9 27.18 22.00 -2.75
N VAL A 10 26.32 21.68 -3.70
CA VAL A 10 26.75 21.42 -5.08
C VAL A 10 26.12 22.49 -5.98
N PRO A 11 26.71 22.79 -7.13
CA PRO A 11 26.14 23.83 -7.99
C PRO A 11 24.95 23.35 -8.80
N ASN A 12 24.94 22.08 -9.18
CA ASN A 12 23.89 21.50 -10.01
C ASN A 12 23.18 20.40 -9.24
N GLY A 13 22.11 20.76 -8.54
CA GLY A 13 21.32 19.80 -7.81
C GLY A 13 20.17 19.23 -8.63
N THR A 14 19.43 18.33 -8.00
CA THR A 14 18.30 17.66 -8.62
C THR A 14 17.03 17.89 -7.82
N ILE A 15 15.91 17.98 -8.54
CA ILE A 15 14.61 18.23 -7.92
C ILE A 15 13.99 16.90 -7.54
N VAL A 16 13.51 16.80 -6.30
CA VAL A 16 12.99 15.57 -5.73
C VAL A 16 11.69 15.86 -4.99
N LYS A 17 10.76 14.91 -5.08
CA LYS A 17 9.46 15.01 -4.45
C LYS A 17 9.52 14.53 -3.01
N THR A 18 8.69 15.12 -2.16
CA THR A 18 8.59 14.70 -0.77
C THR A 18 7.17 14.91 -0.28
N ILE A 19 6.95 14.63 1.00
CA ILE A 19 5.61 14.76 1.57
C ILE A 19 5.19 16.22 1.62
N THR A 20 6.09 17.10 2.05
CA THR A 20 5.72 18.49 2.27
C THR A 20 5.46 19.23 0.96
N ASP A 21 6.37 19.09 -0.01
CA ASP A 21 6.25 19.87 -1.23
C ASP A 21 6.75 19.06 -2.42
N ASP A 22 6.39 19.53 -3.61
CA ASP A 22 6.66 18.78 -4.84
C ASP A 22 8.13 18.84 -5.23
N GLN A 23 8.79 19.98 -5.00
CA GLN A 23 10.17 20.18 -5.45
C GLN A 23 11.04 20.60 -4.28
N ILE A 24 12.07 19.81 -4.00
CA ILE A 24 13.18 20.23 -3.15
C ILE A 24 14.47 19.85 -3.84
N GLU A 25 15.40 20.79 -3.94
CA GLU A 25 16.70 20.50 -4.52
C GLU A 25 17.54 19.67 -3.56
N VAL A 26 18.19 18.65 -4.10
CA VAL A 26 19.12 17.82 -3.33
C VAL A 26 20.42 17.72 -4.10
N THR A 27 21.46 17.30 -3.38
CA THR A 27 22.78 17.21 -3.99
C THR A 27 22.82 16.21 -5.13
N ASN A 28 22.23 15.03 -4.93
CA ASN A 28 22.14 14.04 -6.00
C ASN A 28 20.95 13.15 -5.76
N ALA A 29 20.49 12.50 -6.82
CA ALA A 29 19.36 11.57 -6.74
C ALA A 29 19.54 10.50 -7.80
N THR A 30 18.87 9.37 -7.59
CA THR A 30 18.91 8.24 -8.51
C THR A 30 17.51 7.93 -9.02
N GLU A 31 17.41 7.65 -10.31
CA GLU A 31 16.13 7.30 -10.91
C GLU A 31 15.72 5.89 -10.48
N LEU A 32 14.45 5.74 -10.12
CA LEU A 32 13.91 4.46 -9.68
C LEU A 32 12.93 3.86 -10.69
N VAL A 33 12.82 4.44 -11.87
CA VAL A 33 11.96 3.91 -12.93
C VAL A 33 12.81 3.69 -14.17
N GLN A 34 12.79 2.47 -14.69
CA GLN A 34 13.49 2.13 -15.93
C GLN A 34 12.56 2.43 -17.10
N SER A 35 12.90 3.45 -17.88
CA SER A 35 12.05 3.91 -18.97
C SER A 35 12.71 3.73 -20.33
N SER A 36 13.70 2.86 -20.44
CA SER A 36 14.41 2.65 -21.69
C SER A 36 14.58 1.16 -21.94
N SER A 37 14.63 0.81 -23.23
CA SER A 37 14.90 -0.55 -23.67
C SER A 37 15.95 -0.53 -24.77
N THR A 38 16.74 -1.60 -24.83
CA THR A 38 17.74 -1.71 -25.89
C THR A 38 17.13 -2.06 -27.24
N GLY A 39 15.87 -2.47 -27.27
CA GLY A 39 15.22 -2.82 -28.51
C GLY A 39 15.46 -4.23 -29.01
N LYS A 40 16.18 -5.04 -28.25
CA LYS A 40 16.50 -6.40 -28.66
C LYS A 40 16.29 -7.36 -27.49
N ILE A 41 16.04 -8.62 -27.83
CA ILE A 41 15.82 -9.67 -26.85
C ILE A 41 17.07 -10.51 -26.75
N CYS A 42 17.54 -10.74 -25.53
CA CYS A 42 18.72 -11.56 -25.28
C CYS A 42 18.31 -13.00 -25.01
N ASN A 43 19.21 -13.94 -25.30
CA ASN A 43 18.88 -15.35 -25.26
C ASN A 43 19.76 -16.17 -24.33
N ASN A 44 20.58 -15.54 -23.50
CA ASN A 44 21.52 -16.33 -22.71
C ASN A 44 20.87 -17.00 -21.49
N PRO A 45 20.20 -16.26 -20.59
CA PRO A 45 19.73 -16.90 -19.36
C PRO A 45 18.45 -17.71 -19.57
N HIS A 46 17.62 -17.31 -20.53
CA HIS A 46 16.41 -18.02 -20.88
C HIS A 46 16.53 -18.55 -22.28
N ARG A 47 15.79 -19.62 -22.57
CA ARG A 47 15.73 -20.17 -23.92
C ARG A 47 14.64 -19.44 -24.69
N ILE A 48 15.03 -18.79 -25.78
CA ILE A 48 14.12 -18.02 -26.61
C ILE A 48 13.94 -18.75 -27.92
N LEU A 49 12.69 -18.98 -28.30
CA LEU A 49 12.34 -19.64 -29.55
C LEU A 49 11.57 -18.67 -30.42
N ASP A 50 12.06 -18.43 -31.63
CA ASP A 50 11.47 -17.44 -32.53
C ASP A 50 10.52 -18.14 -33.49
N GLY A 51 9.22 -17.94 -33.26
CA GLY A 51 8.21 -18.42 -34.17
C GLY A 51 8.00 -17.56 -35.40
N ARG A 52 9.08 -17.33 -36.16
CA ARG A 52 9.05 -16.35 -37.27
C ARG A 52 7.77 -16.35 -38.12
N ASP A 53 7.26 -17.50 -38.55
CA ASP A 53 6.15 -17.51 -39.51
C ASP A 53 4.98 -18.34 -39.02
N CYS A 54 5.14 -19.09 -37.92
CA CYS A 54 4.06 -19.90 -37.40
C CYS A 54 3.74 -19.55 -35.96
N THR A 55 2.46 -19.68 -35.62
CA THR A 55 2.00 -19.55 -34.25
C THR A 55 2.24 -20.85 -33.51
N LEU A 56 2.00 -20.81 -32.19
CA LEU A 56 2.17 -22.01 -31.37
C LEU A 56 1.21 -23.11 -31.81
N ILE A 57 -0.04 -22.74 -32.11
CA ILE A 57 -1.03 -23.74 -32.51
C ILE A 57 -0.66 -24.36 -33.84
N ASP A 58 -0.18 -23.56 -34.79
CA ASP A 58 0.24 -24.10 -36.08
C ASP A 58 1.41 -25.05 -35.92
N ALA A 59 2.38 -24.70 -35.07
CA ALA A 59 3.49 -25.61 -34.81
C ALA A 59 3.01 -26.86 -34.07
N LEU A 60 2.07 -26.68 -33.14
CA LEU A 60 1.51 -27.84 -32.43
C LEU A 60 0.77 -28.76 -33.39
N LEU A 61 -0.03 -28.18 -34.29
CA LEU A 61 -0.84 -28.99 -35.19
C LEU A 61 -0.01 -29.65 -36.28
N GLY A 62 1.12 -29.05 -36.64
CA GLY A 62 1.96 -29.61 -37.69
C GLY A 62 1.76 -28.96 -39.04
N ASP A 63 1.82 -27.63 -39.07
CA ASP A 63 1.68 -26.92 -40.33
C ASP A 63 2.80 -27.33 -41.27
N PRO A 64 2.54 -27.43 -42.57
CA PRO A 64 3.57 -27.92 -43.50
C PRO A 64 4.81 -27.04 -43.56
N HIS A 65 4.70 -25.73 -43.34
CA HIS A 65 5.81 -24.82 -43.57
C HIS A 65 6.62 -24.54 -42.30
N CYS A 66 6.30 -25.17 -41.18
CA CYS A 66 7.13 -25.07 -39.98
C CYS A 66 7.29 -26.44 -39.33
N ASP A 67 7.70 -27.42 -40.13
CA ASP A 67 8.09 -28.73 -39.61
C ASP A 67 9.39 -28.61 -38.82
N VAL A 68 10.04 -27.45 -38.88
CA VAL A 68 11.27 -27.23 -38.13
C VAL A 68 11.03 -27.14 -36.63
N PHE A 69 9.80 -26.84 -36.21
CA PHE A 69 9.48 -26.63 -34.81
C PHE A 69 9.10 -27.91 -34.08
N GLN A 70 9.20 -29.05 -34.75
CA GLN A 70 8.83 -30.32 -34.13
C GLN A 70 9.78 -30.67 -33.00
N ASP A 71 9.22 -31.14 -31.89
CA ASP A 71 9.97 -31.58 -30.72
C ASP A 71 10.91 -30.48 -30.21
N GLU A 72 10.41 -29.25 -30.20
CA GLU A 72 11.20 -28.09 -29.82
C GLU A 72 10.71 -27.58 -28.47
N THR A 73 11.61 -27.48 -27.52
CA THR A 73 11.33 -26.95 -26.20
C THR A 73 11.69 -25.47 -26.14
N TRP A 74 11.16 -24.79 -25.14
CA TRP A 74 11.41 -23.35 -25.02
C TRP A 74 11.21 -22.91 -23.59
N ASP A 75 11.74 -21.73 -23.29
CA ASP A 75 11.38 -20.99 -22.09
C ASP A 75 10.54 -19.76 -22.39
N LEU A 76 10.51 -19.32 -23.63
CA LEU A 76 9.67 -18.20 -24.06
C LEU A 76 9.49 -18.30 -25.57
N TYR A 77 8.24 -18.46 -26.00
CA TYR A 77 7.91 -18.48 -27.43
C TYR A 77 7.59 -17.07 -27.87
N VAL A 78 8.36 -16.54 -28.79
CA VAL A 78 8.17 -15.19 -29.31
C VAL A 78 7.33 -15.32 -30.59
N GLU A 79 6.13 -14.76 -30.54
CA GLU A 79 5.20 -14.81 -31.67
C GLU A 79 5.30 -13.51 -32.45
N ARG A 80 5.44 -13.62 -33.76
CA ARG A 80 5.55 -12.46 -34.63
C ARG A 80 4.21 -12.18 -35.31
N SER A 81 3.96 -10.90 -35.55
CA SER A 81 2.71 -10.47 -36.19
C SER A 81 2.61 -10.92 -37.64
N SER A 82 3.70 -11.38 -38.23
CA SER A 82 3.71 -11.85 -39.61
C SER A 82 3.37 -13.32 -39.75
N ALA A 83 2.98 -13.97 -38.66
CA ALA A 83 2.63 -15.38 -38.72
C ALA A 83 1.36 -15.58 -39.55
N PHE A 84 1.38 -16.62 -40.39
CA PHE A 84 0.28 -16.90 -41.29
C PHE A 84 0.08 -18.41 -41.39
N SER A 85 -1.13 -18.80 -41.75
CA SER A 85 -1.50 -20.20 -41.86
C SER A 85 -1.57 -20.61 -43.33
N ASN A 86 -1.06 -21.80 -43.62
CA ASN A 86 -0.98 -22.32 -44.98
C ASN A 86 -1.43 -23.78 -45.03
N CYS A 87 -2.57 -24.06 -44.41
CA CYS A 87 -3.12 -25.42 -44.39
C CYS A 87 -4.63 -25.32 -44.49
N TYR A 88 -5.30 -26.43 -44.22
CA TYR A 88 -6.76 -26.45 -44.24
C TYR A 88 -7.29 -25.44 -43.23
N PRO A 89 -8.29 -24.64 -43.60
CA PRO A 89 -8.83 -23.67 -42.65
C PRO A 89 -9.37 -24.36 -41.41
N TYR A 90 -9.14 -23.75 -40.26
CA TYR A 90 -9.52 -24.36 -38.99
C TYR A 90 -9.86 -23.28 -37.98
N ASP A 91 -10.51 -23.70 -36.91
CA ASP A 91 -10.77 -22.84 -35.76
C ASP A 91 -10.67 -23.68 -34.50
N VAL A 92 -10.44 -23.00 -33.38
CA VAL A 92 -10.39 -23.62 -32.06
C VAL A 92 -11.44 -22.93 -31.20
N PRO A 93 -12.44 -23.66 -30.69
CA PRO A 93 -13.45 -23.02 -29.85
C PRO A 93 -12.88 -22.28 -28.66
N ASP A 94 -11.83 -22.80 -28.03
CA ASP A 94 -11.10 -22.09 -26.97
C ASP A 94 -9.65 -21.94 -27.43
N TYR A 95 -9.39 -20.89 -28.20
CA TYR A 95 -8.03 -20.65 -28.68
C TYR A 95 -7.11 -20.22 -27.55
N ALA A 96 -7.60 -19.35 -26.66
CA ALA A 96 -6.74 -18.82 -25.60
C ALA A 96 -6.40 -19.89 -24.58
N SER A 97 -7.29 -20.87 -24.39
CA SER A 97 -7.00 -21.94 -23.44
C SER A 97 -5.94 -22.89 -23.97
N LEU A 98 -6.07 -23.28 -25.24
CA LEU A 98 -5.09 -24.19 -25.83
C LEU A 98 -3.73 -23.51 -25.98
N ARG A 99 -3.73 -22.23 -26.36
CA ARG A 99 -2.48 -21.48 -26.45
C ARG A 99 -1.80 -21.39 -25.10
N SER A 100 -2.57 -21.08 -24.05
CA SER A 100 -1.99 -20.94 -22.72
C SER A 100 -1.51 -22.28 -22.19
N LEU A 101 -2.28 -23.35 -22.42
CA LEU A 101 -1.92 -24.65 -21.87
C LEU A 101 -0.64 -25.18 -22.50
N VAL A 102 -0.53 -25.06 -23.82
CA VAL A 102 0.66 -25.58 -24.51
C VAL A 102 1.88 -24.71 -24.20
N ALA A 103 1.70 -23.39 -24.16
CA ALA A 103 2.84 -22.50 -23.92
C ALA A 103 3.45 -22.74 -22.54
N SER A 104 2.60 -22.92 -21.53
CA SER A 104 3.12 -23.19 -20.19
C SER A 104 3.67 -24.61 -20.07
N SER A 105 3.29 -25.51 -20.99
CA SER A 105 3.89 -26.84 -21.00
C SER A 105 5.37 -26.76 -21.32
N GLY A 106 5.73 -25.99 -22.34
CA GLY A 106 7.11 -25.77 -22.68
C GLY A 106 7.75 -26.82 -23.56
N THR A 107 6.98 -27.75 -24.10
CA THR A 107 7.55 -28.76 -24.98
C THR A 107 6.54 -29.15 -26.04
N LEU A 108 6.96 -29.12 -27.30
CA LEU A 108 6.20 -29.69 -28.41
C LEU A 108 6.67 -31.11 -28.72
N GLU A 109 6.76 -31.96 -27.71
CA GLU A 109 7.29 -33.31 -27.88
C GLU A 109 6.14 -34.27 -28.15
N PHE A 110 6.25 -35.04 -29.22
CA PHE A 110 5.17 -35.86 -29.73
C PHE A 110 5.62 -37.31 -29.84
N ILE A 111 4.89 -38.21 -29.18
CA ILE A 111 5.16 -39.63 -29.24
C ILE A 111 4.00 -40.30 -29.95
N THR A 112 4.28 -40.89 -31.12
CA THR A 112 3.25 -41.46 -31.97
C THR A 112 2.80 -42.81 -31.40
N GLU A 113 1.53 -42.90 -31.05
CA GLU A 113 0.94 -44.14 -30.60
C GLU A 113 0.45 -44.97 -31.78
N GLY A 114 0.26 -46.27 -31.54
CA GLY A 114 -0.28 -47.14 -32.55
C GLY A 114 -1.79 -47.19 -32.49
N PHE A 115 -2.44 -46.42 -33.36
CA PHE A 115 -3.90 -46.33 -33.41
C PHE A 115 -4.39 -47.23 -34.53
N THR A 116 -5.27 -48.17 -34.19
CA THR A 116 -5.83 -49.11 -35.16
C THR A 116 -7.20 -48.60 -35.59
N TRP A 117 -7.28 -48.11 -36.82
CA TRP A 117 -8.55 -47.71 -37.43
C TRP A 117 -8.91 -48.74 -38.48
N THR A 118 -10.05 -49.39 -38.28
CA THR A 118 -10.48 -50.49 -39.14
C THR A 118 -11.63 -50.04 -40.02
N GLY A 119 -11.52 -50.30 -41.32
CA GLY A 119 -12.56 -49.97 -42.26
C GLY A 119 -12.54 -48.55 -42.78
N VAL A 120 -11.46 -47.81 -42.57
CA VAL A 120 -11.34 -46.44 -43.06
C VAL A 120 -9.98 -46.26 -43.71
N THR A 121 -9.89 -45.26 -44.57
CA THR A 121 -8.65 -44.91 -45.26
C THR A 121 -7.99 -43.73 -44.57
N GLN A 122 -6.73 -43.88 -44.21
CA GLN A 122 -6.02 -42.90 -43.43
C GLN A 122 -5.19 -41.99 -44.34
N ASN A 123 -4.44 -41.08 -43.72
CA ASN A 123 -3.52 -40.19 -44.41
C ASN A 123 -4.24 -39.38 -45.50
N GLY A 124 -5.40 -38.84 -45.16
CA GLY A 124 -6.09 -37.96 -46.06
C GLY A 124 -5.42 -36.60 -46.17
N GLY A 125 -5.81 -35.86 -47.20
CA GLY A 125 -5.16 -34.58 -47.43
C GLY A 125 -6.03 -33.67 -48.27
N SER A 126 -5.56 -32.44 -48.44
CA SER A 126 -6.27 -31.41 -49.18
C SER A 126 -5.27 -30.55 -49.93
N ASN A 127 -5.76 -29.92 -51.01
CA ASN A 127 -4.92 -29.04 -51.79
C ASN A 127 -4.53 -27.78 -51.04
N ALA A 128 -5.26 -27.43 -49.98
CA ALA A 128 -4.90 -26.26 -49.18
C ALA A 128 -3.53 -26.43 -48.55
N CYS A 129 -3.25 -27.62 -48.01
CA CYS A 129 -1.95 -27.94 -47.42
C CYS A 129 -1.13 -28.67 -48.48
N LYS A 130 -0.32 -27.94 -49.22
CA LYS A 130 0.57 -28.51 -50.23
C LYS A 130 1.91 -28.77 -49.57
N ARG A 131 2.17 -30.03 -49.24
CA ARG A 131 3.48 -30.44 -48.76
C ARG A 131 4.30 -30.83 -49.99
N GLY A 132 5.20 -29.94 -50.41
CA GLY A 132 5.89 -30.11 -51.66
C GLY A 132 4.93 -29.98 -52.82
N PRO A 133 5.15 -30.78 -53.87
CA PRO A 133 4.25 -30.73 -55.03
C PRO A 133 2.91 -31.38 -54.78
N ALA A 134 2.78 -32.23 -53.77
CA ALA A 134 1.58 -33.00 -53.55
C ALA A 134 0.76 -32.44 -52.39
N SER A 135 -0.54 -32.72 -52.43
CA SER A 135 -1.43 -32.29 -51.37
C SER A 135 -1.17 -33.08 -50.09
N GLY A 136 -1.28 -32.41 -48.96
CA GLY A 136 -0.97 -33.00 -47.67
C GLY A 136 -1.92 -32.51 -46.61
N PHE A 137 -1.45 -32.53 -45.36
CA PHE A 137 -2.29 -32.21 -44.22
C PHE A 137 -1.38 -31.90 -43.04
N PHE A 138 -1.99 -31.56 -41.91
CA PHE A 138 -1.25 -31.41 -40.65
C PHE A 138 -0.54 -32.72 -40.34
N SER A 139 0.72 -32.60 -39.91
CA SER A 139 1.51 -33.80 -39.66
C SER A 139 1.11 -34.51 -38.38
N ARG A 140 0.51 -33.82 -37.43
CA ARG A 140 0.13 -34.41 -36.15
C ARG A 140 -1.35 -34.76 -36.07
N LEU A 141 -2.07 -34.66 -37.19
CA LEU A 141 -3.47 -35.02 -37.24
C LEU A 141 -3.69 -35.97 -38.41
N ASN A 142 -4.54 -36.97 -38.20
CA ASN A 142 -4.76 -38.03 -39.18
C ASN A 142 -6.20 -37.94 -39.69
N TRP A 143 -6.36 -37.70 -40.98
CA TRP A 143 -7.67 -37.57 -41.60
C TRP A 143 -8.17 -38.93 -42.06
N LEU A 144 -9.39 -39.27 -41.67
CA LEU A 144 -9.98 -40.57 -41.99
C LEU A 144 -11.11 -40.38 -42.98
N THR A 145 -11.10 -41.19 -44.04
CA THR A 145 -12.10 -41.17 -45.08
C THR A 145 -12.69 -42.57 -45.21
N LYS A 146 -13.75 -42.69 -46.01
CA LYS A 146 -14.38 -43.98 -46.22
C LYS A 146 -13.44 -44.93 -46.94
N SER A 147 -13.66 -46.23 -46.72
CA SER A 147 -12.88 -47.28 -47.35
C SER A 147 -13.81 -48.04 -48.30
N GLY A 148 -13.86 -47.59 -49.55
CA GLY A 148 -14.76 -48.19 -50.50
C GLY A 148 -16.12 -47.51 -50.48
N SER A 149 -17.08 -48.11 -49.78
CA SER A 149 -18.41 -47.54 -49.66
C SER A 149 -18.95 -47.67 -48.24
N ALA A 150 -18.08 -47.63 -47.24
CA ALA A 150 -18.54 -47.78 -45.86
C ALA A 150 -17.64 -47.00 -44.92
N TYR A 151 -18.24 -46.51 -43.84
CA TYR A 151 -17.53 -45.86 -42.75
C TYR A 151 -17.95 -46.53 -41.45
N PRO A 152 -17.31 -47.64 -41.09
CA PRO A 152 -17.70 -48.35 -39.86
C PRO A 152 -17.50 -47.46 -38.64
N VAL A 153 -18.39 -47.65 -37.66
CA VAL A 153 -18.33 -46.90 -36.41
C VAL A 153 -17.03 -47.23 -35.71
N LEU A 154 -16.14 -46.26 -35.59
CA LEU A 154 -14.85 -46.47 -34.97
C LEU A 154 -14.99 -46.43 -33.46
N ASN A 155 -14.43 -47.43 -32.78
CA ASN A 155 -14.38 -47.49 -31.32
C ASN A 155 -12.97 -47.91 -30.95
N VAL A 156 -12.09 -46.93 -30.82
CA VAL A 156 -10.69 -47.18 -30.47
C VAL A 156 -10.47 -46.81 -29.02
N THR A 157 -9.40 -47.35 -28.44
CA THR A 157 -9.05 -47.08 -27.06
C THR A 157 -7.55 -46.99 -26.94
N MET A 158 -7.08 -46.23 -25.96
CA MET A 158 -5.64 -46.10 -25.72
C MET A 158 -5.41 -45.78 -24.25
N PRO A 159 -4.93 -46.74 -23.47
CA PRO A 159 -4.83 -46.53 -22.02
C PRO A 159 -3.58 -45.77 -21.61
N ASN A 160 -3.51 -45.42 -20.34
CA ASN A 160 -2.35 -44.74 -19.78
C ASN A 160 -1.66 -45.65 -18.78
N ASN A 161 -0.37 -45.88 -19.00
CA ASN A 161 0.45 -46.64 -18.06
C ASN A 161 1.69 -45.87 -17.63
N ASP A 162 1.85 -44.64 -18.10
CA ASP A 162 3.00 -43.82 -17.76
C ASP A 162 2.70 -43.02 -16.49
N ASN A 163 3.55 -42.04 -16.19
CA ASN A 163 3.41 -41.22 -15.00
C ASN A 163 3.36 -39.74 -15.34
N PHE A 164 2.95 -39.41 -16.56
CA PHE A 164 2.76 -38.03 -16.97
C PHE A 164 1.44 -37.90 -17.72
N ASP A 165 0.95 -36.67 -17.80
CA ASP A 165 -0.30 -36.40 -18.49
C ASP A 165 -0.07 -36.32 -19.98
N LYS A 166 -0.95 -36.93 -20.75
CA LYS A 166 -0.89 -36.88 -22.21
C LYS A 166 -1.93 -35.91 -22.73
N LEU A 167 -1.53 -35.05 -23.66
CA LEU A 167 -2.44 -34.13 -24.33
C LEU A 167 -2.74 -34.67 -25.72
N TYR A 168 -4.00 -34.96 -25.98
CA TYR A 168 -4.45 -35.43 -27.28
C TYR A 168 -5.16 -34.30 -28.01
N VAL A 169 -4.70 -34.00 -29.22
CA VAL A 169 -5.32 -33.00 -30.07
C VAL A 169 -5.99 -33.72 -31.23
N TRP A 170 -7.31 -33.54 -31.34
CA TRP A 170 -8.10 -34.16 -32.39
C TRP A 170 -8.99 -33.08 -33.02
N GLY A 171 -9.86 -33.49 -33.92
CA GLY A 171 -10.68 -32.51 -34.61
C GLY A 171 -11.89 -33.11 -35.28
N VAL A 172 -12.80 -32.22 -35.68
CA VAL A 172 -14.00 -32.56 -36.40
C VAL A 172 -14.03 -31.73 -37.68
N HIS A 173 -14.37 -32.37 -38.79
CA HIS A 173 -14.40 -31.70 -40.09
C HIS A 173 -15.84 -31.33 -40.43
N HIS A 174 -16.08 -30.03 -40.61
CA HIS A 174 -17.39 -29.55 -41.03
C HIS A 174 -17.38 -29.31 -42.52
N PRO A 175 -17.92 -30.22 -43.33
CA PRO A 175 -17.87 -30.03 -44.78
C PRO A 175 -18.87 -28.98 -45.25
N SER A 176 -18.59 -28.44 -46.44
CA SER A 176 -19.37 -27.33 -46.96
C SER A 176 -20.75 -27.78 -47.41
N THR A 177 -20.83 -28.90 -48.13
CA THR A 177 -22.08 -29.35 -48.73
C THR A 177 -22.38 -30.77 -48.30
N ASN A 178 -23.66 -31.13 -48.38
CA ASN A 178 -24.08 -32.48 -48.02
C ASN A 178 -23.51 -33.52 -48.99
N GLN A 179 -23.31 -33.14 -50.26
CA GLN A 179 -22.68 -34.06 -51.20
C GLN A 179 -21.24 -34.36 -50.79
N GLU A 180 -20.53 -33.35 -50.29
CA GLU A 180 -19.16 -33.57 -49.83
C GLU A 180 -19.12 -34.55 -48.66
N GLN A 181 -20.10 -34.47 -47.75
CA GLN A 181 -20.13 -35.36 -46.61
C GLN A 181 -20.34 -36.81 -47.06
N THR A 182 -21.34 -37.04 -47.91
CA THR A 182 -21.62 -38.40 -48.39
C THR A 182 -20.53 -38.89 -49.33
N ASN A 183 -19.79 -37.99 -49.97
CA ASN A 183 -18.66 -38.41 -50.79
C ASN A 183 -17.46 -38.78 -49.94
N LEU A 184 -17.20 -38.03 -48.87
CA LEU A 184 -16.04 -38.28 -48.02
C LEU A 184 -16.34 -39.40 -47.03
N TYR A 185 -17.29 -39.16 -46.13
CA TYR A 185 -17.84 -40.17 -45.26
C TYR A 185 -19.10 -40.72 -45.93
N VAL A 186 -19.91 -41.47 -45.19
CA VAL A 186 -21.13 -42.04 -45.73
C VAL A 186 -22.36 -41.51 -45.03
N GLN A 187 -22.32 -41.39 -43.71
CA GLN A 187 -23.48 -40.95 -42.95
C GLN A 187 -23.81 -39.50 -43.27
N ALA A 188 -25.10 -39.21 -43.41
CA ALA A 188 -25.54 -37.84 -43.68
C ALA A 188 -25.22 -36.92 -42.51
N SER A 189 -25.38 -37.41 -41.29
CA SER A 189 -25.05 -36.66 -40.08
C SER A 189 -24.03 -37.44 -39.28
N GLY A 190 -22.83 -36.88 -39.14
CA GLY A 190 -21.77 -37.53 -38.40
C GLY A 190 -21.79 -37.17 -36.92
N ARG A 191 -20.85 -37.76 -36.19
CA ARG A 191 -20.76 -37.56 -34.75
C ARG A 191 -19.40 -38.03 -34.24
N VAL A 192 -18.78 -37.26 -33.37
CA VAL A 192 -17.48 -37.60 -32.80
C VAL A 192 -17.55 -37.46 -31.29
N THR A 193 -17.26 -38.55 -30.57
CA THR A 193 -17.29 -38.56 -29.11
C THR A 193 -15.95 -39.05 -28.61
N VAL A 194 -15.25 -38.19 -27.87
CA VAL A 194 -13.99 -38.54 -27.23
C VAL A 194 -14.20 -38.38 -25.74
N SER A 195 -14.00 -39.46 -24.99
CA SER A 195 -14.29 -39.48 -23.56
C SER A 195 -13.19 -40.17 -22.80
N THR A 196 -12.90 -39.65 -21.60
CA THR A 196 -12.09 -40.34 -20.63
C THR A 196 -12.99 -40.92 -19.54
N ARG A 197 -12.39 -41.46 -18.49
CA ARG A 197 -13.17 -42.00 -17.40
C ARG A 197 -13.87 -40.92 -16.58
N ARG A 198 -13.47 -39.66 -16.73
CA ARG A 198 -14.03 -38.58 -15.94
C ARG A 198 -14.69 -37.47 -16.75
N SER A 199 -14.28 -37.26 -18.00
CA SER A 199 -14.83 -36.19 -18.81
C SER A 199 -15.23 -36.73 -20.18
N GLN A 200 -16.26 -36.12 -20.77
CA GLN A 200 -16.76 -36.50 -22.08
C GLN A 200 -16.90 -35.27 -22.95
N GLN A 201 -16.60 -35.39 -24.22
CA GLN A 201 -16.69 -34.25 -25.15
C GLN A 201 -17.37 -34.83 -26.38
N THR A 202 -18.50 -34.29 -26.81
CA THR A 202 -19.24 -34.83 -27.97
C THR A 202 -19.55 -33.70 -28.89
N ILE A 203 -19.26 -33.84 -30.17
CA ILE A 203 -19.39 -32.76 -31.14
C ILE A 203 -20.05 -33.31 -32.40
N ILE A 204 -21.13 -32.68 -32.81
CA ILE A 204 -21.85 -33.03 -34.04
C ILE A 204 -21.46 -32.01 -35.11
N PRO A 205 -20.86 -32.43 -36.22
CA PRO A 205 -20.47 -31.46 -37.24
C PRO A 205 -21.67 -30.77 -37.88
N ASN A 206 -21.40 -29.56 -38.34
CA ASN A 206 -22.45 -28.72 -38.92
C ASN A 206 -22.15 -28.47 -40.37
N ILE A 207 -23.12 -28.66 -41.23
CA ILE A 207 -22.95 -28.56 -42.67
C ILE A 207 -23.38 -27.17 -43.12
N GLY A 208 -22.51 -26.49 -43.85
CA GLY A 208 -22.85 -25.19 -44.38
C GLY A 208 -21.67 -24.59 -45.12
N SER A 209 -21.99 -23.65 -45.99
CA SER A 209 -20.97 -22.91 -46.73
C SER A 209 -20.32 -21.87 -45.84
N ARG A 210 -19.04 -21.66 -46.05
CA ARG A 210 -18.24 -20.72 -45.28
C ARG A 210 -17.33 -19.98 -46.24
N PRO A 211 -16.76 -18.85 -45.81
CA PRO A 211 -15.83 -18.11 -46.65
C PRO A 211 -14.74 -19.01 -47.26
N TRP A 212 -14.21 -18.55 -48.39
CA TRP A 212 -13.31 -19.35 -49.21
C TRP A 212 -11.88 -19.08 -48.76
N VAL A 213 -11.23 -20.09 -48.18
CA VAL A 213 -9.86 -19.98 -47.70
C VAL A 213 -9.04 -21.08 -48.37
N ARG A 214 -8.10 -20.69 -49.22
CA ARG A 214 -7.20 -21.61 -49.91
C ARG A 214 -7.95 -22.70 -50.66
N GLY A 215 -9.12 -22.34 -51.19
CA GLY A 215 -9.89 -23.24 -52.01
C GLY A 215 -10.91 -24.07 -51.27
N GLN A 216 -10.89 -24.09 -49.94
CA GLN A 216 -11.78 -24.92 -49.14
C GLN A 216 -12.85 -24.06 -48.49
N SER A 217 -14.11 -24.44 -48.68
CA SER A 217 -15.23 -23.80 -48.01
C SER A 217 -15.60 -24.46 -46.69
N GLY A 218 -14.97 -25.60 -46.37
CA GLY A 218 -15.19 -26.23 -45.08
C GLY A 218 -14.15 -25.84 -44.06
N ARG A 219 -14.36 -26.29 -42.83
CA ARG A 219 -13.49 -25.94 -41.72
C ARG A 219 -13.22 -27.17 -40.87
N ILE A 220 -12.29 -27.02 -39.94
CA ILE A 220 -11.93 -28.06 -38.98
C ILE A 220 -11.92 -27.44 -37.60
N SER A 221 -12.60 -28.09 -36.66
CA SER A 221 -12.65 -27.62 -35.28
C SER A 221 -11.70 -28.45 -34.42
N ILE A 222 -10.72 -27.78 -33.81
CA ILE A 222 -9.66 -28.45 -33.07
C ILE A 222 -10.06 -28.53 -31.60
N TYR A 223 -9.94 -29.72 -31.02
CA TYR A 223 -10.23 -29.95 -29.62
C TYR A 223 -9.06 -30.67 -28.97
N TRP A 224 -8.99 -30.60 -27.65
CA TRP A 224 -7.93 -31.24 -26.89
C TRP A 224 -8.50 -31.98 -25.69
N THR A 225 -7.81 -33.05 -25.30
CA THR A 225 -8.19 -33.88 -24.17
C THR A 225 -6.92 -34.28 -23.42
N ILE A 226 -6.98 -34.21 -22.08
CA ILE A 226 -5.85 -34.54 -21.23
C ILE A 226 -6.16 -35.84 -20.49
N VAL A 227 -5.25 -36.80 -20.58
CA VAL A 227 -5.38 -38.09 -19.92
C VAL A 227 -4.35 -38.16 -18.81
N LYS A 228 -4.83 -38.29 -17.58
CA LYS A 228 -3.97 -38.42 -16.41
C LYS A 228 -3.47 -39.85 -16.27
N PRO A 229 -2.42 -40.08 -15.48
CA PRO A 229 -1.94 -41.45 -15.27
C PRO A 229 -3.04 -42.33 -14.69
N GLY A 230 -3.12 -43.56 -15.19
CA GLY A 230 -4.14 -44.49 -14.80
C GLY A 230 -5.47 -44.33 -15.52
N ASP A 231 -5.58 -43.34 -16.40
CA ASP A 231 -6.83 -43.08 -17.10
C ASP A 231 -6.84 -43.81 -18.44
N VAL A 232 -7.92 -43.62 -19.19
CA VAL A 232 -8.09 -44.25 -20.49
C VAL A 232 -8.83 -43.29 -21.40
N LEU A 233 -8.54 -43.38 -22.69
CA LEU A 233 -9.15 -42.53 -23.71
C LEU A 233 -9.85 -43.40 -24.73
N VAL A 234 -11.13 -43.13 -24.97
CA VAL A 234 -11.94 -43.85 -25.95
C VAL A 234 -12.43 -42.86 -26.98
N ILE A 235 -12.13 -43.13 -28.25
CA ILE A 235 -12.57 -42.30 -29.36
C ILE A 235 -13.64 -43.05 -30.13
N ASN A 236 -14.84 -42.49 -30.20
CA ASN A 236 -15.96 -43.10 -30.89
C ASN A 236 -16.52 -42.10 -31.89
N SER A 237 -16.67 -42.53 -33.13
CA SER A 237 -17.16 -41.66 -34.19
C SER A 237 -17.71 -42.49 -35.33
N ASN A 238 -18.78 -42.00 -35.96
CA ASN A 238 -19.27 -42.57 -37.20
C ASN A 238 -19.03 -41.66 -38.39
N GLY A 239 -18.26 -40.59 -38.21
CA GLY A 239 -17.93 -39.71 -39.30
C GLY A 239 -17.32 -38.42 -38.81
N ASN A 240 -16.62 -37.75 -39.72
CA ASN A 240 -16.09 -36.40 -39.51
C ASN A 240 -15.10 -36.37 -38.34
N LEU A 241 -14.07 -37.21 -38.43
CA LEU A 241 -13.07 -37.31 -37.38
C LEU A 241 -11.69 -37.07 -37.95
N ILE A 242 -11.02 -36.04 -37.45
CA ILE A 242 -9.60 -35.81 -37.73
C ILE A 242 -8.85 -36.45 -36.57
N ALA A 243 -8.50 -37.71 -36.73
CA ALA A 243 -8.00 -38.52 -35.64
C ALA A 243 -6.62 -38.04 -35.19
N PRO A 244 -6.28 -38.25 -33.92
CA PRO A 244 -4.94 -37.90 -33.45
C PRO A 244 -3.94 -39.01 -33.74
N ARG A 245 -2.70 -38.59 -33.99
CA ARG A 245 -1.63 -39.52 -34.30
C ARG A 245 -0.83 -39.93 -33.07
N GLY A 246 -1.09 -39.33 -31.92
CA GLY A 246 -0.32 -39.61 -30.73
C GLY A 246 -0.68 -38.66 -29.62
N TYR A 247 0.31 -38.33 -28.80
CA TYR A 247 0.09 -37.43 -27.68
C TYR A 247 1.33 -36.57 -27.46
N PHE A 248 1.09 -35.41 -26.86
CA PHE A 248 2.20 -34.50 -26.55
C PHE A 248 2.40 -34.64 -25.07
N LYS A 249 3.65 -34.75 -24.63
CA LYS A 249 3.98 -34.95 -23.21
C LYS A 249 3.84 -33.58 -22.55
N MET A 250 3.16 -33.55 -21.41
CA MET A 250 2.87 -32.28 -20.73
C MET A 250 3.77 -32.14 -19.50
N ARG A 251 4.38 -30.98 -19.32
CA ARG A 251 5.28 -30.65 -18.22
C ARG A 251 4.87 -29.33 -17.60
N THR A 252 5.17 -29.11 -16.32
CA THR A 252 5.01 -27.80 -15.70
C THR A 252 6.37 -27.15 -15.49
N GLY A 253 6.40 -25.83 -15.61
CA GLY A 253 7.64 -25.11 -15.46
C GLY A 253 7.46 -23.64 -15.78
N LYS A 254 8.60 -22.96 -15.93
CA LYS A 254 8.63 -21.53 -16.26
C LYS A 254 8.68 -21.39 -17.76
N SER A 255 7.51 -21.39 -18.40
CA SER A 255 7.45 -21.23 -19.85
C SER A 255 6.21 -20.43 -20.20
N SER A 256 6.36 -19.49 -21.13
CA SER A 256 5.26 -18.63 -21.52
C SER A 256 5.42 -18.27 -22.98
N ILE A 257 4.45 -17.53 -23.49
CA ILE A 257 4.45 -17.06 -24.87
C ILE A 257 4.34 -15.54 -24.85
N MET A 258 5.08 -14.89 -25.75
CA MET A 258 5.11 -13.44 -25.83
C MET A 258 4.94 -13.02 -27.29
N ARG A 259 4.15 -11.96 -27.49
CA ARG A 259 3.95 -11.40 -28.82
C ARG A 259 4.85 -10.18 -28.96
N SER A 260 5.91 -10.31 -29.73
CA SER A 260 6.87 -9.23 -29.91
C SER A 260 7.35 -9.22 -31.35
N ASP A 261 7.91 -8.07 -31.75
CA ASP A 261 8.56 -7.93 -33.05
C ASP A 261 10.03 -7.56 -32.91
N ALA A 262 10.56 -7.57 -31.70
CA ALA A 262 11.96 -7.22 -31.49
C ALA A 262 12.87 -8.36 -31.96
N PRO A 263 14.04 -8.05 -32.50
CA PRO A 263 14.98 -9.11 -32.88
C PRO A 263 15.69 -9.69 -31.66
N ILE A 264 16.26 -10.87 -31.87
CA ILE A 264 16.93 -11.62 -30.81
C ILE A 264 18.44 -11.44 -30.98
N ASP A 265 19.11 -11.07 -29.89
CA ASP A 265 20.57 -10.88 -29.92
C ASP A 265 21.25 -11.72 -28.84
N THR A 266 22.55 -11.52 -28.66
CA THR A 266 23.34 -12.32 -27.73
C THR A 266 23.78 -11.42 -26.57
N CYS A 267 23.09 -11.59 -25.44
CA CYS A 267 23.50 -10.89 -24.20
C CYS A 267 22.91 -11.64 -23.02
N ILE A 268 23.03 -11.05 -21.86
CA ILE A 268 22.56 -11.68 -20.63
C ILE A 268 21.63 -10.68 -19.94
N SER A 269 20.33 -10.82 -20.19
CA SER A 269 19.32 -9.98 -19.58
C SER A 269 18.29 -10.86 -18.90
N GLU A 270 17.97 -10.54 -17.64
CA GLU A 270 17.09 -11.39 -16.86
C GLU A 270 15.63 -11.31 -17.28
N CYS A 271 15.15 -10.14 -17.72
CA CYS A 271 13.76 -10.02 -18.11
C CYS A 271 13.61 -9.67 -19.58
N ILE A 272 12.49 -10.09 -20.16
CA ILE A 272 12.18 -9.87 -21.56
C ILE A 272 10.86 -9.15 -21.66
N THR A 273 10.80 -8.11 -22.47
CA THR A 273 9.63 -7.30 -22.72
C THR A 273 9.41 -7.21 -24.22
N PRO A 274 8.16 -7.10 -24.69
CA PRO A 274 7.92 -7.01 -26.14
C PRO A 274 8.65 -5.86 -26.80
N ASN A 275 9.03 -4.83 -26.07
CA ASN A 275 9.82 -3.74 -26.59
C ASN A 275 11.32 -4.00 -26.50
N GLY A 276 11.73 -5.15 -25.95
CA GLY A 276 13.13 -5.52 -25.83
C GLY A 276 13.41 -6.04 -24.43
N SER A 277 14.68 -6.13 -24.10
CA SER A 277 15.11 -6.58 -22.78
C SER A 277 15.53 -5.38 -21.94
N ILE A 278 15.05 -5.34 -20.71
CA ILE A 278 15.28 -4.19 -19.84
C ILE A 278 16.19 -4.60 -18.68
N PRO A 279 17.03 -3.70 -18.18
CA PRO A 279 17.85 -4.02 -17.01
C PRO A 279 16.99 -4.18 -15.76
N ASN A 280 17.50 -4.98 -14.82
CA ASN A 280 16.75 -5.41 -13.66
C ASN A 280 17.23 -4.75 -12.36
N ASP A 281 18.17 -3.81 -12.43
CA ASP A 281 18.67 -3.18 -11.21
C ASP A 281 17.62 -2.31 -10.54
N LYS A 282 16.77 -1.65 -11.31
CA LYS A 282 15.83 -0.68 -10.78
C LYS A 282 14.58 -1.35 -10.24
N PRO A 283 13.87 -0.69 -9.32
CA PRO A 283 12.70 -1.32 -8.69
C PRO A 283 11.44 -1.27 -9.54
N PHE A 284 11.29 -0.22 -10.35
CA PHE A 284 10.08 -0.01 -11.15
C PHE A 284 10.47 0.25 -12.60
N GLN A 285 9.52 -0.01 -13.51
CA GLN A 285 9.76 0.23 -14.92
C GLN A 285 8.47 0.72 -15.58
N ASN A 286 8.63 1.42 -16.69
CA ASN A 286 7.52 2.00 -17.44
C ASN A 286 7.50 1.54 -18.89
N VAL A 287 8.34 0.58 -19.26
CA VAL A 287 8.47 0.19 -20.66
C VAL A 287 7.21 -0.54 -21.13
N ASN A 288 6.78 -1.55 -20.38
CA ASN A 288 5.66 -2.38 -20.81
C ASN A 288 5.11 -3.15 -19.61
N LYS A 289 3.81 -3.43 -19.66
CA LYS A 289 3.16 -4.23 -18.63
C LYS A 289 3.32 -5.72 -18.85
N ILE A 290 3.73 -6.15 -20.04
CA ILE A 290 3.98 -7.55 -20.34
C ILE A 290 5.45 -7.82 -20.13
N THR A 291 5.77 -8.77 -19.26
CA THR A 291 7.15 -9.06 -18.89
C THR A 291 7.31 -10.55 -18.64
N TYR A 292 8.57 -11.00 -18.73
CA TYR A 292 8.92 -12.39 -18.45
C TYR A 292 10.22 -12.44 -17.67
N GLY A 293 10.15 -12.91 -16.44
CA GLY A 293 11.34 -13.12 -15.63
C GLY A 293 11.44 -12.14 -14.47
N ALA A 294 12.68 -11.93 -14.04
CA ALA A 294 12.97 -11.02 -12.93
C ALA A 294 13.15 -9.62 -13.49
N CYS A 295 12.13 -8.78 -13.33
CA CYS A 295 12.20 -7.42 -13.82
C CYS A 295 11.35 -6.52 -12.94
N PRO A 296 11.59 -5.21 -12.98
CA PRO A 296 10.86 -4.31 -12.08
C PRO A 296 9.36 -4.33 -12.33
N LYS A 297 8.62 -3.87 -11.32
CA LYS A 297 7.18 -3.74 -11.44
C LYS A 297 6.84 -2.62 -12.40
N TYR A 298 5.61 -2.65 -12.92
CA TYR A 298 5.15 -1.64 -13.83
C TYR A 298 4.42 -0.54 -13.07
N VAL A 299 4.79 0.70 -13.36
CA VAL A 299 4.15 1.88 -12.77
C VAL A 299 3.77 2.83 -13.89
N LYS A 300 2.75 3.64 -13.63
CA LYS A 300 2.33 4.66 -14.57
C LYS A 300 3.31 5.82 -14.65
N GLN A 301 4.14 6.01 -13.64
CA GLN A 301 4.99 7.18 -13.54
C GLN A 301 6.13 7.12 -14.55
N SER A 302 6.48 8.28 -15.10
CA SER A 302 7.61 8.36 -16.01
C SER A 302 8.94 8.47 -15.28
N THR A 303 8.95 9.10 -14.11
CA THR A 303 10.18 9.28 -13.35
C THR A 303 9.90 9.15 -11.87
N LEU A 304 10.91 8.74 -11.12
CA LEU A 304 10.83 8.62 -9.66
C LEU A 304 12.24 8.70 -9.12
N LYS A 305 12.54 9.76 -8.39
CA LYS A 305 13.90 10.03 -7.94
C LYS A 305 14.00 9.84 -6.44
N LEU A 306 15.02 9.11 -6.00
CA LEU A 306 15.32 8.90 -4.59
C LEU A 306 16.50 9.78 -4.21
N ALA A 307 16.36 10.51 -3.10
CA ALA A 307 17.35 11.50 -2.70
C ALA A 307 18.51 10.81 -1.99
N THR A 308 19.65 10.72 -2.67
CA THR A 308 20.89 10.27 -2.05
C THR A 308 21.76 11.45 -1.64
N GLY A 309 21.22 12.27 -0.74
CA GLY A 309 21.92 13.45 -0.31
C GLY A 309 20.99 14.37 0.45
N MET A 310 21.54 15.51 0.85
CA MET A 310 20.83 16.47 1.66
C MET A 310 20.30 17.61 0.79
N ARG A 311 19.66 18.57 1.43
CA ARG A 311 19.25 19.79 0.76
C ARG A 311 20.44 20.48 0.11
N ASN A 312 20.16 21.27 -0.92
CA ASN A 312 21.22 21.87 -1.71
C ASN A 312 21.16 23.39 -1.70
N VAL A 313 21.04 23.98 -0.52
CA VAL A 313 21.06 25.43 -0.40
C VAL A 313 22.46 25.94 -0.75
N PRO A 314 22.61 26.73 -1.81
CA PRO A 314 23.94 27.21 -2.19
C PRO A 314 24.27 28.54 -1.55
N GLU A 315 25.47 29.06 -1.81
CA GLU A 315 25.88 30.34 -1.25
C GLU A 315 25.63 31.46 -2.25
N LYS A 325 17.61 20.18 14.94
CA LYS A 325 17.65 20.45 13.48
C LYS A 325 18.79 21.41 13.16
N ALA A 326 19.19 21.52 11.90
CA ALA A 326 20.38 22.32 11.56
C ALA A 326 20.31 22.78 10.10
N GLY B 327 18.60 24.58 11.96
CA GLY B 327 17.91 25.82 11.68
C GLY B 327 18.75 27.07 11.80
N PHE B 328 19.99 26.95 12.26
CA PHE B 328 20.90 28.09 12.37
C PHE B 328 21.84 28.22 11.18
N ILE B 329 22.20 27.12 10.54
CA ILE B 329 22.96 27.19 9.31
C ILE B 329 22.03 27.57 8.17
N GLU B 330 22.33 28.70 7.52
CA GLU B 330 21.47 29.24 6.46
C GLU B 330 22.23 29.36 5.15
N ASN B 331 23.10 28.40 4.88
CA ASN B 331 23.93 28.42 3.68
C ASN B 331 24.53 27.04 3.51
N GLY B 332 25.16 26.80 2.36
CA GLY B 332 25.88 25.58 2.11
C GLY B 332 27.24 25.89 1.51
N TRP B 333 28.30 25.39 2.14
CA TRP B 333 29.67 25.74 1.77
C TRP B 333 30.05 24.97 0.52
N GLU B 334 29.85 25.59 -0.64
CA GLU B 334 30.47 25.08 -1.85
C GLU B 334 31.98 25.29 -1.76
N GLY B 335 32.72 24.24 -2.09
CA GLY B 335 34.14 24.20 -1.81
C GLY B 335 34.50 23.26 -0.69
N MET B 336 33.51 22.63 -0.04
CA MET B 336 33.73 21.56 0.91
C MET B 336 33.69 20.27 0.11
N ILE B 337 34.86 19.83 -0.35
CA ILE B 337 34.96 18.72 -1.30
C ILE B 337 35.63 17.49 -0.73
N ASP B 338 35.80 17.41 0.59
CA ASP B 338 36.39 16.25 1.24
C ASP B 338 35.45 15.68 2.30
N GLY B 339 34.16 15.77 2.05
CA GLY B 339 33.17 15.27 2.99
C GLY B 339 31.91 16.11 2.94
N TRP B 340 30.93 15.67 3.72
CA TRP B 340 29.63 16.33 3.79
C TRP B 340 29.53 17.35 4.91
N TYR B 341 30.32 17.20 5.96
CA TYR B 341 30.28 18.09 7.11
C TYR B 341 31.70 18.47 7.48
N GLY B 342 31.85 19.62 8.13
CA GLY B 342 33.17 20.04 8.54
C GLY B 342 33.17 21.39 9.20
N PHE B 343 34.37 21.88 9.46
CA PHE B 343 34.60 23.12 10.19
C PHE B 343 35.45 24.05 9.34
N ARG B 344 35.30 25.35 9.61
CA ARG B 344 36.29 26.33 9.19
C ARG B 344 36.42 27.38 10.30
N HIS B 345 37.65 27.85 10.47
CA HIS B 345 38.01 28.68 11.62
C HIS B 345 38.78 29.90 11.17
N GLN B 346 38.82 30.90 12.04
CA GLN B 346 39.61 32.11 11.84
C GLN B 346 40.29 32.41 13.18
N ASN B 347 41.50 31.91 13.36
CA ASN B 347 42.29 32.20 14.53
C ASN B 347 43.38 33.21 14.18
N SER B 348 44.29 33.44 15.11
CA SER B 348 45.37 34.39 14.87
C SER B 348 46.30 33.94 13.75
N GLU B 349 46.47 32.63 13.58
CA GLU B 349 47.33 32.13 12.51
C GLU B 349 46.72 32.39 11.14
N GLY B 350 45.43 32.16 10.98
CA GLY B 350 44.76 32.46 9.74
C GLY B 350 43.58 31.54 9.52
N THR B 351 42.86 31.83 8.43
CA THR B 351 41.68 31.04 8.08
C THR B 351 42.07 29.64 7.66
N GLY B 352 41.28 28.66 8.11
CA GLY B 352 41.50 27.28 7.72
C GLY B 352 40.19 26.60 7.41
N GLN B 353 40.30 25.38 6.87
CA GLN B 353 39.15 24.58 6.49
C GLN B 353 39.45 23.12 6.75
N ALA B 354 38.44 22.39 7.19
CA ALA B 354 38.59 20.96 7.48
C ALA B 354 37.24 20.29 7.30
N ALA B 355 37.28 18.97 7.15
CA ALA B 355 36.08 18.18 6.92
C ALA B 355 35.99 17.07 7.95
N ASP B 356 34.79 16.85 8.46
CA ASP B 356 34.54 15.76 9.40
C ASP B 356 34.27 14.48 8.63
N LEU B 357 34.72 13.37 9.19
CA LEU B 357 34.62 12.09 8.52
C LEU B 357 33.75 11.07 9.24
N LYS B 358 33.70 11.13 10.57
CA LYS B 358 32.79 10.26 11.32
C LYS B 358 31.34 10.58 11.00
N SER B 359 31.00 11.87 10.90
CA SER B 359 29.62 12.26 10.63
C SER B 359 29.25 12.04 9.18
N THR B 360 30.22 12.21 8.27
CA THR B 360 29.93 12.04 6.85
C THR B 360 29.62 10.59 6.52
N GLN B 361 30.44 9.66 6.99
CA GLN B 361 30.24 8.26 6.67
C GLN B 361 29.01 7.69 7.36
N ALA B 362 28.66 8.23 8.52
CA ALA B 362 27.42 7.82 9.17
C ALA B 362 26.21 8.16 8.30
N ALA B 363 26.21 9.35 7.70
CA ALA B 363 25.11 9.74 6.83
C ALA B 363 25.10 8.92 5.54
N ILE B 364 26.27 8.67 4.97
CA ILE B 364 26.35 7.93 3.72
C ILE B 364 25.95 6.48 3.92
N ASP B 365 26.36 5.89 5.04
CA ASP B 365 26.02 4.50 5.33
C ASP B 365 24.50 4.33 5.40
N GLN B 366 23.82 5.25 6.10
CA GLN B 366 22.38 5.13 6.26
C GLN B 366 21.66 5.35 4.93
N ILE B 367 22.14 6.28 4.12
CA ILE B 367 21.57 6.47 2.79
C ILE B 367 21.86 5.26 1.91
N ASN B 368 23.06 4.70 2.04
CA ASN B 368 23.40 3.50 1.28
C ASN B 368 22.53 2.31 1.70
N GLY B 369 22.28 2.17 3.00
CA GLY B 369 21.43 1.09 3.46
C GLY B 369 19.99 1.24 3.01
N LYS B 370 19.50 2.47 2.95
CA LYS B 370 18.16 2.72 2.44
C LYS B 370 18.04 2.32 0.98
N LEU B 371 19.06 2.65 0.17
CA LEU B 371 19.01 2.35 -1.25
C LEU B 371 18.99 0.86 -1.51
N ASN B 372 19.79 0.10 -0.73
CA ASN B 372 19.85 -1.34 -0.92
C ASN B 372 18.51 -2.00 -0.65
N ARG B 373 17.80 -1.55 0.39
CA ARG B 373 16.51 -2.13 0.73
C ARG B 373 15.48 -1.87 -0.36
N VAL B 374 15.52 -0.69 -0.98
CA VAL B 374 14.59 -0.39 -2.06
C VAL B 374 14.92 -1.22 -3.30
N ILE B 375 16.21 -1.40 -3.58
CA ILE B 375 16.66 -1.96 -4.85
C ILE B 375 16.41 -3.45 -4.99
N GLU B 376 16.27 -4.18 -3.87
CA GLU B 376 16.23 -5.64 -3.91
C GLU B 376 15.19 -6.15 -4.90
N LYS B 377 15.59 -7.13 -5.71
CA LYS B 377 14.74 -7.70 -6.75
C LYS B 377 14.12 -8.98 -6.23
N THR B 378 12.81 -8.94 -5.97
CA THR B 378 12.09 -10.10 -5.45
C THR B 378 10.85 -10.44 -6.27
N ASN B 379 10.68 -9.82 -7.43
CA ASN B 379 9.55 -10.06 -8.31
C ASN B 379 10.01 -10.93 -9.48
N GLU B 380 9.52 -12.16 -9.55
CA GLU B 380 9.91 -13.11 -10.59
C GLU B 380 8.64 -13.80 -11.08
N LYS B 381 8.11 -13.35 -12.21
CA LYS B 381 6.88 -13.86 -12.77
C LYS B 381 7.15 -14.43 -14.15
N PHE B 382 6.62 -15.62 -14.41
CA PHE B 382 6.89 -16.34 -15.64
C PHE B 382 5.70 -16.41 -16.58
N HIS B 383 4.57 -16.97 -16.13
CA HIS B 383 3.39 -17.08 -16.97
C HIS B 383 2.24 -16.35 -16.30
N GLN B 384 1.72 -15.33 -16.97
CA GLN B 384 0.64 -14.50 -16.46
C GLN B 384 -0.45 -14.42 -17.51
N ILE B 385 -1.51 -13.67 -17.20
CA ILE B 385 -2.63 -13.56 -18.12
C ILE B 385 -2.25 -12.67 -19.29
N GLU B 386 -3.07 -12.74 -20.35
CA GLU B 386 -2.85 -11.91 -21.52
C GLU B 386 -3.40 -10.51 -21.27
N LYS B 387 -2.60 -9.50 -21.62
CA LYS B 387 -2.93 -8.12 -21.31
C LYS B 387 -3.30 -7.28 -22.52
N GLU B 388 -2.94 -7.72 -23.72
CA GLU B 388 -3.36 -7.06 -24.95
C GLU B 388 -4.28 -7.99 -25.73
N PHE B 389 -5.31 -7.41 -26.32
CA PHE B 389 -6.34 -8.18 -27.02
C PHE B 389 -6.54 -7.62 -28.42
N SER B 390 -6.70 -8.52 -29.38
CA SER B 390 -6.94 -8.15 -30.77
C SER B 390 -8.43 -8.11 -31.10
N GLU B 391 -9.15 -9.17 -30.77
CA GLU B 391 -10.59 -9.21 -30.99
C GLU B 391 -11.32 -8.51 -29.84
N VAL B 392 -12.64 -8.47 -29.94
CA VAL B 392 -13.49 -7.90 -28.91
C VAL B 392 -14.35 -9.01 -28.33
N GLU B 393 -14.17 -9.29 -27.04
CA GLU B 393 -14.93 -10.29 -26.31
C GLU B 393 -15.73 -9.61 -25.21
N GLY B 394 -16.35 -10.41 -24.36
CA GLY B 394 -17.24 -9.87 -23.35
C GLY B 394 -16.67 -9.82 -21.95
N ARG B 395 -17.27 -10.59 -21.04
CA ARG B 395 -16.97 -10.46 -19.62
C ARG B 395 -15.53 -10.82 -19.30
N ILE B 396 -15.02 -11.90 -19.91
CA ILE B 396 -13.70 -12.40 -19.54
C ILE B 396 -12.63 -11.39 -19.93
N GLN B 397 -12.75 -10.80 -21.11
CA GLN B 397 -11.77 -9.79 -21.54
C GLN B 397 -11.82 -8.55 -20.66
N ASP B 398 -13.03 -8.10 -20.30
CA ASP B 398 -13.15 -6.92 -19.46
C ASP B 398 -12.60 -7.17 -18.06
N LEU B 399 -12.84 -8.36 -17.51
CA LEU B 399 -12.33 -8.68 -16.19
C LEU B 399 -10.80 -8.69 -16.18
N GLU B 400 -10.19 -9.23 -17.24
CA GLU B 400 -8.73 -9.25 -17.33
C GLU B 400 -8.18 -7.83 -17.38
N LYS B 401 -8.84 -6.94 -18.12
CA LYS B 401 -8.40 -5.56 -18.16
C LYS B 401 -8.59 -4.87 -16.82
N TYR B 402 -9.67 -5.20 -16.11
CA TYR B 402 -9.91 -4.61 -14.80
C TYR B 402 -8.85 -5.03 -13.80
N VAL B 403 -8.44 -6.30 -13.84
CA VAL B 403 -7.47 -6.80 -12.87
C VAL B 403 -6.12 -6.13 -13.07
N GLU B 404 -5.67 -6.02 -14.31
CA GLU B 404 -4.36 -5.42 -14.57
C GLU B 404 -4.37 -3.93 -14.26
N ASP B 405 -5.47 -3.24 -14.57
CA ASP B 405 -5.56 -1.82 -14.23
C ASP B 405 -5.56 -1.62 -12.72
N THR B 406 -6.25 -2.49 -11.98
CA THR B 406 -6.23 -2.41 -10.53
C THR B 406 -4.84 -2.63 -9.96
N LYS B 407 -4.11 -3.61 -10.53
CA LYS B 407 -2.77 -3.91 -10.05
C LYS B 407 -1.82 -2.76 -10.32
N ILE B 408 -1.96 -2.10 -11.48
CA ILE B 408 -1.05 -1.02 -11.84
C ILE B 408 -1.26 0.20 -10.95
N ASP B 409 -2.52 0.56 -10.70
CA ASP B 409 -2.81 1.72 -9.85
C ASP B 409 -2.30 1.51 -8.44
N LEU B 410 -2.48 0.30 -7.90
CA LEU B 410 -2.02 0.03 -6.54
C LEU B 410 -0.50 0.11 -6.44
N TRP B 411 0.22 -0.43 -7.42
CA TRP B 411 1.67 -0.38 -7.37
C TRP B 411 2.20 1.01 -7.71
N SER B 412 1.47 1.77 -8.53
CA SER B 412 1.87 3.14 -8.79
C SER B 412 1.73 4.01 -7.55
N TYR B 413 0.67 3.80 -6.77
CA TYR B 413 0.51 4.52 -5.51
C TYR B 413 1.59 4.13 -4.52
N ASN B 414 1.94 2.83 -4.47
CA ASN B 414 2.99 2.39 -3.56
C ASN B 414 4.34 2.98 -3.95
N ALA B 415 4.56 3.17 -5.25
CA ALA B 415 5.82 3.75 -5.72
C ALA B 415 5.94 5.21 -5.30
N GLU B 416 4.84 5.96 -5.37
CA GLU B 416 4.87 7.37 -4.98
C GLU B 416 5.09 7.52 -3.48
N LEU B 417 4.34 6.77 -2.67
CA LEU B 417 4.45 6.92 -1.23
C LEU B 417 5.82 6.47 -0.73
N LEU B 418 6.37 5.41 -1.31
CA LEU B 418 7.69 4.93 -0.89
C LEU B 418 8.75 5.98 -1.16
N VAL B 419 8.71 6.59 -2.35
CA VAL B 419 9.69 7.62 -2.69
C VAL B 419 9.50 8.84 -1.80
N ALA B 420 8.26 9.24 -1.57
CA ALA B 420 7.99 10.40 -0.74
C ALA B 420 8.43 10.17 0.69
N LEU B 421 8.19 8.97 1.21
CA LEU B 421 8.56 8.67 2.60
C LEU B 421 10.08 8.61 2.76
N GLU B 422 10.77 7.92 1.85
CA GLU B 422 12.21 7.75 2.01
C GLU B 422 12.96 9.05 1.76
N ASN B 423 12.39 9.96 0.97
CA ASN B 423 13.03 11.25 0.75
C ASN B 423 12.95 12.13 2.00
N GLN B 424 11.77 12.18 2.62
CA GLN B 424 11.60 12.99 3.81
C GLN B 424 12.46 12.47 4.95
N HIS B 425 12.68 11.15 5.00
CA HIS B 425 13.60 10.61 5.99
C HIS B 425 15.04 10.96 5.68
N THR B 426 15.40 11.07 4.40
CA THR B 426 16.76 11.43 4.04
C THR B 426 17.07 12.86 4.41
N ILE B 427 16.13 13.78 4.17
CA ILE B 427 16.32 15.17 4.56
C ILE B 427 16.46 15.29 6.08
N ASP B 428 15.57 14.62 6.81
CA ASP B 428 15.61 14.69 8.27
C ASP B 428 16.86 14.02 8.82
N LEU B 429 17.29 12.94 8.16
CA LEU B 429 18.51 12.21 8.58
C LEU B 429 19.74 13.12 8.43
N THR B 430 19.77 13.92 7.37
CA THR B 430 20.94 14.73 7.08
C THR B 430 20.97 16.00 7.92
N ASP B 431 19.83 16.59 8.18
CA ASP B 431 19.74 17.76 9.07
C ASP B 431 20.03 17.37 10.52
N SER B 432 19.67 16.16 10.92
CA SER B 432 19.96 15.70 12.27
C SER B 432 21.45 15.49 12.47
N GLU B 433 22.14 14.96 11.46
CA GLU B 433 23.57 14.68 11.61
C GLU B 433 24.37 15.96 11.76
N MET B 434 23.87 17.07 11.22
CA MET B 434 24.55 18.35 11.41
C MET B 434 24.35 18.87 12.81
N ASN B 435 23.13 18.76 13.34
CA ASN B 435 22.87 19.18 14.72
C ASN B 435 23.62 18.31 15.71
N LYS B 436 23.72 17.01 15.41
CA LYS B 436 24.48 16.11 16.29
C LYS B 436 25.94 16.52 16.36
N LEU B 437 26.53 16.91 15.23
CA LEU B 437 27.90 17.40 15.24
C LEU B 437 28.00 18.72 15.98
N PHE B 438 27.02 19.60 15.80
CA PHE B 438 27.01 20.88 16.51
C PHE B 438 26.85 20.67 18.00
N GLU B 439 25.99 19.74 18.40
CA GLU B 439 25.75 19.51 19.82
C GLU B 439 26.99 18.98 20.52
N LYS B 440 27.74 18.10 19.86
CA LYS B 440 28.91 17.51 20.51
C LYS B 440 30.07 18.49 20.56
N THR B 441 30.16 19.40 19.57
CA THR B 441 31.18 20.44 19.64
C THR B 441 30.85 21.46 20.72
N ARG B 442 29.56 21.71 20.96
CA ARG B 442 29.17 22.62 22.03
C ARG B 442 29.55 22.06 23.39
N ARG B 443 29.31 20.76 23.61
CA ARG B 443 29.62 20.15 24.89
C ARG B 443 31.12 20.08 25.12
N GLN B 444 31.90 20.04 24.05
CA GLN B 444 33.35 19.96 24.17
C GLN B 444 33.92 21.24 24.76
N LEU B 445 33.44 22.39 24.30
CA LEU B 445 33.90 23.69 24.81
C LEU B 445 32.98 24.09 25.97
N ARG B 446 33.10 23.36 27.05
CA ARG B 446 32.22 23.60 28.20
C ARG B 446 32.57 24.94 28.84
N GLU B 447 31.76 25.95 28.65
CA GLU B 447 31.87 27.30 29.19
C GLU B 447 33.11 28.03 28.73
N ASN B 448 33.67 27.66 27.58
CA ASN B 448 34.78 28.37 26.97
C ASN B 448 34.40 29.01 25.64
N ALA B 449 33.15 28.88 25.22
CA ALA B 449 32.71 29.43 23.95
C ALA B 449 31.24 29.80 24.05
N GLU B 450 30.82 30.69 23.16
CA GLU B 450 29.45 31.19 23.12
C GLU B 450 28.89 30.96 21.73
N ASP B 451 27.67 30.42 21.67
CA ASP B 451 26.96 30.32 20.40
C ASP B 451 26.69 31.70 19.85
N MET B 452 26.85 31.84 18.52
CA MET B 452 26.76 33.16 17.92
C MET B 452 25.60 33.19 16.92
N GLY B 453 24.51 32.49 17.23
CA GLY B 453 23.34 32.48 16.37
C GLY B 453 23.48 31.51 15.23
N ASN B 454 24.32 31.85 14.24
CA ASN B 454 24.63 30.92 13.18
C ASN B 454 25.48 29.77 13.72
N GLY B 455 25.79 28.82 12.86
CA GLY B 455 26.52 27.64 13.29
C GLY B 455 27.99 27.86 13.53
N CYS B 456 28.33 28.86 14.34
CA CYS B 456 29.72 29.14 14.67
C CYS B 456 29.84 29.53 16.13
N PHE B 457 30.95 29.12 16.74
CA PHE B 457 31.26 29.44 18.12
C PHE B 457 32.30 30.55 18.18
N LYS B 458 32.27 31.30 19.28
CA LYS B 458 33.30 32.27 19.59
C LYS B 458 34.10 31.78 20.79
N ILE B 459 35.31 31.29 20.53
CA ILE B 459 36.20 30.82 21.58
C ILE B 459 36.86 32.02 22.22
N TYR B 460 36.77 32.11 23.54
CA TYR B 460 37.24 33.27 24.28
C TYR B 460 38.66 33.11 24.81
N HIS B 461 39.49 32.33 24.10
CA HIS B 461 40.90 32.20 24.45
C HIS B 461 41.69 31.99 23.18
N LYS B 462 42.99 32.22 23.27
CA LYS B 462 43.86 32.10 22.10
C LYS B 462 43.93 30.66 21.65
N CYS B 463 43.38 30.39 20.48
CA CYS B 463 43.43 29.07 19.85
C CYS B 463 44.46 29.10 18.73
N ASP B 464 45.40 28.16 18.78
CA ASP B 464 46.32 27.95 17.68
C ASP B 464 45.75 26.86 16.77
N ASN B 465 46.54 26.43 15.79
CA ASN B 465 46.08 25.37 14.89
C ASN B 465 45.91 24.05 15.64
N ALA B 466 46.81 23.77 16.60
CA ALA B 466 46.72 22.53 17.33
C ALA B 466 45.45 22.47 18.18
N CYS B 467 45.08 23.59 18.80
CA CYS B 467 43.87 23.61 19.62
C CYS B 467 42.63 23.34 18.79
N ILE B 468 42.56 23.92 17.59
CA ILE B 468 41.42 23.67 16.71
C ILE B 468 41.40 22.21 16.26
N GLU B 469 42.58 21.63 16.02
CA GLU B 469 42.64 20.22 15.65
C GLU B 469 42.13 19.33 16.76
N SER B 470 42.46 19.64 18.01
CA SER B 470 41.97 18.85 19.13
C SER B 470 40.45 18.92 19.25
N ILE B 471 39.85 20.02 18.80
CA ILE B 471 38.40 20.12 18.77
C ILE B 471 37.81 19.09 17.80
N ARG B 472 38.43 18.95 16.64
CA ARG B 472 37.95 17.99 15.65
C ARG B 472 38.28 16.56 16.06
N ASN B 473 39.46 16.33 16.64
CA ASN B 473 39.83 14.99 17.05
C ASN B 473 38.90 14.46 18.13
N GLY B 474 38.56 15.30 19.10
CA GLY B 474 37.82 14.87 20.26
C GLY B 474 38.59 14.89 21.55
N THR B 475 39.80 15.45 21.57
CA THR B 475 40.68 15.44 22.73
C THR B 475 40.96 16.85 23.23
N TYR B 476 39.91 17.68 23.32
CA TYR B 476 40.04 19.06 23.76
C TYR B 476 39.87 19.12 25.28
N ASP B 477 40.92 19.56 25.97
CA ASP B 477 40.88 19.69 27.43
C ASP B 477 40.36 21.08 27.75
N HIS B 478 39.18 21.15 28.35
CA HIS B 478 38.52 22.43 28.60
C HIS B 478 39.01 23.10 29.88
N ASP B 479 39.90 22.46 30.63
CA ASP B 479 40.33 23.01 31.91
C ASP B 479 41.58 23.86 31.80
N ILE B 480 42.47 23.56 30.85
CA ILE B 480 43.69 24.36 30.72
C ILE B 480 43.38 25.76 30.25
N TYR B 481 42.40 25.90 29.35
CA TYR B 481 42.00 27.20 28.82
C TYR B 481 40.85 27.83 29.61
N ARG B 482 40.41 27.19 30.70
CA ARG B 482 39.18 27.63 31.35
C ARG B 482 39.35 28.97 32.05
N ASP B 483 40.44 29.15 32.80
CA ASP B 483 40.61 30.36 33.60
C ASP B 483 40.70 31.59 32.71
N GLU B 484 41.46 31.51 31.61
CA GLU B 484 41.61 32.66 30.74
C GLU B 484 40.38 32.88 29.87
N ALA B 485 39.60 31.83 29.65
CA ALA B 485 38.35 32.00 28.90
C ALA B 485 37.29 32.69 29.74
N LEU B 486 37.17 32.30 31.01
CA LEU B 486 36.15 32.87 31.88
C LEU B 486 36.42 34.34 32.15
N ASN B 487 37.69 34.74 32.19
CA ASN B 487 38.03 36.14 32.38
C ASN B 487 37.60 36.96 31.17
N ASN B 488 37.89 36.46 29.96
CA ASN B 488 37.51 37.17 28.75
C ASN B 488 36.00 37.25 28.60
N ARG B 489 35.30 36.17 28.96
CA ARG B 489 33.84 36.17 28.85
C ARG B 489 33.22 37.20 29.77
N PHE B 490 33.73 37.32 30.99
CA PHE B 490 33.20 38.25 31.97
C PHE B 490 34.26 39.22 32.46
N VAL C 2 42.03 -0.42 -15.39
CA VAL C 2 42.65 0.09 -14.18
C VAL C 2 43.96 -0.63 -13.92
N GLN C 3 45.00 0.13 -13.60
CA GLN C 3 46.30 -0.46 -13.32
C GLN C 3 47.09 0.47 -12.40
N LEU C 4 47.57 -0.08 -11.29
CA LEU C 4 48.38 0.66 -10.33
C LEU C 4 49.78 0.05 -10.31
N LEU C 5 50.79 0.88 -10.53
CA LEU C 5 52.17 0.44 -10.55
C LEU C 5 52.93 1.18 -9.46
N GLU C 6 53.59 0.42 -8.58
CA GLU C 6 54.35 0.97 -7.49
C GLU C 6 55.83 1.04 -7.83
N SER C 7 56.54 1.94 -7.15
CA SER C 7 57.97 2.11 -7.36
C SER C 7 58.58 2.76 -6.13
N GLY C 8 59.90 2.70 -6.05
CA GLY C 8 60.64 3.33 -4.98
C GLY C 8 61.13 2.38 -3.90
N GLY C 9 60.68 1.13 -3.90
CA GLY C 9 61.10 0.19 -2.87
C GLY C 9 62.60 -0.08 -2.95
N GLY C 10 63.20 -0.26 -1.78
CA GLY C 10 64.63 -0.51 -1.73
C GLY C 10 65.10 -0.58 -0.29
N LEU C 11 66.40 -0.75 -0.15
CA LEU C 11 67.02 -0.87 1.17
C LEU C 11 67.36 0.52 1.71
N VAL C 12 66.97 0.78 2.95
CA VAL C 12 67.23 2.06 3.60
C VAL C 12 67.71 1.78 5.02
N GLN C 13 68.73 2.53 5.45
CA GLN C 13 69.23 2.39 6.80
C GLN C 13 68.18 2.91 7.79
N PRO C 14 68.17 2.38 9.01
CA PRO C 14 67.23 2.88 10.02
C PRO C 14 67.42 4.36 10.26
N GLY C 15 66.30 5.07 10.43
CA GLY C 15 66.32 6.51 10.53
C GLY C 15 66.41 7.24 9.21
N GLY C 16 66.41 6.51 8.09
CA GLY C 16 66.53 7.12 6.78
C GLY C 16 65.19 7.55 6.23
N SER C 17 65.19 7.88 4.95
CA SER C 17 64.01 8.37 4.25
C SER C 17 63.86 7.64 2.92
N LEU C 18 62.61 7.58 2.45
CA LEU C 18 62.32 6.93 1.18
C LEU C 18 61.01 7.50 0.65
N ARG C 19 60.89 7.51 -0.68
CA ARG C 19 59.71 8.06 -1.34
C ARG C 19 59.18 7.03 -2.32
N LEU C 20 57.91 6.67 -2.17
CA LEU C 20 57.26 5.68 -3.00
C LEU C 20 56.25 6.37 -3.91
N SER C 21 56.24 5.99 -5.18
CA SER C 21 55.33 6.55 -6.17
C SER C 21 54.47 5.43 -6.74
N CYS C 22 53.18 5.68 -6.86
CA CYS C 22 52.24 4.74 -7.45
C CYS C 22 51.58 5.42 -8.64
N ALA C 23 51.94 5.00 -9.84
CA ALA C 23 51.37 5.54 -11.07
C ALA C 23 50.09 4.80 -11.39
N ALA C 24 49.00 5.54 -11.56
CA ALA C 24 47.67 4.98 -11.78
C ALA C 24 47.15 5.45 -13.12
N SER C 25 46.69 4.51 -13.94
CA SER C 25 46.10 4.80 -15.23
C SER C 25 44.85 3.94 -15.42
N GLY C 26 43.93 4.45 -16.23
CA GLY C 26 42.70 3.74 -16.53
C GLY C 26 41.47 4.24 -15.82
N PHE C 27 41.57 5.30 -15.04
CA PHE C 27 40.42 5.86 -14.35
C PHE C 27 40.70 7.32 -14.01
N THR C 28 39.63 8.06 -13.74
CA THR C 28 39.75 9.45 -13.33
C THR C 28 40.37 9.50 -11.94
N PHE C 29 41.64 9.90 -11.87
CA PHE C 29 42.38 9.85 -10.62
C PHE C 29 41.87 10.86 -9.59
N SER C 30 41.24 11.95 -10.03
CA SER C 30 40.83 13.00 -9.13
C SER C 30 39.46 12.75 -8.50
N THR C 31 38.83 11.62 -8.82
CA THR C 31 37.51 11.30 -8.29
C THR C 31 37.57 10.32 -7.12
N TYR C 32 38.54 9.42 -7.11
CA TYR C 32 38.56 8.31 -6.17
C TYR C 32 39.66 8.50 -5.13
N ALA C 33 39.35 8.13 -3.89
CA ALA C 33 40.33 8.15 -2.81
C ALA C 33 41.33 7.01 -3.00
N MET C 34 42.51 7.18 -2.41
CA MET C 34 43.60 6.23 -2.53
C MET C 34 44.20 5.96 -1.16
N SER C 35 44.82 4.80 -1.02
CA SER C 35 45.34 4.36 0.27
C SER C 35 46.63 3.59 0.07
N TRP C 36 47.42 3.53 1.14
CA TRP C 36 48.61 2.69 1.23
C TRP C 36 48.39 1.64 2.29
N VAL C 37 48.62 0.38 1.96
CA VAL C 37 48.44 -0.75 2.87
C VAL C 37 49.70 -1.59 2.81
N ARG C 38 50.24 -1.93 3.99
CA ARG C 38 51.47 -2.69 4.07
C ARG C 38 51.23 -4.05 4.71
N GLN C 39 52.03 -5.02 4.29
CA GLN C 39 51.98 -6.38 4.82
C GLN C 39 53.39 -6.84 5.14
N ALA C 40 53.67 -7.03 6.42
CA ALA C 40 54.99 -7.49 6.82
C ALA C 40 55.20 -8.91 6.31
N PRO C 41 56.46 -9.30 6.04
CA PRO C 41 56.71 -10.63 5.49
C PRO C 41 56.22 -11.74 6.41
N GLY C 42 55.22 -12.48 5.96
CA GLY C 42 54.65 -13.57 6.72
C GLY C 42 53.53 -13.19 7.67
N LYS C 43 53.34 -11.91 7.94
CA LYS C 43 52.29 -11.47 8.85
C LYS C 43 51.11 -10.91 8.06
N GLY C 44 50.14 -10.34 8.77
CA GLY C 44 48.92 -9.89 8.17
C GLY C 44 49.01 -8.49 7.58
N LEU C 45 47.85 -7.98 7.17
CA LEU C 45 47.76 -6.70 6.50
C LEU C 45 47.54 -5.59 7.51
N GLU C 46 48.19 -4.45 7.29
CA GLU C 46 48.08 -3.29 8.16
C GLU C 46 47.85 -2.05 7.33
N TRP C 47 46.83 -1.29 7.68
CA TRP C 47 46.54 -0.03 6.99
C TRP C 47 47.57 1.02 7.37
N VAL C 48 47.95 1.85 6.40
CA VAL C 48 48.96 2.89 6.60
C VAL C 48 48.37 4.28 6.50
N SER C 49 47.83 4.64 5.34
CA SER C 49 47.33 5.99 5.11
C SER C 49 46.27 5.97 4.03
N THR C 50 45.55 7.09 3.93
CA THR C 50 44.58 7.30 2.87
C THR C 50 44.50 8.79 2.59
N ILE C 51 44.01 9.13 1.39
CA ILE C 51 43.92 10.51 0.96
C ILE C 51 42.64 10.70 0.15
N SER C 52 42.08 11.90 0.23
CA SER C 52 40.83 12.21 -0.44
C SER C 52 41.06 12.51 -1.92
N GLY C 53 39.97 12.76 -2.64
CA GLY C 53 40.08 12.98 -4.07
C GLY C 53 40.82 14.26 -4.41
N SER C 54 40.57 15.34 -3.68
CA SER C 54 41.26 16.59 -3.91
C SER C 54 42.62 16.66 -3.23
N GLY C 55 42.91 15.75 -2.32
CA GLY C 55 44.16 15.76 -1.60
C GLY C 55 44.17 16.60 -0.35
N GLY C 56 43.08 17.31 -0.05
CA GLY C 56 43.05 18.16 1.12
C GLY C 56 42.91 17.42 2.44
N SER C 57 42.38 16.21 2.42
CA SER C 57 42.17 15.42 3.64
C SER C 57 43.10 14.22 3.60
N THR C 58 43.90 14.07 4.65
CA THR C 58 44.84 12.96 4.78
C THR C 58 44.60 12.28 6.12
N TYR C 59 44.59 10.95 6.11
CA TYR C 59 44.38 10.16 7.31
C TYR C 59 45.51 9.16 7.46
N ASP C 60 46.06 9.06 8.66
CA ASP C 60 47.23 8.23 8.93
C ASP C 60 46.96 7.33 10.12
N ALA C 61 47.66 6.20 10.16
CA ALA C 61 47.58 5.28 11.28
C ALA C 61 48.46 5.78 12.43
N GLU C 62 48.16 5.30 13.63
CA GLU C 62 48.86 5.79 14.82
C GLU C 62 50.33 5.38 14.80
N SER C 63 50.63 4.18 14.34
CA SER C 63 52.02 3.74 14.28
C SER C 63 52.79 4.37 13.14
N VAL C 64 52.17 5.30 12.42
CA VAL C 64 52.75 5.90 11.23
C VAL C 64 52.58 7.40 11.30
N LYS C 65 51.70 7.86 12.19
CA LYS C 65 51.15 9.21 12.16
C LYS C 65 52.20 10.30 11.97
N GLY C 66 53.14 10.40 12.89
CA GLY C 66 54.11 11.47 12.80
C GLY C 66 55.27 11.25 11.87
N ARG C 67 55.38 10.07 11.28
CA ARG C 67 56.55 9.71 10.48
C ARG C 67 56.29 9.72 8.98
N PHE C 68 55.27 9.03 8.50
CA PHE C 68 55.00 8.93 7.07
C PHE C 68 53.86 9.86 6.68
N THR C 69 54.00 10.48 5.51
CA THR C 69 52.98 11.38 4.98
C THR C 69 52.58 10.91 3.58
N ILE C 70 51.41 11.38 3.15
CA ILE C 70 50.81 10.97 1.88
C ILE C 70 50.52 12.22 1.06
N SER C 71 50.49 12.06 -0.27
CA SER C 71 50.26 13.19 -1.16
C SER C 71 49.81 12.67 -2.51
N ARG C 72 49.25 13.58 -3.31
CA ARG C 72 48.85 13.28 -4.67
C ARG C 72 49.29 14.40 -5.60
N ASP C 73 49.41 14.06 -6.87
CA ASP C 73 49.58 15.05 -7.95
C ASP C 73 48.56 14.67 -9.02
N ASN C 74 47.35 15.22 -8.90
CA ASN C 74 46.25 14.81 -9.77
C ASN C 74 46.54 15.13 -11.24
N SER C 75 47.44 16.08 -11.50
CA SER C 75 47.85 16.35 -12.87
C SER C 75 48.64 15.19 -13.45
N LYS C 76 49.56 14.64 -12.68
CA LYS C 76 50.42 13.55 -13.14
C LYS C 76 49.83 12.17 -12.86
N ASN C 77 48.69 12.08 -12.19
CA ASN C 77 48.03 10.82 -11.89
C ASN C 77 48.94 9.88 -11.12
N THR C 78 49.67 10.42 -10.14
CA THR C 78 50.60 9.64 -9.34
C THR C 78 50.34 9.88 -7.87
N LEU C 79 50.42 8.81 -7.07
CA LEU C 79 50.22 8.87 -5.63
C LEU C 79 51.57 8.67 -4.95
N TYR C 80 51.90 9.55 -4.01
CA TYR C 80 53.20 9.57 -3.36
C TYR C 80 53.05 9.33 -1.86
N LEU C 81 53.92 8.48 -1.32
CA LEU C 81 54.06 8.28 0.12
C LEU C 81 55.50 8.57 0.51
N GLN C 82 55.68 9.42 1.51
CA GLN C 82 57.01 9.86 1.95
C GLN C 82 57.30 9.24 3.31
N MET C 83 58.45 8.60 3.40
CA MET C 83 58.94 8.02 4.65
C MET C 83 60.01 8.95 5.21
N ASN C 84 59.85 9.36 6.46
CA ASN C 84 60.78 10.30 7.08
C ASN C 84 61.68 9.65 8.12
N SER C 85 61.09 8.95 9.10
CA SER C 85 61.85 8.24 10.12
C SER C 85 61.46 6.77 10.05
N LEU C 86 62.40 5.92 9.67
CA LEU C 86 62.13 4.51 9.42
C LEU C 86 62.70 3.66 10.55
N ARG C 87 61.89 2.75 11.07
CA ARG C 87 62.25 1.87 12.16
C ARG C 87 62.40 0.44 11.64
N ALA C 88 62.76 -0.47 12.55
CA ALA C 88 62.95 -1.87 12.18
C ALA C 88 61.63 -2.57 11.91
N GLU C 89 60.51 -2.02 12.36
CA GLU C 89 59.21 -2.63 12.16
C GLU C 89 58.52 -2.17 10.88
N ASP C 90 59.16 -1.30 10.11
CA ASP C 90 58.58 -0.78 8.87
C ASP C 90 58.91 -1.64 7.65
N THR C 91 59.66 -2.72 7.83
CA THR C 91 59.96 -3.62 6.71
C THR C 91 58.71 -4.39 6.34
N ALA C 92 58.16 -4.09 5.17
CA ALA C 92 56.94 -4.72 4.69
C ALA C 92 56.83 -4.48 3.20
N VAL C 93 55.83 -5.09 2.59
CA VAL C 93 55.50 -4.87 1.18
C VAL C 93 54.36 -3.86 1.13
N TYR C 94 54.57 -2.75 0.44
CA TYR C 94 53.62 -1.65 0.43
C TYR C 94 52.81 -1.68 -0.85
N TYR C 95 51.49 -1.69 -0.70
CA TYR C 95 50.56 -1.69 -1.82
C TYR C 95 49.86 -0.34 -1.91
N CYS C 96 49.59 0.10 -3.14
CA CYS C 96 48.75 1.26 -3.38
C CYS C 96 47.40 0.77 -3.88
N ALA C 97 46.33 1.22 -3.23
CA ALA C 97 44.99 0.73 -3.50
C ALA C 97 44.09 1.89 -3.87
N LYS C 98 43.00 1.57 -4.57
CA LYS C 98 42.02 2.55 -5.01
C LYS C 98 40.67 2.27 -4.38
N GLU C 99 39.98 3.34 -3.98
CA GLU C 99 38.60 3.22 -3.51
C GLU C 99 37.73 2.61 -4.59
N GLY C 100 37.24 1.40 -4.36
CA GLY C 100 36.46 0.71 -5.37
C GLY C 100 35.03 1.13 -5.48
N GLY C 101 34.54 1.95 -4.57
CA GLY C 101 33.15 2.34 -4.60
C GLY C 101 32.88 3.47 -5.57
N ASP C 102 31.64 3.51 -6.06
CA ASP C 102 31.17 4.58 -6.92
C ASP C 102 30.00 5.34 -6.30
N PHE C 103 29.95 5.40 -4.98
CA PHE C 103 28.90 6.10 -4.24
C PHE C 103 29.55 7.19 -3.41
N TRP C 104 29.46 8.42 -3.89
CA TRP C 104 30.10 9.58 -3.23
C TRP C 104 31.57 9.25 -3.03
N SER C 105 32.25 8.84 -4.12
CA SER C 105 33.67 8.53 -4.06
C SER C 105 34.49 9.82 -4.00
N GLY C 106 35.55 9.79 -3.19
CA GLY C 106 36.44 10.92 -3.08
C GLY C 106 36.66 11.38 -1.66
N TYR C 107 36.01 10.72 -0.70
CA TYR C 107 36.12 11.07 0.70
C TYR C 107 37.00 10.09 1.47
N TYR C 108 36.69 8.80 1.40
CA TYR C 108 37.42 7.79 2.14
C TYR C 108 37.32 6.48 1.37
N ALA C 109 38.26 5.58 1.65
CA ALA C 109 38.33 4.28 0.98
C ALA C 109 37.70 3.24 1.90
N ASN C 110 36.44 2.90 1.65
CA ASN C 110 35.77 1.88 2.43
C ASN C 110 36.21 0.48 2.02
N TRP C 111 36.49 0.28 0.73
CA TRP C 111 37.08 -0.97 0.27
C TRP C 111 38.00 -0.67 -0.91
N PHE C 112 38.92 -1.59 -1.17
CA PHE C 112 40.00 -1.40 -2.13
C PHE C 112 39.84 -2.42 -3.24
N ASP C 113 39.28 -2.00 -4.39
CA ASP C 113 39.02 -2.96 -5.46
C ASP C 113 40.29 -3.34 -6.21
N PRO C 114 41.03 -2.41 -6.82
CA PRO C 114 42.31 -2.82 -7.42
C PRO C 114 43.48 -2.60 -6.48
N TRP C 115 44.45 -3.49 -6.54
CA TRP C 115 45.66 -3.40 -5.76
C TRP C 115 46.87 -3.50 -6.68
N GLY C 116 47.94 -2.86 -6.27
CA GLY C 116 49.19 -2.98 -7.01
C GLY C 116 49.93 -4.25 -6.66
N GLN C 117 50.96 -4.55 -7.45
CA GLN C 117 51.78 -5.71 -7.17
C GLN C 117 52.64 -5.51 -5.93
N GLY C 118 52.89 -4.28 -5.53
CA GLY C 118 53.58 -4.02 -4.28
C GLY C 118 55.07 -3.79 -4.46
N THR C 119 55.62 -2.92 -3.61
CA THR C 119 57.04 -2.65 -3.55
C THR C 119 57.54 -2.93 -2.15
N LEU C 120 58.64 -3.66 -2.05
CA LEU C 120 59.17 -4.10 -0.77
C LEU C 120 60.27 -3.15 -0.31
N VAL C 121 60.11 -2.60 0.89
CA VAL C 121 61.12 -1.78 1.52
C VAL C 121 61.70 -2.56 2.69
N THR C 122 63.00 -2.44 2.89
CA THR C 122 63.69 -3.16 3.95
C THR C 122 64.65 -2.22 4.66
N VAL C 123 64.70 -2.34 5.98
CA VAL C 123 65.66 -1.59 6.80
C VAL C 123 66.54 -2.60 7.52
N SER C 124 67.83 -2.27 7.61
CA SER C 124 68.82 -3.14 8.24
C SER C 124 70.12 -2.35 8.36
N SER C 125 71.09 -2.97 9.01
CA SER C 125 72.41 -2.35 9.18
C SER C 125 73.17 -2.33 7.86
N SER D 2 44.13 -1.05 18.59
CA SER D 2 43.93 -2.52 18.66
C SER D 2 43.60 -3.06 17.26
N ALA D 3 43.25 -4.34 17.18
CA ALA D 3 42.89 -4.94 15.87
C ALA D 3 41.77 -5.97 15.98
N LEU D 4 41.08 -6.25 14.87
CA LEU D 4 40.02 -7.24 14.74
C LEU D 4 40.56 -8.64 15.02
N THR D 5 39.70 -9.51 15.50
CA THR D 5 40.07 -10.86 15.90
C THR D 5 39.56 -11.86 14.87
N GLN D 6 40.45 -12.72 14.40
CA GLN D 6 40.14 -13.73 13.41
C GLN D 6 40.80 -15.04 13.81
N PRO D 7 40.19 -16.16 13.48
CA PRO D 7 40.82 -17.45 13.78
C PRO D 7 42.09 -17.66 12.97
N ARG D 8 43.02 -18.42 13.53
CA ARG D 8 44.29 -18.69 12.85
C ARG D 8 44.06 -19.49 11.57
N SER D 9 43.22 -20.52 11.65
CA SER D 9 43.01 -21.37 10.48
C SER D 9 41.65 -22.04 10.57
N VAL D 10 41.08 -22.32 9.41
CA VAL D 10 39.84 -23.08 9.28
C VAL D 10 40.02 -24.09 8.15
N SER D 11 39.64 -25.33 8.39
CA SER D 11 39.78 -26.39 7.41
C SER D 11 38.43 -27.07 7.16
N GLY D 12 38.22 -27.50 5.92
CA GLY D 12 37.00 -28.19 5.57
C GLY D 12 37.21 -29.06 4.34
N SER D 13 36.46 -30.15 4.29
CA SER D 13 36.55 -31.05 3.14
C SER D 13 35.87 -30.42 1.94
N PRO D 14 36.29 -30.78 0.72
CA PRO D 14 35.67 -30.21 -0.47
C PRO D 14 34.18 -30.47 -0.52
N GLY D 15 33.43 -29.47 -0.98
CA GLY D 15 31.99 -29.53 -1.04
C GLY D 15 31.28 -29.06 0.21
N GLN D 16 32.01 -28.77 1.29
CA GLN D 16 31.42 -28.35 2.54
C GLN D 16 31.27 -26.83 2.58
N SER D 17 30.93 -26.32 3.77
CA SER D 17 30.77 -24.89 4.01
C SER D 17 31.71 -24.47 5.11
N VAL D 18 32.36 -23.32 4.93
CA VAL D 18 33.34 -22.79 5.88
C VAL D 18 32.93 -21.37 6.24
N THR D 19 32.90 -21.08 7.54
CA THR D 19 32.53 -19.75 8.03
C THR D 19 33.71 -19.15 8.78
N ILE D 20 34.08 -17.93 8.41
CA ILE D 20 35.15 -17.18 9.07
C ILE D 20 34.52 -16.04 9.85
N SER D 21 34.91 -15.91 11.11
CA SER D 21 34.35 -14.91 12.01
C SER D 21 35.35 -13.79 12.23
N CYS D 22 34.88 -12.55 12.08
CA CYS D 22 35.68 -11.36 12.28
C CYS D 22 35.02 -10.51 13.36
N THR D 23 35.40 -10.73 14.61
CA THR D 23 34.75 -10.10 15.76
C THR D 23 35.39 -8.75 16.02
N GLY D 24 34.55 -7.70 16.08
CA GLY D 24 35.02 -6.36 16.32
C GLY D 24 34.25 -5.69 17.44
N THR D 25 34.56 -4.42 17.65
CA THR D 25 33.96 -3.64 18.73
C THR D 25 32.72 -2.91 18.20
N ARG D 26 32.22 -1.94 18.95
CA ARG D 26 30.95 -1.29 18.57
C ARG D 26 31.20 -0.11 17.65
N SER D 27 32.45 0.37 17.58
CA SER D 27 32.77 1.41 16.61
C SER D 27 33.30 0.86 15.29
N ASP D 28 33.69 -0.41 15.24
CA ASP D 28 34.30 -0.96 14.04
C ASP D 28 33.28 -1.67 13.14
N VAL D 29 32.63 -2.70 13.65
CA VAL D 29 31.73 -3.52 12.85
C VAL D 29 30.27 -3.20 13.16
N GLY D 30 29.94 -2.97 14.43
CA GLY D 30 28.58 -2.67 14.78
C GLY D 30 28.16 -1.23 14.56
N GLY D 31 29.10 -0.34 14.30
CA GLY D 31 28.77 1.05 14.07
C GLY D 31 28.52 1.39 12.63
N TYR D 32 28.99 0.55 11.70
CA TYR D 32 28.88 0.82 10.28
C TYR D 32 28.63 -0.49 9.55
N ASN D 33 28.44 -0.38 8.24
CA ASN D 33 28.26 -1.53 7.35
C ASN D 33 29.33 -1.56 6.28
N TYR D 34 30.54 -1.13 6.62
CA TYR D 34 31.65 -1.06 5.68
C TYR D 34 32.64 -2.20 5.87
N VAL D 35 32.14 -3.38 6.18
CA VAL D 35 33.00 -4.55 6.35
C VAL D 35 33.33 -5.14 4.99
N SER D 36 34.60 -5.49 4.78
CA SER D 36 35.04 -6.02 3.50
C SER D 36 35.93 -7.24 3.75
N TRP D 37 35.98 -8.11 2.75
CA TRP D 37 36.73 -9.36 2.83
C TRP D 37 37.66 -9.45 1.64
N TYR D 38 38.92 -9.77 1.90
CA TYR D 38 39.94 -9.86 0.87
C TYR D 38 40.60 -11.23 0.89
N GLN D 39 40.84 -11.78 -0.29
CA GLN D 39 41.48 -13.08 -0.46
C GLN D 39 42.87 -12.88 -1.03
N GLN D 40 43.88 -13.39 -0.35
CA GLN D 40 45.28 -13.23 -0.76
C GLN D 40 45.89 -14.59 -1.02
N HIS D 41 46.13 -14.89 -2.29
CA HIS D 41 46.89 -16.08 -2.66
C HIS D 41 48.37 -15.86 -2.35
N PRO D 42 49.13 -16.94 -2.17
CA PRO D 42 50.55 -16.80 -1.79
C PRO D 42 51.33 -16.01 -2.83
N GLY D 43 51.98 -14.95 -2.37
CA GLY D 43 52.82 -14.14 -3.25
C GLY D 43 52.07 -13.27 -4.23
N LYS D 44 50.81 -12.95 -3.94
CA LYS D 44 50.00 -12.15 -4.85
C LYS D 44 49.25 -11.07 -4.07
N ALA D 45 48.90 -10.01 -4.77
CA ALA D 45 48.14 -8.93 -4.16
C ALA D 45 46.72 -9.38 -3.83
N PRO D 46 46.15 -8.87 -2.74
CA PRO D 46 44.80 -9.29 -2.35
C PRO D 46 43.75 -8.86 -3.36
N LYS D 47 42.66 -9.63 -3.39
CA LYS D 47 41.52 -9.34 -4.23
C LYS D 47 40.25 -9.36 -3.39
N VAL D 48 39.29 -8.53 -3.77
CA VAL D 48 38.05 -8.40 -3.02
C VAL D 48 37.13 -9.57 -3.36
N ILE D 49 36.45 -10.09 -2.34
CA ILE D 49 35.42 -11.09 -2.52
C ILE D 49 34.05 -10.59 -2.07
N ILE D 50 34.00 -9.84 -0.97
CA ILE D 50 32.76 -9.28 -0.45
C ILE D 50 33.02 -7.85 0.01
N TYR D 51 32.42 -6.87 -0.67
CA TYR D 51 32.51 -5.48 -0.15
C TYR D 51 31.17 -5.23 0.53
N ASP D 52 31.03 -4.30 1.46
CA ASP D 52 29.76 -3.99 2.19
C ASP D 52 28.97 -5.19 2.69
N VAL D 53 29.33 -5.81 3.80
CA VAL D 53 28.59 -6.87 4.52
C VAL D 53 28.09 -7.98 3.58
N LYS D 54 27.22 -7.73 2.58
CA LYS D 54 26.68 -8.84 1.80
C LYS D 54 26.61 -8.50 0.31
N LYS D 55 27.66 -7.87 -0.22
CA LYS D 55 27.70 -7.56 -1.63
C LYS D 55 28.96 -8.14 -2.27
N ARG D 56 28.84 -8.48 -3.55
CA ARG D 56 29.88 -9.09 -4.34
C ARG D 56 30.27 -8.22 -5.52
N PRO D 57 31.54 -8.17 -5.89
CA PRO D 57 31.93 -7.48 -7.13
C PRO D 57 31.45 -8.21 -8.36
N SER D 58 31.80 -7.72 -9.53
CA SER D 58 31.47 -8.39 -10.79
C SER D 58 32.64 -9.27 -11.18
N GLY D 59 32.46 -10.58 -11.04
CA GLY D 59 33.52 -11.51 -11.37
C GLY D 59 33.95 -12.39 -10.22
N VAL D 60 33.03 -12.62 -9.28
CA VAL D 60 33.31 -13.47 -8.12
C VAL D 60 32.22 -14.54 -8.06
N PRO D 61 32.57 -15.80 -7.77
CA PRO D 61 31.55 -16.84 -7.69
C PRO D 61 30.52 -16.54 -6.61
N ASP D 62 29.29 -16.94 -6.87
CA ASP D 62 28.19 -16.72 -5.93
C ASP D 62 28.28 -17.60 -4.70
N ARG D 63 29.31 -18.43 -4.64
CA ARG D 63 29.51 -19.31 -3.47
C ARG D 63 29.78 -18.44 -2.26
N PHE D 64 30.65 -17.46 -2.43
CA PHE D 64 31.02 -16.57 -1.34
C PHE D 64 29.83 -15.74 -0.88
N SER D 65 29.67 -15.65 0.44
CA SER D 65 28.58 -14.87 1.02
C SER D 65 29.07 -14.24 2.31
N GLY D 66 28.45 -13.11 2.65
CA GLY D 66 28.79 -12.41 3.86
C GLY D 66 27.56 -12.04 4.65
N SER D 67 27.76 -11.89 5.96
CA SER D 67 26.66 -11.54 6.86
C SER D 67 27.24 -10.84 8.07
N LYS D 68 26.37 -10.17 8.81
CA LYS D 68 26.75 -9.46 10.02
C LYS D 68 25.77 -9.80 11.13
N SER D 69 26.29 -10.04 12.33
CA SER D 69 25.49 -10.34 13.50
C SER D 69 26.04 -9.55 14.67
N GLY D 70 25.52 -8.34 14.88
CA GLY D 70 25.99 -7.50 15.96
C GLY D 70 27.40 -6.98 15.72
N ASN D 71 28.35 -7.47 16.50
CA ASN D 71 29.73 -7.03 16.43
C ASN D 71 30.63 -8.02 15.69
N THR D 72 30.07 -9.10 15.16
CA THR D 72 30.84 -10.13 14.46
C THR D 72 30.33 -10.24 13.02
N ALA D 73 31.26 -10.26 12.08
CA ALA D 73 30.96 -10.40 10.67
C ALA D 73 31.44 -11.76 10.19
N SER D 74 30.62 -12.44 9.39
CA SER D 74 30.89 -13.81 8.97
C SER D 74 30.96 -13.89 7.44
N LEU D 75 31.92 -14.65 6.95
CA LEU D 75 32.06 -14.96 5.53
C LEU D 75 31.89 -16.46 5.35
N THR D 76 30.94 -16.84 4.50
CA THR D 76 30.62 -18.25 4.27
C THR D 76 31.09 -18.64 2.88
N ILE D 77 31.97 -19.63 2.80
CA ILE D 77 32.44 -20.18 1.54
C ILE D 77 31.73 -21.50 1.31
N SER D 78 30.93 -21.56 0.25
CA SER D 78 30.18 -22.75 -0.09
C SER D 78 30.82 -23.45 -1.28
N GLY D 79 30.64 -24.77 -1.34
CA GLY D 79 31.24 -25.55 -2.40
C GLY D 79 32.75 -25.44 -2.41
N LEU D 80 33.34 -25.60 -1.22
CA LEU D 80 34.78 -25.41 -1.06
C LEU D 80 35.55 -26.31 -2.03
N GLN D 81 36.51 -25.72 -2.73
CA GLN D 81 37.30 -26.42 -3.73
C GLN D 81 38.75 -25.96 -3.66
N ALA D 82 39.57 -26.51 -4.55
CA ALA D 82 41.01 -26.35 -4.44
C ALA D 82 41.44 -24.91 -4.63
N GLU D 83 40.82 -24.19 -5.56
CA GLU D 83 41.22 -22.82 -5.87
C GLU D 83 40.77 -21.82 -4.81
N ASP D 84 40.17 -22.28 -3.71
CA ASP D 84 39.78 -21.43 -2.61
C ASP D 84 40.77 -21.47 -1.45
N GLU D 85 41.91 -22.13 -1.62
CA GLU D 85 42.90 -22.26 -0.55
C GLU D 85 43.77 -21.02 -0.55
N ALA D 86 43.48 -20.10 0.35
CA ALA D 86 44.24 -18.86 0.47
C ALA D 86 43.97 -18.24 1.84
N ASP D 87 44.64 -17.13 2.10
CA ASP D 87 44.46 -16.37 3.32
C ASP D 87 43.37 -15.32 3.11
N TYR D 88 42.43 -15.24 4.04
CA TYR D 88 41.29 -14.35 3.94
C TYR D 88 41.35 -13.33 5.07
N TYR D 89 41.26 -12.05 4.71
CA TYR D 89 41.32 -10.96 5.66
C TYR D 89 40.02 -10.19 5.67
N CYS D 90 39.70 -9.60 6.82
CA CYS D 90 38.49 -8.78 6.98
C CYS D 90 38.89 -7.35 7.31
N SER D 91 38.18 -6.41 6.71
CA SER D 91 38.44 -4.99 6.93
C SER D 91 37.20 -4.33 7.48
N ALA D 92 37.42 -3.31 8.31
CA ALA D 92 36.33 -2.58 8.95
C ALA D 92 36.72 -1.12 9.09
N PHE D 93 35.71 -0.28 9.23
CA PHE D 93 35.89 1.16 9.37
C PHE D 93 35.63 1.55 10.81
N ALA D 94 36.59 2.25 11.42
CA ALA D 94 36.55 2.57 12.84
C ALA D 94 36.42 4.06 13.11
N GLY D 95 35.79 4.80 12.20
CA GLY D 95 35.52 6.21 12.44
C GLY D 95 36.59 7.15 11.93
N SER D 96 37.84 6.88 12.30
CA SER D 96 38.96 7.70 11.85
C SER D 96 40.06 6.88 11.20
N HIS D 97 39.88 5.57 11.05
CA HIS D 97 40.90 4.70 10.47
C HIS D 97 40.22 3.44 9.97
N THR D 98 40.97 2.66 9.21
CA THR D 98 40.53 1.36 8.71
C THR D 98 41.29 0.26 9.45
N LEU D 99 40.57 -0.73 9.94
CA LEU D 99 41.15 -1.84 10.68
C LEU D 99 41.12 -3.10 9.83
N PHE D 100 42.19 -3.88 9.91
CA PHE D 100 42.29 -5.15 9.21
C PHE D 100 42.39 -6.29 10.21
N GLY D 101 41.86 -7.44 9.82
CA GLY D 101 41.89 -8.60 10.69
C GLY D 101 43.24 -9.27 10.70
N GLY D 102 43.38 -10.24 11.60
CA GLY D 102 44.64 -10.97 11.70
C GLY D 102 44.90 -11.83 10.47
N GLY D 103 43.87 -12.52 9.98
CA GLY D 103 44.04 -13.36 8.81
C GLY D 103 43.73 -14.81 9.13
N THR D 104 42.84 -15.39 8.32
CA THR D 104 42.44 -16.79 8.46
C THR D 104 42.87 -17.54 7.21
N LYS D 105 43.63 -18.62 7.40
CA LYS D 105 44.11 -19.45 6.30
C LYS D 105 43.18 -20.63 6.14
N VAL D 106 42.57 -20.74 4.96
CA VAL D 106 41.61 -21.79 4.66
C VAL D 106 42.34 -22.92 3.95
N THR D 107 42.25 -24.13 4.50
CA THR D 107 42.86 -25.31 3.93
C THR D 107 41.77 -26.28 3.51
N VAL D 108 41.87 -26.82 2.29
CA VAL D 108 40.90 -27.75 1.74
C VAL D 108 41.46 -29.15 1.89
N LEU D 109 40.69 -30.03 2.53
CA LEU D 109 41.11 -31.40 2.74
C LEU D 109 41.01 -32.21 1.44
N GLY E 6 4.98 30.64 23.26
CA GLY E 6 3.73 29.88 23.30
C GLY E 6 3.00 29.83 21.98
N HIS E 7 2.05 28.91 21.87
CA HIS E 7 1.24 28.72 20.68
C HIS E 7 -0.23 28.90 21.02
N HIS E 8 -1.08 28.79 20.02
CA HIS E 8 -2.50 29.10 20.15
C HIS E 8 -3.29 27.84 20.44
N ALA E 9 -4.51 28.05 20.93
CA ALA E 9 -5.44 26.94 21.17
C ALA E 9 -6.84 27.41 20.80
N VAL E 10 -7.69 26.45 20.46
CA VAL E 10 -9.08 26.73 20.09
C VAL E 10 -9.98 26.05 21.10
N PRO E 11 -11.20 26.54 21.32
CA PRO E 11 -12.07 25.92 22.32
C PRO E 11 -12.73 24.64 21.83
N ASN E 12 -13.02 24.56 20.53
CA ASN E 12 -13.72 23.41 19.94
C ASN E 12 -12.80 22.75 18.91
N GLY E 13 -12.03 21.76 19.36
CA GLY E 13 -11.15 21.02 18.47
C GLY E 13 -11.82 19.79 17.89
N THR E 14 -11.06 19.08 17.06
CA THR E 14 -11.53 17.88 16.39
C THR E 14 -10.63 16.70 16.73
N ILE E 15 -11.24 15.52 16.80
CA ILE E 15 -10.52 14.29 17.13
C ILE E 15 -9.99 13.67 15.86
N VAL E 16 -8.71 13.32 15.86
CA VAL E 16 -8.01 12.83 14.68
C VAL E 16 -7.17 11.61 15.07
N LYS E 17 -7.11 10.65 14.15
CA LYS E 17 -6.37 9.40 14.34
C LYS E 17 -4.91 9.61 13.95
N THR E 18 -4.03 8.87 14.63
CA THR E 18 -2.61 8.90 14.30
C THR E 18 -2.01 7.53 14.60
N ILE E 19 -0.69 7.44 14.41
CA ILE E 19 -0.01 6.17 14.62
C ILE E 19 -0.01 5.79 16.10
N THR E 20 0.27 6.74 16.97
CA THR E 20 0.42 6.44 18.39
C THR E 20 -0.91 6.08 19.04
N ASP E 21 -1.95 6.88 18.81
CA ASP E 21 -3.20 6.67 19.51
C ASP E 21 -4.37 7.03 18.60
N ASP E 22 -5.56 6.57 19.01
CA ASP E 22 -6.75 6.69 18.17
C ASP E 22 -7.28 8.13 18.15
N GLN E 23 -7.19 8.84 19.28
CA GLN E 23 -7.78 10.16 19.40
C GLN E 23 -6.74 11.16 19.87
N ILE E 24 -6.50 12.19 19.06
CA ILE E 24 -5.79 13.39 19.50
C ILE E 24 -6.57 14.60 19.03
N GLU E 25 -6.82 15.53 19.93
CA GLU E 25 -7.50 16.77 19.56
C GLU E 25 -6.58 17.67 18.76
N VAL E 26 -7.09 18.25 17.69
CA VAL E 26 -6.37 19.21 16.88
C VAL E 26 -7.24 20.44 16.69
N THR E 27 -6.61 21.53 16.27
CA THR E 27 -7.33 22.78 16.11
C THR E 27 -8.40 22.67 15.02
N ASN E 28 -8.06 22.07 13.88
CA ASN E 28 -9.05 21.86 12.83
C ASN E 28 -8.62 20.66 11.99
N ALA E 29 -9.59 20.08 11.29
CA ALA E 29 -9.34 18.95 10.42
C ALA E 29 -10.33 18.99 9.26
N THR E 30 -9.98 18.31 8.18
CA THR E 30 -10.82 18.23 6.99
C THR E 30 -11.17 16.78 6.68
N GLU E 31 -12.43 16.55 6.33
CA GLU E 31 -12.87 15.20 5.99
C GLU E 31 -12.32 14.80 4.62
N LEU E 32 -11.82 13.57 4.54
CA LEU E 32 -11.24 13.04 3.32
C LEU E 32 -12.11 11.94 2.68
N VAL E 33 -13.32 11.74 3.19
CA VAL E 33 -14.25 10.77 2.62
C VAL E 33 -15.55 11.49 2.28
N GLN E 34 -15.98 11.38 1.03
CA GLN E 34 -17.26 11.94 0.59
C GLN E 34 -18.35 10.91 0.85
N SER E 35 -19.23 11.21 1.80
CA SER E 35 -20.25 10.27 2.21
C SER E 35 -21.66 10.78 1.92
N SER E 36 -21.80 11.74 1.01
CA SER E 36 -23.09 12.31 0.69
C SER E 36 -23.26 12.42 -0.81
N SER E 37 -24.51 12.34 -1.25
CA SER E 37 -24.88 12.52 -2.64
C SER E 37 -26.08 13.46 -2.73
N THR E 38 -26.14 14.21 -3.83
CA THR E 38 -27.27 15.10 -4.05
C THR E 38 -28.54 14.35 -4.46
N GLY E 39 -28.43 13.09 -4.83
CA GLY E 39 -29.57 12.30 -5.24
C GLY E 39 -29.98 12.45 -6.68
N LYS E 40 -29.24 13.22 -7.47
CA LYS E 40 -29.58 13.47 -8.86
C LYS E 40 -28.34 13.34 -9.74
N ILE E 41 -28.57 13.01 -11.01
CA ILE E 41 -27.49 12.86 -11.98
C ILE E 41 -27.46 14.11 -12.87
N CYS E 42 -26.27 14.68 -13.03
CA CYS E 42 -26.09 15.85 -13.86
C CYS E 42 -25.67 15.43 -15.27
N ASN E 43 -25.98 16.27 -16.25
CA ASN E 43 -25.82 15.90 -17.65
C ASN E 43 -24.92 16.85 -18.44
N ASN E 44 -24.21 17.76 -17.78
CA ASN E 44 -23.47 18.75 -18.55
C ASN E 44 -22.14 18.21 -19.11
N PRO E 45 -21.24 17.64 -18.29
CA PRO E 45 -19.93 17.27 -18.83
C PRO E 45 -19.96 15.97 -19.61
N HIS E 46 -20.86 15.06 -19.25
CA HIS E 46 -21.04 13.79 -19.93
C HIS E 46 -22.42 13.77 -20.56
N ARG E 47 -22.55 12.97 -21.62
CA ARG E 47 -23.85 12.76 -22.26
C ARG E 47 -24.56 11.63 -21.55
N ILE E 48 -25.72 11.92 -20.98
CA ILE E 48 -26.52 10.96 -20.23
C ILE E 48 -27.76 10.63 -21.04
N LEU E 49 -28.00 9.35 -21.26
CA LEU E 49 -29.16 8.87 -21.99
C LEU E 49 -30.02 8.03 -21.05
N ASP E 50 -31.28 8.41 -20.90
CA ASP E 50 -32.18 7.78 -19.95
C ASP E 50 -33.00 6.70 -20.67
N GLY E 51 -32.66 5.44 -20.42
CA GLY E 51 -33.44 4.33 -20.92
C GLY E 51 -34.64 4.07 -20.04
N ARG E 52 -35.61 4.99 -20.08
CA ARG E 52 -36.75 4.91 -19.13
C ARG E 52 -37.44 3.55 -19.12
N ASP E 53 -37.80 3.01 -20.27
CA ASP E 53 -38.61 1.81 -20.30
C ASP E 53 -37.95 0.66 -21.06
N CYS E 54 -36.84 0.90 -21.73
CA CYS E 54 -36.15 -0.15 -22.48
C CYS E 54 -34.71 -0.30 -22.01
N THR E 55 -34.25 -1.55 -22.07
CA THR E 55 -32.86 -1.88 -21.84
C THR E 55 -32.04 -1.61 -23.11
N LEU E 56 -30.72 -1.72 -22.97
CA LEU E 56 -29.84 -1.50 -24.11
C LEU E 56 -30.10 -2.54 -25.20
N ILE E 57 -30.31 -3.80 -24.81
CA ILE E 57 -30.54 -4.85 -25.80
C ILE E 57 -31.85 -4.62 -26.52
N ASP E 58 -32.90 -4.22 -25.80
CA ASP E 58 -34.18 -3.94 -26.44
C ASP E 58 -34.07 -2.78 -27.42
N ALA E 59 -33.35 -1.72 -27.05
CA ALA E 59 -33.12 -0.62 -27.98
C ALA E 59 -32.27 -1.07 -29.15
N LEU E 60 -31.26 -1.90 -28.89
CA LEU E 60 -30.42 -2.43 -29.97
C LEU E 60 -31.23 -3.29 -30.93
N LEU E 61 -32.10 -4.14 -30.39
CA LEU E 61 -32.86 -5.07 -31.22
C LEU E 61 -33.98 -4.37 -31.97
N GLY E 62 -34.47 -3.26 -31.45
CA GLY E 62 -35.55 -2.55 -32.10
C GLY E 62 -36.92 -2.86 -31.54
N ASP E 63 -37.06 -2.77 -30.21
CA ASP E 63 -38.34 -2.99 -29.58
C ASP E 63 -39.36 -1.98 -30.10
N PRO E 64 -40.62 -2.38 -30.28
CA PRO E 64 -41.61 -1.45 -30.86
C PRO E 64 -41.84 -0.19 -30.03
N HIS E 65 -41.70 -0.25 -28.71
CA HIS E 65 -42.09 0.85 -27.86
C HIS E 65 -40.94 1.80 -27.51
N CYS E 66 -39.75 1.56 -28.05
CA CYS E 66 -38.64 2.50 -27.91
C CYS E 66 -37.92 2.69 -29.24
N ASP E 67 -38.68 2.99 -30.28
CA ASP E 67 -38.11 3.39 -31.56
C ASP E 67 -37.45 4.77 -31.44
N VAL E 68 -37.66 5.44 -30.31
CA VAL E 68 -37.05 6.75 -30.09
C VAL E 68 -35.54 6.66 -29.89
N PHE E 69 -35.03 5.49 -29.52
CA PHE E 69 -33.63 5.31 -29.20
C PHE E 69 -32.78 4.97 -30.42
N GLN E 70 -33.36 4.96 -31.61
CA GLN E 70 -32.63 4.62 -32.81
C GLN E 70 -31.57 5.67 -33.12
N ASP E 71 -30.38 5.20 -33.50
CA ASP E 71 -29.26 6.05 -33.88
C ASP E 71 -28.92 7.06 -32.78
N GLU E 72 -28.95 6.60 -31.54
CA GLU E 72 -28.73 7.45 -30.38
C GLU E 72 -27.38 7.12 -29.76
N THR E 73 -26.52 8.11 -29.64
CA THR E 73 -25.22 7.97 -29.01
C THR E 73 -25.31 8.38 -27.54
N TRP E 74 -24.31 7.97 -26.78
CA TRP E 74 -24.32 8.27 -25.35
C TRP E 74 -22.90 8.22 -24.81
N ASP E 75 -22.74 8.81 -23.62
CA ASP E 75 -21.57 8.60 -22.80
C ASP E 75 -21.86 7.76 -21.56
N LEU E 76 -23.14 7.63 -21.20
CA LEU E 76 -23.55 6.77 -20.09
C LEU E 76 -25.02 6.44 -20.29
N TYR E 77 -25.33 5.16 -20.43
CA TYR E 77 -26.70 4.69 -20.54
C TYR E 77 -27.21 4.36 -19.14
N VAL E 78 -28.24 5.07 -18.70
CA VAL E 78 -28.83 4.86 -17.39
C VAL E 78 -30.01 3.90 -17.57
N GLU E 79 -29.90 2.73 -16.97
CA GLU E 79 -30.92 1.69 -17.05
C GLU E 79 -31.79 1.74 -15.81
N ARG E 80 -33.10 1.75 -16.02
CA ARG E 80 -34.06 1.81 -14.92
C ARG E 80 -34.63 0.43 -14.64
N SER E 81 -34.93 0.19 -13.37
CA SER E 81 -35.47 -1.10 -12.95
C SER E 81 -36.87 -1.36 -13.49
N SER E 82 -37.54 -0.34 -14.02
CA SER E 82 -38.87 -0.48 -14.57
C SER E 82 -38.87 -0.87 -16.04
N ALA E 83 -37.70 -1.18 -16.61
CA ALA E 83 -37.64 -1.57 -18.01
C ALA E 83 -38.33 -2.91 -18.21
N PHE E 84 -39.09 -3.01 -19.31
CA PHE E 84 -39.86 -4.20 -19.61
C PHE E 84 -39.83 -4.45 -21.10
N SER E 85 -40.06 -5.70 -21.48
CA SER E 85 -40.03 -6.13 -22.87
C SER E 85 -41.45 -6.35 -23.38
N ASN E 86 -41.72 -5.89 -24.60
CA ASN E 86 -43.04 -5.96 -25.21
C ASN E 86 -42.94 -6.46 -26.65
N CYS E 87 -42.18 -7.54 -26.86
CA CYS E 87 -42.04 -8.12 -28.18
C CYS E 87 -41.99 -9.64 -28.04
N TYR E 88 -41.58 -10.31 -29.11
CA TYR E 88 -41.46 -11.76 -29.08
C TYR E 88 -40.48 -12.16 -27.99
N PRO E 89 -40.80 -13.17 -27.18
CA PRO E 89 -39.88 -13.60 -26.13
C PRO E 89 -38.55 -14.03 -26.72
N TYR E 90 -37.46 -13.66 -26.03
CA TYR E 90 -36.14 -13.94 -26.54
C TYR E 90 -35.18 -14.14 -25.39
N ASP E 91 -34.01 -14.70 -25.72
CA ASP E 91 -32.91 -14.82 -24.78
C ASP E 91 -31.60 -14.63 -25.53
N VAL E 92 -30.57 -14.26 -24.79
CA VAL E 92 -29.22 -14.11 -25.32
C VAL E 92 -28.31 -15.05 -24.54
N PRO E 93 -27.66 -16.01 -25.21
CA PRO E 93 -26.78 -16.93 -24.47
C PRO E 93 -25.69 -16.23 -23.67
N ASP E 94 -25.14 -15.13 -24.19
CA ASP E 94 -24.21 -14.28 -23.43
C ASP E 94 -24.80 -12.88 -23.37
N TYR E 95 -25.66 -12.67 -22.38
CA TYR E 95 -26.29 -11.36 -22.21
C TYR E 95 -25.28 -10.32 -21.75
N ALA E 96 -24.42 -10.69 -20.80
CA ALA E 96 -23.48 -9.72 -20.23
C ALA E 96 -22.42 -9.31 -21.25
N SER E 97 -22.09 -10.20 -22.17
CA SER E 97 -21.09 -9.86 -23.19
C SER E 97 -21.66 -8.88 -24.21
N LEU E 98 -22.88 -9.14 -24.69
CA LEU E 98 -23.50 -8.25 -25.66
C LEU E 98 -23.82 -6.90 -25.03
N ARG E 99 -24.29 -6.89 -23.79
CA ARG E 99 -24.54 -5.64 -23.10
C ARG E 99 -23.27 -4.83 -22.94
N SER E 100 -22.19 -5.49 -22.52
CA SER E 100 -20.93 -4.78 -22.32
C SER E 100 -20.35 -4.28 -23.64
N LEU E 101 -20.43 -5.10 -24.69
CA LEU E 101 -19.83 -4.73 -25.97
C LEU E 101 -20.54 -3.54 -26.58
N VAL E 102 -21.87 -3.53 -26.56
CA VAL E 102 -22.63 -2.44 -27.15
C VAL E 102 -22.50 -1.17 -26.32
N ALA E 103 -22.54 -1.31 -24.99
CA ALA E 103 -22.46 -0.13 -24.13
C ALA E 103 -21.14 0.60 -24.30
N SER E 104 -20.04 -0.14 -24.37
CA SER E 104 -18.74 0.49 -24.59
C SER E 104 -18.58 1.01 -26.02
N SER E 105 -19.39 0.51 -26.95
CA SER E 105 -19.37 1.07 -28.30
C SER E 105 -19.83 2.52 -28.30
N GLY E 106 -20.93 2.80 -27.60
CA GLY E 106 -21.41 4.15 -27.46
C GLY E 106 -22.27 4.67 -28.58
N THR E 107 -22.67 3.82 -29.52
CA THR E 107 -23.53 4.28 -30.61
C THR E 107 -24.46 3.16 -31.03
N LEU E 108 -25.75 3.46 -31.09
CA LEU E 108 -26.74 2.58 -31.71
C LEU E 108 -27.01 2.98 -33.16
N GLU E 109 -25.95 3.14 -33.95
CA GLU E 109 -26.07 3.61 -35.33
C GLU E 109 -26.16 2.41 -36.26
N PHE E 110 -27.18 2.39 -37.11
CA PHE E 110 -27.53 1.24 -37.92
C PHE E 110 -27.58 1.65 -39.39
N ILE E 111 -26.80 0.96 -40.21
CA ILE E 111 -26.78 1.18 -41.64
C ILE E 111 -27.34 -0.07 -42.32
N THR E 112 -28.47 0.09 -43.00
CA THR E 112 -29.18 -1.04 -43.59
C THR E 112 -28.48 -1.46 -44.87
N GLU E 113 -28.01 -2.70 -44.89
CA GLU E 113 -27.41 -3.28 -46.09
C GLU E 113 -28.48 -3.91 -46.97
N GLY E 114 -28.14 -4.11 -48.24
CA GLY E 114 -29.02 -4.77 -49.16
C GLY E 114 -28.82 -6.27 -49.15
N PHE E 115 -29.68 -6.97 -48.42
CA PHE E 115 -29.60 -8.42 -48.29
C PHE E 115 -30.60 -9.05 -49.24
N THR E 116 -30.11 -9.92 -50.12
CA THR E 116 -30.95 -10.60 -51.10
C THR E 116 -31.29 -11.99 -50.58
N TRP E 117 -32.54 -12.18 -50.16
CA TRP E 117 -33.05 -13.48 -49.76
C TRP E 117 -33.98 -13.97 -50.86
N THR E 118 -33.64 -15.11 -51.45
CA THR E 118 -34.37 -15.65 -52.59
C THR E 118 -35.17 -16.87 -52.15
N GLY E 119 -36.45 -16.89 -52.50
CA GLY E 119 -37.31 -18.01 -52.20
C GLY E 119 -37.93 -18.00 -50.82
N VAL E 120 -37.87 -16.88 -50.10
CA VAL E 120 -38.46 -16.77 -48.78
C VAL E 120 -39.25 -15.48 -48.69
N THR E 121 -40.18 -15.44 -47.74
CA THR E 121 -41.00 -14.26 -47.50
C THR E 121 -40.46 -13.51 -46.29
N GLN E 122 -40.22 -12.22 -46.46
CA GLN E 122 -39.58 -11.41 -45.46
C GLN E 122 -40.63 -10.65 -44.64
N ASN E 123 -40.15 -9.82 -43.71
CA ASN E 123 -40.99 -8.94 -42.90
C ASN E 123 -42.06 -9.74 -42.15
N GLY E 124 -41.64 -10.85 -41.54
CA GLY E 124 -42.53 -11.60 -40.69
C GLY E 124 -42.81 -10.90 -39.38
N GLY E 125 -43.84 -11.37 -38.69
CA GLY E 125 -44.22 -10.72 -37.45
C GLY E 125 -45.04 -11.63 -36.57
N SER E 126 -45.32 -11.14 -35.36
CA SER E 126 -46.06 -11.90 -34.37
C SER E 126 -46.97 -10.95 -33.60
N ASN E 127 -48.03 -11.52 -33.03
CA ASN E 127 -48.96 -10.74 -32.23
C ASN E 127 -48.33 -10.24 -30.94
N ALA E 128 -47.23 -10.85 -30.50
CA ALA E 128 -46.56 -10.38 -29.29
C ALA E 128 -46.04 -8.97 -29.46
N CYS E 129 -45.46 -8.67 -30.62
CA CYS E 129 -44.98 -7.32 -30.94
C CYS E 129 -46.05 -6.64 -31.77
N LYS E 130 -46.92 -5.88 -31.11
CA LYS E 130 -47.96 -5.12 -31.79
C LYS E 130 -47.42 -3.72 -32.05
N ARG E 131 -47.03 -3.46 -33.29
CA ARG E 131 -46.64 -2.12 -33.72
C ARG E 131 -47.92 -1.45 -34.22
N GLY E 132 -48.47 -0.56 -33.39
CA GLY E 132 -49.77 0.00 -33.67
C GLY E 132 -50.85 -1.06 -33.59
N PRO E 133 -51.86 -0.96 -34.45
CA PRO E 133 -52.92 -1.97 -34.44
C PRO E 133 -52.50 -3.30 -35.04
N ALA E 134 -51.43 -3.36 -35.81
CA ALA E 134 -51.03 -4.55 -36.53
C ALA E 134 -49.85 -5.24 -35.86
N SER E 135 -49.75 -6.55 -36.10
CA SER E 135 -48.63 -7.33 -35.57
C SER E 135 -47.34 -6.96 -36.28
N GLY E 136 -46.25 -6.94 -35.52
CA GLY E 136 -44.96 -6.52 -36.04
C GLY E 136 -43.84 -7.35 -35.46
N PHE E 137 -42.65 -6.77 -35.40
CA PHE E 137 -41.46 -7.48 -34.98
C PHE E 137 -40.40 -6.45 -34.62
N PHE E 138 -39.24 -6.94 -34.18
CA PHE E 138 -38.08 -6.07 -33.98
C PHE E 138 -37.74 -5.37 -35.29
N SER E 139 -37.43 -4.07 -35.19
CA SER E 139 -37.19 -3.30 -36.39
C SER E 139 -35.83 -3.59 -37.01
N ARG E 140 -34.87 -4.07 -36.23
CA ARG E 140 -33.53 -4.34 -36.72
C ARG E 140 -33.28 -5.82 -37.01
N LEU E 141 -34.32 -6.65 -36.96
CA LEU E 141 -34.23 -8.05 -37.28
C LEU E 141 -35.30 -8.40 -38.29
N ASN E 142 -34.95 -9.26 -39.25
CA ASN E 142 -35.82 -9.62 -40.36
C ASN E 142 -36.19 -11.09 -40.25
N TRP E 143 -37.49 -11.37 -40.09
CA TRP E 143 -37.98 -12.72 -39.96
C TRP E 143 -38.30 -13.30 -41.33
N LEU E 144 -37.77 -14.49 -41.60
CA LEU E 144 -37.94 -15.14 -42.90
C LEU E 144 -38.82 -16.37 -42.74
N THR E 145 -39.83 -16.48 -43.61
CA THR E 145 -40.76 -17.58 -43.63
C THR E 145 -40.75 -18.21 -45.01
N LYS E 146 -41.43 -19.35 -45.15
CA LYS E 146 -41.48 -20.03 -46.42
C LYS E 146 -42.22 -19.20 -47.46
N SER E 147 -41.89 -19.43 -48.73
CA SER E 147 -42.53 -18.74 -49.85
C SER E 147 -43.32 -19.77 -50.63
N GLY E 148 -44.59 -19.94 -50.27
CA GLY E 148 -45.41 -20.95 -50.89
C GLY E 148 -45.31 -22.27 -50.17
N SER E 149 -44.48 -23.18 -50.70
CA SER E 149 -44.27 -24.48 -50.07
C SER E 149 -42.80 -24.88 -50.08
N ALA E 150 -41.89 -23.92 -50.01
CA ALA E 150 -40.47 -24.25 -50.06
C ALA E 150 -39.67 -23.24 -49.23
N TYR E 151 -38.57 -23.72 -48.66
CA TYR E 151 -37.61 -22.88 -47.96
C TYR E 151 -36.23 -23.20 -48.53
N PRO E 152 -35.86 -22.56 -49.63
CA PRO E 152 -34.55 -22.84 -50.24
C PRO E 152 -33.42 -22.51 -49.28
N VAL E 153 -32.35 -23.30 -49.37
CA VAL E 153 -31.17 -23.10 -48.54
C VAL E 153 -30.57 -21.74 -48.88
N LEU E 154 -30.61 -20.82 -47.93
CA LEU E 154 -30.09 -19.47 -48.15
C LEU E 154 -28.58 -19.47 -48.00
N ASN E 155 -27.89 -18.88 -48.97
CA ASN E 155 -26.45 -18.69 -48.94
C ASN E 155 -26.18 -17.26 -49.38
N VAL E 156 -26.20 -16.34 -48.43
CA VAL E 156 -25.98 -14.93 -48.71
C VAL E 156 -24.58 -14.56 -48.24
N THR E 157 -24.07 -13.45 -48.77
CA THR E 157 -22.75 -12.96 -48.43
C THR E 157 -22.77 -11.45 -48.39
N MET E 158 -21.90 -10.87 -47.57
CA MET E 158 -21.80 -9.42 -47.49
C MET E 158 -20.39 -9.03 -47.08
N PRO E 159 -19.60 -8.50 -48.00
CA PRO E 159 -18.18 -8.26 -47.69
C PRO E 159 -17.95 -6.96 -46.96
N ASN E 160 -16.71 -6.74 -46.52
CA ASN E 160 -16.31 -5.52 -45.84
C ASN E 160 -15.33 -4.76 -46.72
N ASN E 161 -15.64 -3.50 -47.01
CA ASN E 161 -14.74 -2.62 -47.73
C ASN E 161 -14.48 -1.33 -46.98
N ASP E 162 -15.05 -1.18 -45.78
CA ASP E 162 -14.88 0.02 -44.98
C ASP E 162 -13.65 -0.13 -44.09
N ASN E 163 -13.50 0.78 -43.13
CA ASN E 163 -12.36 0.77 -42.23
C ASN E 163 -12.80 0.73 -40.76
N PHE E 164 -13.99 0.21 -40.51
CA PHE E 164 -14.47 0.03 -39.15
C PHE E 164 -15.10 -1.36 -39.03
N ASP E 165 -15.21 -1.82 -37.79
CA ASP E 165 -15.81 -3.12 -37.53
C ASP E 165 -17.32 -3.03 -37.54
N LYS E 166 -17.96 -4.00 -38.17
CA LYS E 166 -19.41 -4.08 -38.23
C LYS E 166 -19.90 -5.15 -37.25
N LEU E 167 -20.92 -4.81 -36.47
CA LEU E 167 -21.56 -5.75 -35.57
C LEU E 167 -22.88 -6.20 -36.19
N TYR E 168 -23.00 -7.49 -36.45
CA TYR E 168 -24.21 -8.07 -36.99
C TYR E 168 -24.95 -8.81 -35.88
N VAL E 169 -26.22 -8.47 -35.69
CA VAL E 169 -27.07 -9.14 -34.72
C VAL E 169 -28.11 -9.94 -35.49
N TRP E 170 -28.11 -11.26 -35.27
CA TRP E 170 -29.03 -12.16 -35.93
C TRP E 170 -29.65 -13.07 -34.87
N GLY E 171 -30.43 -14.05 -35.30
CA GLY E 171 -31.09 -14.90 -34.34
C GLY E 171 -31.61 -16.19 -34.94
N VAL E 172 -31.98 -17.10 -34.05
CA VAL E 172 -32.57 -18.38 -34.40
C VAL E 172 -33.89 -18.51 -33.65
N HIS E 173 -34.92 -18.97 -34.35
CA HIS E 173 -36.25 -19.11 -33.78
C HIS E 173 -36.47 -20.56 -33.37
N HIS E 174 -36.72 -20.79 -32.08
CA HIS E 174 -37.04 -22.12 -31.59
C HIS E 174 -38.55 -22.24 -31.45
N PRO E 175 -39.24 -22.88 -32.39
CA PRO E 175 -40.70 -22.96 -32.29
C PRO E 175 -41.14 -23.98 -31.25
N SER E 176 -42.38 -23.80 -30.80
CA SER E 176 -42.90 -24.59 -29.70
C SER E 176 -43.19 -26.03 -30.13
N THR E 177 -43.83 -26.21 -31.28
CA THR E 177 -44.26 -27.51 -31.74
C THR E 177 -43.71 -27.82 -33.11
N ASN E 178 -43.65 -29.11 -33.44
CA ASN E 178 -43.16 -29.53 -34.74
C ASN E 178 -44.10 -29.09 -35.86
N GLN E 179 -45.39 -29.00 -35.58
CA GLN E 179 -46.33 -28.49 -36.58
C GLN E 179 -46.05 -27.03 -36.90
N GLU E 180 -45.67 -26.24 -35.89
CA GLU E 180 -45.33 -24.84 -36.12
C GLU E 180 -44.11 -24.72 -37.02
N GLN E 181 -43.12 -25.60 -36.83
CA GLN E 181 -41.93 -25.55 -37.66
C GLN E 181 -42.25 -25.84 -39.12
N THR E 182 -42.98 -26.93 -39.38
CA THR E 182 -43.34 -27.28 -40.75
C THR E 182 -44.35 -26.30 -41.34
N ASN E 183 -45.11 -25.60 -40.51
CA ASN E 183 -46.00 -24.58 -41.03
C ASN E 183 -45.24 -23.31 -41.38
N LEU E 184 -44.26 -22.93 -40.56
CA LEU E 184 -43.51 -21.69 -40.81
C LEU E 184 -42.41 -21.93 -41.85
N TYR E 185 -41.46 -22.78 -41.52
CA TYR E 185 -40.47 -23.27 -42.44
C TYR E 185 -40.98 -24.60 -42.99
N VAL E 186 -40.12 -25.35 -43.66
CA VAL E 186 -40.49 -26.64 -44.23
C VAL E 186 -39.71 -27.79 -43.60
N GLN E 187 -38.41 -27.61 -43.41
CA GLN E 187 -37.59 -28.68 -42.86
C GLN E 187 -37.98 -29.00 -41.43
N ALA E 188 -38.01 -30.29 -41.11
CA ALA E 188 -38.34 -30.71 -39.75
C ALA E 188 -37.27 -30.25 -38.77
N SER E 189 -36.00 -30.31 -39.17
CA SER E 189 -34.89 -29.85 -38.34
C SER E 189 -34.13 -28.78 -39.10
N GLY E 190 -34.15 -27.55 -38.58
CA GLY E 190 -33.46 -26.45 -39.22
C GLY E 190 -32.02 -26.31 -38.76
N ARG E 191 -31.35 -25.32 -39.33
CA ARG E 191 -29.94 -25.08 -39.04
C ARG E 191 -29.54 -23.69 -39.52
N VAL E 192 -28.77 -22.97 -38.72
CA VAL E 192 -28.30 -21.63 -39.07
C VAL E 192 -26.80 -21.56 -38.81
N THR E 193 -26.05 -21.23 -39.86
CA THR E 193 -24.60 -21.12 -39.78
C THR E 193 -24.19 -19.74 -40.29
N VAL E 194 -23.59 -18.95 -39.41
CA VAL E 194 -23.04 -17.65 -39.76
C VAL E 194 -21.55 -17.71 -39.49
N SER E 195 -20.75 -17.45 -40.52
CA SER E 195 -19.31 -17.61 -40.44
C SER E 195 -18.60 -16.47 -41.12
N THR E 196 -17.48 -16.05 -40.53
CA THR E 196 -16.54 -15.17 -41.17
C THR E 196 -15.34 -15.98 -41.65
N ARG E 197 -14.32 -15.29 -42.13
CA ARG E 197 -13.11 -15.98 -42.58
C ARG E 197 -12.31 -16.56 -41.43
N ARG E 198 -12.59 -16.14 -40.18
CA ARG E 198 -11.82 -16.60 -39.04
C ARG E 198 -12.64 -17.29 -37.97
N SER E 199 -13.94 -17.01 -37.86
CA SER E 199 -14.77 -17.60 -36.82
C SER E 199 -16.04 -18.15 -37.44
N GLN E 200 -16.57 -19.21 -36.83
CA GLN E 200 -17.80 -19.84 -37.28
C GLN E 200 -18.74 -20.04 -36.10
N GLN E 201 -20.04 -20.04 -36.40
CA GLN E 201 -21.07 -20.19 -35.39
C GLN E 201 -22.23 -20.96 -36.00
N THR E 202 -22.47 -22.18 -35.52
CA THR E 202 -23.55 -23.02 -36.00
C THR E 202 -24.51 -23.31 -34.87
N ILE E 203 -25.79 -23.04 -35.08
CA ILE E 203 -26.82 -23.23 -34.06
C ILE E 203 -27.96 -24.02 -34.67
N ILE E 204 -28.32 -25.13 -34.03
CA ILE E 204 -29.44 -25.97 -34.44
C ILE E 204 -30.61 -25.67 -33.50
N PRO E 205 -31.75 -25.19 -34.01
CA PRO E 205 -32.87 -24.86 -33.13
C PRO E 205 -33.43 -26.10 -32.44
N ASN E 206 -33.95 -25.88 -31.24
CA ASN E 206 -34.50 -26.93 -30.40
C ASN E 206 -36.01 -26.74 -30.29
N ILE E 207 -36.76 -27.82 -30.51
CA ILE E 207 -38.22 -27.77 -30.52
C ILE E 207 -38.72 -28.20 -29.14
N GLY E 208 -39.58 -27.39 -28.54
CA GLY E 208 -40.16 -27.74 -27.27
C GLY E 208 -41.04 -26.63 -26.77
N SER E 209 -41.95 -27.01 -25.86
CA SER E 209 -42.83 -26.04 -25.23
C SER E 209 -42.09 -25.28 -24.15
N ARG E 210 -42.43 -24.01 -24.00
CA ARG E 210 -41.80 -23.12 -23.03
C ARG E 210 -42.89 -22.28 -22.39
N PRO E 211 -42.59 -21.65 -21.25
CA PRO E 211 -43.58 -20.78 -20.61
C PRO E 211 -44.22 -19.79 -21.58
N TRP E 212 -45.42 -19.36 -21.23
CA TRP E 212 -46.26 -18.55 -22.10
C TRP E 212 -45.98 -17.08 -21.86
N VAL E 213 -45.38 -16.41 -22.83
CA VAL E 213 -45.06 -14.99 -22.75
C VAL E 213 -45.72 -14.29 -23.92
N ARG E 214 -46.68 -13.41 -23.62
CA ARG E 214 -47.38 -12.60 -24.62
C ARG E 214 -47.98 -13.47 -25.73
N GLY E 215 -48.43 -14.66 -25.36
CA GLY E 215 -49.10 -15.54 -26.29
C GLY E 215 -48.21 -16.51 -27.04
N GLN E 216 -46.90 -16.35 -26.96
CA GLN E 216 -45.96 -17.18 -27.70
C GLN E 216 -45.26 -18.16 -26.76
N SER E 217 -45.32 -19.45 -27.11
CA SER E 217 -44.59 -20.48 -26.39
C SER E 217 -43.19 -20.73 -26.95
N GLY E 218 -42.85 -20.11 -28.09
CA GLY E 218 -41.51 -20.22 -28.62
C GLY E 218 -40.63 -19.08 -28.20
N ARG E 219 -39.35 -19.18 -28.56
CA ARG E 219 -38.36 -18.20 -28.17
C ARG E 219 -37.45 -17.88 -29.35
N ILE E 220 -36.62 -16.86 -29.17
CA ILE E 220 -35.64 -16.43 -30.16
C ILE E 220 -34.30 -16.29 -29.44
N SER E 221 -33.26 -16.88 -30.01
CA SER E 221 -31.92 -16.79 -29.44
C SER E 221 -31.11 -15.77 -30.24
N ILE E 222 -30.63 -14.73 -29.58
CA ILE E 222 -29.95 -13.62 -30.23
C ILE E 222 -28.45 -13.87 -30.20
N TYR E 223 -27.80 -13.74 -31.35
CA TYR E 223 -26.37 -13.89 -31.48
C TYR E 223 -25.79 -12.68 -32.20
N TRP E 224 -24.48 -12.49 -32.04
CA TRP E 224 -23.79 -11.37 -32.67
C TRP E 224 -22.49 -11.85 -33.30
N THR E 225 -22.10 -11.15 -34.37
CA THR E 225 -20.87 -11.44 -35.11
C THR E 225 -20.22 -10.13 -35.50
N ILE E 226 -18.90 -10.04 -35.33
CA ILE E 226 -18.13 -8.85 -35.66
C ILE E 226 -17.28 -9.13 -36.89
N VAL E 227 -17.39 -8.26 -37.88
CA VAL E 227 -16.63 -8.36 -39.12
C VAL E 227 -15.61 -7.23 -39.15
N LYS E 228 -14.34 -7.59 -39.18
CA LYS E 228 -13.25 -6.63 -39.27
C LYS E 228 -13.06 -6.16 -40.70
N PRO E 229 -12.36 -5.04 -40.91
CA PRO E 229 -12.10 -4.59 -42.28
C PRO E 229 -11.37 -5.64 -43.09
N GLY E 230 -11.77 -5.80 -44.34
CA GLY E 230 -11.22 -6.82 -45.21
C GLY E 230 -11.82 -8.19 -45.04
N ASP E 231 -12.75 -8.37 -44.12
CA ASP E 231 -13.34 -9.67 -43.86
C ASP E 231 -14.63 -9.84 -44.66
N VAL E 232 -15.28 -10.98 -44.50
CA VAL E 232 -16.51 -11.29 -45.22
C VAL E 232 -17.41 -12.09 -44.28
N LEU E 233 -18.72 -11.92 -44.46
CA LEU E 233 -19.72 -12.61 -43.67
C LEU E 233 -20.62 -13.43 -44.59
N VAL E 234 -20.75 -14.71 -44.28
CA VAL E 234 -21.59 -15.63 -45.04
C VAL E 234 -22.65 -16.20 -44.10
N ILE E 235 -23.92 -16.03 -44.46
CA ILE E 235 -25.04 -16.54 -43.70
C ILE E 235 -25.64 -17.70 -44.47
N ASN E 236 -25.64 -18.89 -43.86
CA ASN E 236 -26.17 -20.09 -44.48
C ASN E 236 -27.18 -20.71 -43.53
N SER E 237 -28.37 -21.00 -44.03
CA SER E 237 -29.44 -21.56 -43.22
C SER E 237 -30.47 -22.24 -44.10
N ASN E 238 -31.01 -23.36 -43.62
CA ASN E 238 -32.17 -23.98 -44.25
C ASN E 238 -33.43 -23.84 -43.42
N GLY E 239 -33.40 -23.02 -42.38
CA GLY E 239 -34.58 -22.77 -41.58
C GLY E 239 -34.24 -22.09 -40.28
N ASN E 240 -35.26 -21.46 -39.70
CA ASN E 240 -35.18 -20.86 -38.37
C ASN E 240 -34.13 -19.76 -38.29
N LEU E 241 -34.25 -18.78 -39.17
CA LEU E 241 -33.29 -17.68 -39.23
C LEU E 241 -34.01 -16.36 -39.07
N ILE E 242 -33.64 -15.61 -38.04
CA ILE E 242 -34.08 -14.22 -37.88
C ILE E 242 -32.95 -13.38 -38.47
N ALA E 243 -33.06 -13.08 -39.76
CA ALA E 243 -31.96 -12.51 -40.50
C ALA E 243 -31.68 -11.07 -40.05
N PRO E 244 -30.44 -10.62 -40.17
CA PRO E 244 -30.12 -9.22 -39.85
C PRO E 244 -30.43 -8.29 -41.01
N ARG E 245 -30.83 -7.07 -40.64
CA ARG E 245 -31.17 -6.06 -41.63
C ARG E 245 -29.99 -5.15 -41.99
N GLY E 246 -28.86 -5.29 -41.31
CA GLY E 246 -27.74 -4.41 -41.53
C GLY E 246 -26.66 -4.64 -40.50
N TYR E 247 -25.97 -3.56 -40.15
CA TYR E 247 -24.89 -3.65 -39.17
C TYR E 247 -24.85 -2.38 -38.34
N PHE E 248 -24.32 -2.51 -37.13
CA PHE E 248 -24.13 -1.39 -36.22
C PHE E 248 -22.68 -0.93 -36.27
N LYS E 249 -22.48 0.36 -36.41
CA LYS E 249 -21.09 0.84 -36.39
C LYS E 249 -20.54 0.61 -35.00
N MET E 250 -19.29 0.28 -34.93
CA MET E 250 -18.57 0.00 -33.70
C MET E 250 -17.44 1.01 -33.53
N ARG E 251 -17.46 1.61 -32.33
CA ARG E 251 -16.47 2.63 -31.96
C ARG E 251 -15.90 2.31 -30.59
N THR E 252 -14.68 2.74 -30.29
CA THR E 252 -14.13 2.67 -28.95
C THR E 252 -14.11 4.06 -28.32
N GLY E 253 -14.32 4.12 -27.02
CA GLY E 253 -14.34 5.40 -26.33
C GLY E 253 -14.74 5.23 -24.88
N LYS E 254 -15.04 6.37 -24.26
CA LYS E 254 -15.46 6.40 -22.86
C LYS E 254 -16.98 6.31 -22.81
N SER E 255 -17.52 5.10 -22.81
CA SER E 255 -18.94 4.89 -22.76
C SER E 255 -19.23 3.65 -21.94
N SER E 256 -20.24 3.74 -21.07
CA SER E 256 -20.58 2.62 -20.19
C SER E 256 -22.08 2.66 -19.93
N ILE E 257 -22.54 1.66 -19.19
CA ILE E 257 -23.94 1.53 -18.82
C ILE E 257 -24.02 1.48 -17.30
N MET E 258 -25.03 2.13 -16.74
CA MET E 258 -25.21 2.20 -15.30
C MET E 258 -26.67 1.90 -14.97
N ARG E 259 -26.87 1.14 -13.91
CA ARG E 259 -28.21 0.82 -13.43
C ARG E 259 -28.51 1.74 -12.24
N SER E 260 -29.38 2.71 -12.46
CA SER E 260 -29.72 3.68 -11.43
C SER E 260 -31.19 4.02 -11.53
N ASP E 261 -31.72 4.56 -10.44
CA ASP E 261 -33.08 5.09 -10.41
C ASP E 261 -33.11 6.57 -10.07
N ALA E 262 -31.96 7.23 -10.02
CA ALA E 262 -31.92 8.65 -9.72
C ALA E 262 -32.39 9.47 -10.92
N PRO E 263 -33.05 10.59 -10.68
CA PRO E 263 -33.44 11.46 -11.80
C PRO E 263 -32.26 12.27 -12.32
N ILE E 264 -32.43 12.79 -13.53
CA ILE E 264 -31.40 13.53 -14.23
C ILE E 264 -31.72 15.02 -14.12
N ASP E 265 -30.73 15.81 -13.70
CA ASP E 265 -30.91 17.25 -13.56
C ASP E 265 -29.85 18.02 -14.35
N THR E 266 -29.81 19.34 -14.19
CA THR E 266 -28.90 20.19 -14.94
C THR E 266 -27.85 20.76 -13.99
N CYS E 267 -26.65 20.19 -14.05
CA CYS E 267 -25.52 20.73 -13.29
C CYS E 267 -24.23 20.24 -13.93
N ILE E 268 -23.12 20.48 -13.27
CA ILE E 268 -21.82 20.12 -13.81
C ILE E 268 -21.12 19.29 -12.74
N SER E 269 -21.23 17.97 -12.85
CA SER E 269 -20.59 17.04 -11.93
C SER E 269 -19.75 16.06 -12.73
N GLU E 270 -18.49 15.87 -12.31
CA GLU E 270 -17.58 15.06 -13.08
C GLU E 270 -17.86 13.56 -12.98
N CYS E 271 -18.34 13.07 -11.83
CA CYS E 271 -18.59 11.65 -11.68
C CYS E 271 -20.07 11.38 -11.42
N ILE E 272 -20.51 10.20 -11.83
CA ILE E 272 -21.89 9.76 -11.71
C ILE E 272 -21.90 8.44 -10.95
N THR E 273 -22.79 8.35 -9.96
CA THR E 273 -22.98 7.17 -9.12
C THR E 273 -24.46 6.81 -9.13
N PRO E 274 -24.80 5.52 -9.01
CA PRO E 274 -26.22 5.15 -9.02
C PRO E 274 -27.04 5.84 -7.93
N ASN E 275 -26.41 6.33 -6.87
CA ASN E 275 -27.08 7.10 -5.84
C ASN E 275 -27.12 8.59 -6.15
N GLY E 276 -26.54 9.01 -7.27
CA GLY E 276 -26.51 10.40 -7.68
C GLY E 276 -25.12 10.81 -8.11
N SER E 277 -24.90 12.11 -8.23
CA SER E 277 -23.60 12.64 -8.61
C SER E 277 -22.89 13.17 -7.37
N ILE E 278 -21.63 12.81 -7.23
CA ILE E 278 -20.87 13.17 -6.03
C ILE E 278 -19.78 14.17 -6.39
N PRO E 279 -19.42 15.08 -5.49
CA PRO E 279 -18.31 16.00 -5.77
C PRO E 279 -16.98 15.27 -5.82
N ASN E 280 -16.04 15.84 -6.56
CA ASN E 280 -14.78 15.19 -6.88
C ASN E 280 -13.58 15.82 -6.16
N ASP E 281 -13.82 16.78 -5.26
CA ASP E 281 -12.69 17.41 -4.58
C ASP E 281 -11.98 16.45 -3.63
N LYS E 282 -12.72 15.55 -2.99
CA LYS E 282 -12.17 14.70 -1.94
C LYS E 282 -11.46 13.48 -2.54
N PRO E 283 -10.52 12.88 -1.80
CA PRO E 283 -9.75 11.76 -2.34
C PRO E 283 -10.47 10.42 -2.29
N PHE E 284 -11.34 10.22 -1.31
CA PHE E 284 -12.03 8.95 -1.10
C PHE E 284 -13.53 9.21 -0.97
N GLN E 285 -14.32 8.18 -1.24
CA GLN E 285 -15.77 8.27 -1.11
C GLN E 285 -16.33 6.94 -0.62
N ASN E 286 -17.49 7.02 0.01
CA ASN E 286 -18.17 5.85 0.56
C ASN E 286 -19.59 5.69 0.02
N VAL E 287 -19.96 6.46 -1.00
CA VAL E 287 -21.34 6.42 -1.48
C VAL E 287 -21.64 5.12 -2.20
N ASN E 288 -20.77 4.73 -3.15
CA ASN E 288 -21.04 3.55 -3.95
C ASN E 288 -19.75 3.10 -4.63
N LYS E 289 -19.66 1.80 -4.86
CA LYS E 289 -18.52 1.22 -5.57
C LYS E 289 -18.64 1.32 -7.08
N ILE E 290 -19.84 1.60 -7.59
CA ILE E 290 -20.06 1.78 -9.03
C ILE E 290 -19.98 3.27 -9.33
N THR E 291 -19.08 3.63 -10.23
CA THR E 291 -18.80 5.02 -10.54
C THR E 291 -18.48 5.18 -12.02
N TYR E 292 -18.65 6.40 -12.52
CA TYR E 292 -18.31 6.74 -13.90
C TYR E 292 -17.66 8.11 -13.94
N GLY E 293 -16.39 8.15 -14.33
CA GLY E 293 -15.69 9.39 -14.51
C GLY E 293 -14.61 9.63 -13.47
N ALA E 294 -14.32 10.92 -13.27
CA ALA E 294 -13.31 11.35 -12.31
C ALA E 294 -13.98 11.51 -10.95
N CYS E 295 -13.78 10.53 -10.07
CA CYS E 295 -14.38 10.59 -8.74
C CYS E 295 -13.48 9.86 -7.77
N PRO E 296 -13.63 10.12 -6.46
CA PRO E 296 -12.74 9.52 -5.48
C PRO E 296 -12.84 8.00 -5.46
N LYS E 297 -11.80 7.38 -4.92
CA LYS E 297 -11.79 5.94 -4.74
C LYS E 297 -12.79 5.53 -3.67
N TYR E 298 -13.17 4.27 -3.70
CA TYR E 298 -14.12 3.74 -2.73
C TYR E 298 -13.37 3.12 -1.56
N VAL E 299 -13.78 3.49 -0.35
CA VAL E 299 -13.21 2.96 0.87
C VAL E 299 -14.35 2.49 1.76
N LYS E 300 -14.05 1.52 2.62
CA LYS E 300 -15.02 1.05 3.59
C LYS E 300 -15.27 2.04 4.72
N GLN E 301 -14.35 2.97 4.94
CA GLN E 301 -14.43 3.86 6.08
C GLN E 301 -15.53 4.90 5.92
N SER E 302 -16.19 5.23 7.02
CA SER E 302 -17.21 6.26 7.00
C SER E 302 -16.62 7.66 7.12
N THR E 303 -15.50 7.81 7.83
CA THR E 303 -14.87 9.11 8.01
C THR E 303 -13.37 8.96 7.99
N LEU E 304 -12.69 10.04 7.60
CA LEU E 304 -11.22 10.08 7.57
C LEU E 304 -10.83 11.55 7.63
N LYS E 305 -10.20 11.95 8.73
CA LYS E 305 -9.90 13.36 8.98
C LYS E 305 -8.41 13.59 8.90
N LEU E 306 -8.03 14.63 8.16
CA LEU E 306 -6.64 15.06 8.04
C LEU E 306 -6.42 16.29 8.89
N ALA E 307 -5.37 16.28 9.69
CA ALA E 307 -5.12 17.33 10.67
C ALA E 307 -4.49 18.54 10.00
N THR E 308 -5.26 19.59 9.82
CA THR E 308 -4.73 20.88 9.37
C THR E 308 -4.50 21.81 10.55
N GLY E 309 -3.60 21.40 11.44
CA GLY E 309 -3.33 22.17 12.63
C GLY E 309 -2.55 21.34 13.62
N MET E 310 -2.28 21.96 14.76
CA MET E 310 -1.48 21.35 15.81
C MET E 310 -2.37 20.78 16.89
N ARG E 311 -1.74 20.23 17.93
CA ARG E 311 -2.45 19.78 19.11
C ARG E 311 -3.26 20.94 19.70
N ASN E 312 -4.31 20.57 20.44
CA ASN E 312 -5.24 21.57 20.94
C ASN E 312 -5.32 21.56 22.46
N VAL E 313 -4.17 21.57 23.14
CA VAL E 313 -4.17 21.65 24.60
C VAL E 313 -4.69 23.02 25.02
N PRO E 314 -5.81 23.09 25.74
CA PRO E 314 -6.35 24.38 26.15
C PRO E 314 -5.83 24.82 27.50
N GLU E 315 -6.24 26.00 27.96
CA GLU E 315 -5.81 26.50 29.27
C GLU E 315 -6.85 26.18 30.33
N LYS E 325 11.59 19.03 20.85
CA LYS E 325 10.11 19.05 20.95
C LYS E 325 9.68 20.10 21.96
N ALA E 326 8.66 20.89 21.59
CA ALA E 326 8.23 22.04 22.41
C ALA E 326 6.72 21.98 22.66
N GLY F 327 8.40 20.37 24.65
CA GLY F 327 8.10 19.69 25.90
C GLY F 327 8.06 20.57 27.12
N PHE F 328 8.40 21.86 26.99
CA PHE F 328 8.35 22.80 28.09
C PHE F 328 7.07 23.62 28.12
N ILE F 329 6.47 23.88 26.96
CA ILE F 329 5.16 24.53 26.93
C ILE F 329 4.10 23.50 27.28
N GLU F 330 3.35 23.76 28.33
CA GLU F 330 2.35 22.83 28.82
C GLU F 330 0.97 23.46 28.83
N ASN F 331 0.68 24.27 27.83
CA ASN F 331 -0.60 24.98 27.74
C ASN F 331 -0.73 25.53 26.33
N GLY F 332 -1.92 26.03 26.01
CA GLY F 332 -2.14 26.69 24.74
C GLY F 332 -2.88 27.99 24.96
N TRP F 333 -2.33 29.09 24.47
CA TRP F 333 -2.85 30.43 24.74
C TRP F 333 -4.07 30.66 23.87
N GLU F 334 -5.25 30.37 24.42
CA GLU F 334 -6.48 30.85 23.82
C GLU F 334 -6.55 32.36 23.98
N GLY F 335 -6.87 33.05 22.89
CA GLY F 335 -6.72 34.48 22.81
C GLY F 335 -5.57 34.93 21.94
N MET F 336 -4.81 33.99 21.40
CA MET F 336 -3.80 34.26 20.38
C MET F 336 -4.50 34.11 19.03
N ILE F 337 -5.04 35.22 18.53
CA ILE F 337 -5.92 35.19 17.36
C ILE F 337 -5.32 35.88 16.15
N ASP F 338 -4.02 36.17 16.15
CA ASP F 338 -3.36 36.79 15.01
C ASP F 338 -2.18 35.95 14.55
N GLY F 339 -2.31 34.64 14.66
CA GLY F 339 -1.24 33.74 14.26
C GLY F 339 -1.23 32.50 15.14
N TRP F 340 -0.34 31.59 14.79
CA TRP F 340 -0.18 30.32 15.49
C TRP F 340 0.86 30.36 16.60
N TYR F 341 1.85 31.24 16.49
CA TYR F 341 2.93 31.33 17.45
C TYR F 341 3.14 32.80 17.81
N GLY F 342 3.68 33.04 18.99
CA GLY F 342 3.94 34.42 19.38
C GLY F 342 4.50 34.50 20.78
N PHE F 343 4.61 35.74 21.24
CA PHE F 343 5.22 36.07 22.52
C PHE F 343 4.24 36.87 23.37
N ARG F 344 4.42 36.78 24.68
CA ARG F 344 3.86 37.75 25.60
C ARG F 344 4.86 38.02 26.70
N HIS F 345 4.89 39.27 27.15
CA HIS F 345 5.94 39.76 28.03
C HIS F 345 5.33 40.52 29.20
N GLN F 346 6.12 40.67 30.26
CA GLN F 346 5.77 41.48 31.42
C GLN F 346 7.01 42.29 31.79
N ASN F 347 7.10 43.49 31.25
CA ASN F 347 8.19 44.41 31.59
C ASN F 347 7.65 45.48 32.54
N SER F 348 8.47 46.50 32.79
CA SER F 348 8.07 47.57 33.70
C SER F 348 6.90 48.36 33.14
N GLU F 349 6.81 48.49 31.81
CA GLU F 349 5.70 49.23 31.22
C GLU F 349 4.37 48.49 31.41
N GLY F 350 4.36 47.19 31.21
CA GLY F 350 3.16 46.41 31.45
C GLY F 350 3.11 45.18 30.56
N THR F 351 2.09 44.37 30.79
CA THR F 351 1.91 43.14 30.03
C THR F 351 1.56 43.45 28.59
N GLY F 352 2.14 42.67 27.67
CA GLY F 352 1.84 42.82 26.26
C GLY F 352 1.69 41.46 25.60
N GLN F 353 1.24 41.49 24.35
CA GLN F 353 1.02 40.29 23.57
C GLN F 353 1.36 40.56 22.12
N ALA F 354 1.94 39.58 21.45
CA ALA F 354 2.30 39.72 20.05
C ALA F 354 2.30 38.34 19.41
N ALA F 355 2.24 38.32 18.08
CA ALA F 355 2.18 37.09 17.32
C ALA F 355 3.29 37.08 16.29
N ASP F 356 3.93 35.92 16.15
CA ASP F 356 4.96 35.73 15.14
C ASP F 356 4.31 35.35 13.81
N LEU F 357 4.90 35.82 12.72
CA LEU F 357 4.33 35.63 11.40
C LEU F 357 5.20 34.80 10.48
N LYS F 358 6.53 34.87 10.61
CA LYS F 358 7.41 34.02 9.83
C LYS F 358 7.20 32.56 10.18
N SER F 359 7.06 32.24 11.47
CA SER F 359 6.89 30.86 11.89
C SER F 359 5.50 30.35 11.59
N THR F 360 4.49 31.22 11.67
CA THR F 360 3.11 30.80 11.41
C THR F 360 2.91 30.41 9.96
N GLN F 361 3.38 31.25 9.03
CA GLN F 361 3.17 30.98 7.62
C GLN F 361 4.02 29.80 7.13
N ALA F 362 5.17 29.57 7.77
CA ALA F 362 5.95 28.40 7.45
C ALA F 362 5.18 27.12 7.77
N ALA F 363 4.50 27.10 8.91
CA ALA F 363 3.72 25.93 9.28
C ALA F 363 2.49 25.77 8.39
N ILE F 364 1.83 26.88 8.05
CA ILE F 364 0.63 26.81 7.23
C ILE F 364 0.98 26.39 5.81
N ASP F 365 2.09 26.89 5.28
CA ASP F 365 2.50 26.53 3.93
C ASP F 365 2.74 25.03 3.81
N GLN F 366 3.43 24.45 4.80
CA GLN F 366 3.73 23.03 4.75
C GLN F 366 2.47 22.19 4.90
N ILE F 367 1.54 22.61 5.76
CA ILE F 367 0.27 21.92 5.88
C ILE F 367 -0.54 22.09 4.60
N ASN F 368 -0.49 23.28 4.01
CA ASN F 368 -1.20 23.51 2.75
C ASN F 368 -0.62 22.65 1.63
N GLY F 369 0.71 22.52 1.59
CA GLY F 369 1.33 21.69 0.56
C GLY F 369 1.00 20.22 0.73
N LYS F 370 0.91 19.76 1.97
CA LYS F 370 0.50 18.39 2.24
C LYS F 370 -0.91 18.11 1.75
N LEU F 371 -1.82 19.05 1.99
CA LEU F 371 -3.21 18.86 1.59
C LEU F 371 -3.36 18.78 0.08
N ASN F 372 -2.61 19.62 -0.64
CA ASN F 372 -2.70 19.63 -2.09
C ASN F 372 -2.27 18.30 -2.69
N ARG F 373 -1.20 17.71 -2.14
CA ARG F 373 -0.70 16.45 -2.66
C ARG F 373 -1.69 15.32 -2.44
N VAL F 374 -2.40 15.33 -1.30
CA VAL F 374 -3.40 14.31 -1.04
C VAL F 374 -4.61 14.49 -1.96
N ILE F 375 -5.00 15.75 -2.21
CA ILE F 375 -6.27 16.05 -2.86
C ILE F 375 -6.27 15.75 -4.35
N GLU F 376 -5.10 15.70 -5.00
CA GLU F 376 -5.04 15.62 -6.45
C GLU F 376 -5.88 14.47 -6.99
N LYS F 377 -6.66 14.76 -8.03
CA LYS F 377 -7.58 13.80 -8.64
C LYS F 377 -6.90 13.20 -9.86
N THR F 378 -6.53 11.92 -9.76
CA THR F 378 -5.86 11.22 -10.86
C THR F 378 -6.54 9.90 -11.20
N ASN F 379 -7.72 9.63 -10.66
CA ASN F 379 -8.46 8.41 -10.92
C ASN F 379 -9.61 8.74 -11.87
N GLU F 380 -9.55 8.21 -13.10
CA GLU F 380 -10.54 8.46 -14.12
C GLU F 380 -10.87 7.14 -14.80
N LYS F 381 -11.97 6.51 -14.40
CA LYS F 381 -12.37 5.21 -14.91
C LYS F 381 -13.73 5.34 -15.59
N PHE F 382 -13.86 4.75 -16.77
CA PHE F 382 -15.06 4.89 -17.58
C PHE F 382 -15.86 3.60 -17.67
N HIS F 383 -15.28 2.51 -18.15
CA HIS F 383 -15.99 1.24 -18.28
C HIS F 383 -15.26 0.19 -17.47
N GLN F 384 -15.96 -0.37 -16.48
CA GLN F 384 -15.41 -1.35 -15.58
C GLN F 384 -16.34 -2.55 -15.54
N ILE F 385 -16.00 -3.55 -14.72
CA ILE F 385 -16.81 -4.75 -14.63
C ILE F 385 -18.07 -4.47 -13.84
N GLU F 386 -19.03 -5.38 -13.94
CA GLU F 386 -20.28 -5.26 -13.21
C GLU F 386 -20.08 -5.73 -11.78
N LYS F 387 -20.57 -4.95 -10.82
CA LYS F 387 -20.31 -5.20 -9.41
C LYS F 387 -21.55 -5.67 -8.65
N GLU F 388 -22.75 -5.44 -9.17
CA GLU F 388 -23.97 -5.96 -8.58
C GLU F 388 -24.59 -6.97 -9.53
N PHE F 389 -25.13 -8.05 -8.95
CA PHE F 389 -25.67 -9.15 -9.73
C PHE F 389 -27.07 -9.47 -9.27
N SER F 390 -27.96 -9.75 -10.22
CA SER F 390 -29.34 -10.12 -9.94
C SER F 390 -29.53 -11.63 -9.86
N GLU F 391 -29.06 -12.35 -10.87
CA GLU F 391 -29.13 -13.80 -10.88
C GLU F 391 -27.98 -14.39 -10.08
N VAL F 392 -27.95 -15.71 -10.00
CA VAL F 392 -26.88 -16.44 -9.33
C VAL F 392 -26.15 -17.27 -10.37
N GLU F 393 -24.87 -16.98 -10.57
CA GLU F 393 -24.01 -17.69 -11.49
C GLU F 393 -22.88 -18.36 -10.71
N GLY F 394 -21.93 -18.92 -11.43
CA GLY F 394 -20.87 -19.69 -10.80
C GLY F 394 -19.54 -18.98 -10.67
N ARG F 395 -18.52 -19.51 -11.36
CA ARG F 395 -17.15 -19.08 -11.14
C ARG F 395 -16.96 -17.62 -11.53
N ILE F 396 -17.51 -17.21 -12.67
CA ILE F 396 -17.25 -15.87 -13.19
C ILE F 396 -17.80 -14.81 -12.24
N GLN F 397 -19.01 -15.03 -11.73
CA GLN F 397 -19.60 -14.07 -10.79
C GLN F 397 -18.81 -14.00 -9.49
N ASP F 398 -18.38 -15.15 -8.97
CA ASP F 398 -17.60 -15.16 -7.74
C ASP F 398 -16.25 -14.48 -7.91
N LEU F 399 -15.60 -14.71 -9.05
CA LEU F 399 -14.31 -14.07 -9.31
C LEU F 399 -14.45 -12.55 -9.37
N GLU F 400 -15.51 -12.06 -10.00
CA GLU F 400 -15.74 -10.63 -10.07
C GLU F 400 -15.93 -10.04 -8.67
N LYS F 401 -16.68 -10.74 -7.82
CA LYS F 401 -16.87 -10.27 -6.45
C LYS F 401 -15.56 -10.31 -5.67
N TYR F 402 -14.73 -11.33 -5.92
CA TYR F 402 -13.45 -11.42 -5.23
C TYR F 402 -12.52 -10.28 -5.63
N VAL F 403 -12.51 -9.91 -6.91
CA VAL F 403 -11.60 -8.87 -7.38
C VAL F 403 -11.97 -7.52 -6.77
N GLU F 404 -13.27 -7.19 -6.76
CA GLU F 404 -13.69 -5.91 -6.21
C GLU F 404 -13.48 -5.84 -4.71
N ASP F 405 -13.73 -6.94 -4.01
CA ASP F 405 -13.48 -6.96 -2.57
C ASP F 405 -12.00 -6.80 -2.27
N THR F 406 -11.14 -7.44 -3.06
CA THR F 406 -9.70 -7.29 -2.88
C THR F 406 -9.26 -5.85 -3.12
N LYS F 407 -9.81 -5.21 -4.15
CA LYS F 407 -9.45 -3.84 -4.47
C LYS F 407 -9.90 -2.88 -3.37
N ILE F 408 -11.07 -3.12 -2.79
CA ILE F 408 -11.59 -2.22 -1.77
C ILE F 408 -10.77 -2.31 -0.49
N ASP F 409 -10.44 -3.53 -0.07
CA ASP F 409 -9.64 -3.70 1.15
C ASP F 409 -8.27 -3.06 1.02
N LEU F 410 -7.63 -3.22 -0.15
CA LEU F 410 -6.31 -2.63 -0.34
C LEU F 410 -6.35 -1.11 -0.30
N TRP F 411 -7.36 -0.51 -0.94
CA TRP F 411 -7.46 0.94 -0.93
C TRP F 411 -7.94 1.47 0.41
N SER F 412 -8.73 0.69 1.14
CA SER F 412 -9.13 1.10 2.48
C SER F 412 -7.94 1.11 3.43
N TYR F 413 -7.06 0.13 3.31
CA TYR F 413 -5.84 0.12 4.12
C TYR F 413 -4.93 1.28 3.75
N ASN F 414 -4.83 1.58 2.46
CA ASN F 414 -4.00 2.71 2.04
C ASN F 414 -4.55 4.03 2.55
N ALA F 415 -5.88 4.12 2.65
CA ALA F 415 -6.49 5.35 3.15
C ALA F 415 -6.19 5.55 4.64
N GLU F 416 -6.20 4.47 5.41
CA GLU F 416 -5.93 4.58 6.84
C GLU F 416 -4.46 4.94 7.09
N LEU F 417 -3.55 4.26 6.42
CA LEU F 417 -2.13 4.51 6.65
C LEU F 417 -1.74 5.91 6.20
N LEU F 418 -2.29 6.37 5.08
CA LEU F 418 -1.97 7.70 4.59
C LEU F 418 -2.41 8.77 5.58
N VAL F 419 -3.62 8.63 6.11
CA VAL F 419 -4.13 9.60 7.08
C VAL F 419 -3.31 9.54 8.36
N ALA F 420 -2.99 8.33 8.82
CA ALA F 420 -2.22 8.17 10.05
C ALA F 420 -0.82 8.75 9.89
N LEU F 421 -0.20 8.53 8.73
CA LEU F 421 1.16 9.03 8.51
C LEU F 421 1.19 10.55 8.40
N GLU F 422 0.26 11.12 7.64
CA GLU F 422 0.29 12.57 7.43
C GLU F 422 -0.12 13.33 8.68
N ASN F 423 -0.90 12.71 9.57
CA ASN F 423 -1.27 13.37 10.81
C ASN F 423 -0.09 13.42 11.77
N GLN F 424 0.63 12.32 11.90
CA GLN F 424 1.78 12.29 12.80
C GLN F 424 2.86 13.24 12.33
N HIS F 425 2.98 13.42 11.01
CA HIS F 425 3.92 14.41 10.50
C HIS F 425 3.45 15.82 10.79
N THR F 426 2.14 16.06 10.79
CA THR F 426 1.62 17.40 11.07
C THR F 426 1.85 17.79 12.52
N ILE F 427 1.65 16.84 13.45
CA ILE F 427 1.92 17.12 14.86
C ILE F 427 3.41 17.40 15.08
N ASP F 428 4.28 16.57 14.51
CA ASP F 428 5.73 16.81 14.80
C ASP F 428 6.13 18.18 14.22
N LEU F 429 5.80 18.42 12.95
CA LEU F 429 6.09 19.69 12.24
C LEU F 429 5.67 20.86 13.11
N THR F 430 4.47 20.78 13.68
CA THR F 430 4.01 21.95 14.42
C THR F 430 4.76 22.10 15.74
N ASP F 431 5.09 20.99 16.41
CA ASP F 431 5.89 21.07 17.61
C ASP F 431 7.31 21.50 17.30
N SER F 432 7.85 21.09 16.15
CA SER F 432 9.19 21.50 15.77
C SER F 432 9.27 23.00 15.52
N GLU F 433 8.24 23.57 14.91
CA GLU F 433 8.26 25.00 14.59
C GLU F 433 8.25 25.85 15.84
N MET F 434 7.68 25.33 16.93
CA MET F 434 7.72 26.06 18.20
C MET F 434 9.10 26.01 18.82
N ASN F 435 9.74 24.84 18.79
CA ASN F 435 11.10 24.73 19.31
C ASN F 435 12.08 25.56 18.47
N LYS F 436 11.87 25.58 17.15
CA LYS F 436 12.73 26.40 16.29
C LYS F 436 12.63 27.87 16.66
N LEU F 437 11.42 28.36 16.95
CA LEU F 437 11.27 29.74 17.38
C LEU F 437 11.91 29.95 18.75
N PHE F 438 11.76 28.98 19.65
CA PHE F 438 12.37 29.08 20.97
C PHE F 438 13.88 29.06 20.87
N GLU F 439 14.44 28.21 20.00
CA GLU F 439 15.88 28.10 19.87
C GLU F 439 16.50 29.39 19.34
N LYS F 440 15.83 30.05 18.39
CA LYS F 440 16.40 31.26 17.81
C LYS F 440 16.27 32.44 18.75
N THR F 441 15.22 32.46 19.58
CA THR F 441 15.12 33.51 20.59
C THR F 441 16.15 33.32 21.70
N ARG F 442 16.50 32.07 22.01
CA ARG F 442 17.54 31.81 22.99
C ARG F 442 18.89 32.30 22.51
N ARG F 443 19.22 32.05 21.24
CA ARG F 443 20.51 32.46 20.71
C ARG F 443 20.60 33.97 20.61
N GLN F 444 19.46 34.64 20.47
CA GLN F 444 19.45 36.10 20.34
C GLN F 444 19.89 36.76 21.64
N LEU F 445 19.40 36.27 22.77
CA LEU F 445 19.77 36.81 24.09
C LEU F 445 20.98 36.02 24.59
N ARG F 446 22.12 36.29 23.97
CA ARG F 446 23.36 35.61 24.30
C ARG F 446 23.80 36.02 25.70
N GLU F 447 23.63 35.12 26.66
CA GLU F 447 24.07 35.31 28.05
C GLU F 447 23.44 36.53 28.71
N ASN F 448 22.28 36.97 28.22
CA ASN F 448 21.51 38.03 28.86
C ASN F 448 20.19 37.54 29.42
N ALA F 449 19.89 36.25 29.31
CA ALA F 449 18.63 35.71 29.79
C ALA F 449 18.84 34.27 30.22
N GLU F 450 17.98 33.81 31.08
CA GLU F 450 18.09 32.38 31.37
C GLU F 450 16.74 31.74 31.20
N ASP F 451 16.78 30.49 30.81
CA ASP F 451 15.59 29.67 30.64
C ASP F 451 14.97 29.38 32.00
N MET F 452 13.63 29.42 32.03
CA MET F 452 12.95 29.31 33.32
C MET F 452 12.07 28.06 33.33
N GLY F 453 12.52 26.99 32.69
CA GLY F 453 11.78 25.74 32.66
C GLY F 453 10.70 25.74 31.61
N ASN F 454 9.63 26.49 31.85
CA ASN F 454 8.60 26.67 30.84
C ASN F 454 9.14 27.53 29.70
N GLY F 455 8.31 27.74 28.69
CA GLY F 455 8.75 28.46 27.52
C GLY F 455 8.84 29.96 27.71
N CYS F 456 9.55 30.40 28.73
CA CYS F 456 9.71 31.83 28.99
C CYS F 456 11.13 32.11 29.47
N PHE F 457 11.66 33.25 29.06
CA PHE F 457 12.98 33.70 29.46
C PHE F 457 12.87 34.77 30.54
N LYS F 458 13.91 34.88 31.36
CA LYS F 458 14.05 35.95 32.32
C LYS F 458 15.20 36.85 31.87
N ILE F 459 14.86 38.02 31.33
CA ILE F 459 15.85 38.99 30.89
C ILE F 459 16.33 39.75 32.11
N TYR F 460 17.65 39.78 32.30
CA TYR F 460 18.25 40.36 33.49
C TYR F 460 18.66 41.82 33.30
N HIS F 461 17.94 42.55 32.45
CA HIS F 461 18.17 43.97 32.30
C HIS F 461 16.84 44.63 31.98
N LYS F 462 16.79 45.95 32.16
CA LYS F 462 15.56 46.71 31.95
C LYS F 462 15.19 46.69 30.47
N CYS F 463 14.09 46.02 30.15
CA CYS F 463 13.57 45.97 28.78
C CYS F 463 12.35 46.88 28.70
N ASP F 464 12.37 47.79 27.74
CA ASP F 464 11.21 48.59 27.43
C ASP F 464 10.44 47.92 26.29
N ASN F 465 9.42 48.59 25.77
CA ASN F 465 8.65 48.01 24.68
C ASN F 465 9.49 47.89 23.41
N ALA F 466 10.38 48.86 23.17
CA ALA F 466 11.22 48.81 21.98
C ALA F 466 12.18 47.63 22.02
N CYS F 467 12.75 47.35 23.20
CA CYS F 467 13.68 46.23 23.32
C CYS F 467 12.99 44.90 23.03
N ILE F 468 11.76 44.74 23.53
CA ILE F 468 11.02 43.51 23.26
C ILE F 468 10.68 43.40 21.78
N GLU F 469 10.37 44.53 21.14
CA GLU F 469 10.08 44.53 19.71
C GLU F 469 11.30 44.09 18.91
N SER F 470 12.49 44.55 19.30
CA SER F 470 13.70 44.15 18.59
C SER F 470 13.96 42.66 18.73
N ILE F 471 13.49 42.05 19.81
CA ILE F 471 13.60 40.60 19.97
C ILE F 471 12.76 39.90 18.89
N ARG F 472 11.56 40.40 18.65
CA ARG F 472 10.69 39.79 17.64
C ARG F 472 11.16 40.12 16.24
N ASN F 473 11.64 41.35 16.01
CA ASN F 473 12.11 41.71 14.68
C ASN F 473 13.31 40.88 14.27
N GLY F 474 14.25 40.65 15.17
CA GLY F 474 15.50 40.02 14.86
C GLY F 474 16.71 40.92 14.93
N THR F 475 16.56 42.13 15.45
CA THR F 475 17.63 43.12 15.48
C THR F 475 18.01 43.49 16.91
N TYR F 476 18.14 42.49 17.77
CA TYR F 476 18.47 42.69 19.18
C TYR F 476 19.99 42.67 19.35
N ASP F 477 20.55 43.78 19.79
CA ASP F 477 21.98 43.90 20.02
C ASP F 477 22.26 43.45 21.45
N HIS F 478 22.96 42.33 21.61
CA HIS F 478 23.19 41.74 22.91
C HIS F 478 24.36 42.38 23.65
N ASP F 479 25.07 43.31 23.03
CA ASP F 479 26.26 43.88 23.65
C ASP F 479 25.97 45.14 24.45
N ILE F 480 24.96 45.92 24.06
CA ILE F 480 24.67 47.15 24.80
C ILE F 480 24.12 46.82 26.18
N TYR F 481 23.33 45.77 26.29
CA TYR F 481 22.76 45.36 27.56
C TYR F 481 23.59 44.31 28.29
N ARG F 482 24.75 43.96 27.74
CA ARG F 482 25.50 42.81 28.27
C ARG F 482 26.07 43.09 29.64
N ASP F 483 26.71 44.26 29.82
CA ASP F 483 27.40 44.54 31.08
C ASP F 483 26.42 44.57 32.25
N GLU F 484 25.27 45.22 32.06
CA GLU F 484 24.31 45.32 33.15
C GLU F 484 23.56 44.01 33.36
N ALA F 485 23.47 43.18 32.33
CA ALA F 485 22.83 41.87 32.49
C ALA F 485 23.72 40.91 33.26
N LEU F 486 25.02 40.92 32.96
CA LEU F 486 25.94 39.99 33.63
C LEU F 486 26.08 40.33 35.10
N ASN F 487 25.97 41.62 35.45
CA ASN F 487 26.03 42.01 36.85
C ASN F 487 24.81 41.49 37.61
N ASN F 488 23.62 41.65 37.02
CA ASN F 488 22.41 41.17 37.66
C ASN F 488 22.40 39.66 37.78
N ARG F 489 22.88 38.96 36.75
CA ARG F 489 22.92 37.50 36.80
C ARG F 489 23.82 37.00 37.91
N PHE F 490 24.97 37.63 38.09
CA PHE F 490 25.93 37.22 39.11
C PHE F 490 26.25 38.36 40.07
N VAL G 2 -19.26 40.32 -2.91
CA VAL G 2 -18.14 41.06 -2.35
C VAL G 2 -17.95 42.37 -3.09
N GLN G 3 -17.78 43.46 -2.35
CA GLN G 3 -17.59 44.77 -2.97
C GLN G 3 -16.82 45.66 -2.01
N LEU G 4 -15.73 46.23 -2.49
CA LEU G 4 -14.89 47.15 -1.73
C LEU G 4 -14.96 48.52 -2.38
N LEU G 5 -15.34 49.54 -1.60
CA LEU G 5 -15.47 50.91 -2.09
C LEU G 5 -14.50 51.79 -1.32
N GLU G 6 -13.64 52.50 -2.03
CA GLU G 6 -12.65 53.38 -1.43
C GLU G 6 -13.15 54.82 -1.44
N SER G 7 -12.60 55.62 -0.52
CA SER G 7 -12.96 57.02 -0.41
C SER G 7 -11.83 57.77 0.29
N GLY G 8 -11.88 59.09 0.19
CA GLY G 8 -10.93 59.96 0.86
C GLY G 8 -9.85 60.51 -0.03
N GLY G 9 -9.71 60.03 -1.25
CA GLY G 9 -8.66 60.52 -2.14
C GLY G 9 -8.86 61.99 -2.46
N GLY G 10 -7.75 62.70 -2.59
CA GLY G 10 -7.81 64.12 -2.89
C GLY G 10 -6.43 64.72 -2.88
N LEU G 11 -6.39 66.04 -3.09
CA LEU G 11 -5.14 66.77 -3.13
C LEU G 11 -4.73 67.20 -1.72
N VAL G 12 -3.48 66.95 -1.37
CA VAL G 12 -2.95 67.30 -0.06
C VAL G 12 -1.57 67.91 -0.25
N GLN G 13 -1.30 68.98 0.48
CA GLN G 13 0.02 69.60 0.42
C GLN G 13 1.07 68.68 1.02
N PRO G 14 2.31 68.78 0.59
CA PRO G 14 3.37 67.94 1.19
C PRO G 14 3.49 68.20 2.67
N GLY G 15 3.71 67.13 3.42
CA GLY G 15 3.71 67.20 4.87
C GLY G 15 2.34 67.18 5.51
N GLY G 16 1.28 67.04 4.71
CA GLY G 16 -0.07 67.06 5.22
C GLY G 16 -0.53 65.68 5.66
N SER G 17 -1.83 65.57 5.90
CA SER G 17 -2.43 64.34 6.38
C SER G 17 -3.69 64.03 5.58
N LEU G 18 -4.04 62.75 5.53
CA LEU G 18 -5.23 62.32 4.81
C LEU G 18 -5.67 60.98 5.38
N ARG G 19 -6.98 60.73 5.31
CA ARG G 19 -7.56 59.51 5.86
C ARG G 19 -8.41 58.86 4.79
N LEU G 20 -8.11 57.60 4.48
CA LEU G 20 -8.81 56.85 3.45
C LEU G 20 -9.66 55.77 4.12
N SER G 21 -10.91 55.64 3.66
CA SER G 21 -11.83 54.65 4.18
C SER G 21 -12.24 53.70 3.06
N CYS G 22 -12.26 52.41 3.35
CA CYS G 22 -12.69 51.39 2.40
C CYS G 22 -13.86 50.63 3.03
N ALA G 23 -15.05 50.87 2.51
CA ALA G 23 -16.25 50.19 2.99
C ALA G 23 -16.40 48.86 2.27
N ALA G 24 -16.51 47.79 3.04
CA ALA G 24 -16.57 46.44 2.52
C ALA G 24 -17.89 45.80 2.91
N SER G 25 -18.59 45.23 1.93
CA SER G 25 -19.84 44.53 2.16
C SER G 25 -19.84 43.24 1.33
N GLY G 26 -20.60 42.26 1.82
CA GLY G 26 -20.73 41.00 1.13
C GLY G 26 -19.94 39.84 1.72
N PHE G 27 -19.24 40.07 2.84
CA PHE G 27 -18.49 38.99 3.48
C PHE G 27 -18.29 39.34 4.94
N THR G 28 -17.97 38.33 5.73
CA THR G 28 -17.67 38.52 7.15
C THR G 28 -16.35 39.28 7.27
N PHE G 29 -16.43 40.56 7.63
CA PHE G 29 -15.25 41.42 7.64
C PHE G 29 -14.26 41.04 8.73
N SER G 30 -14.71 40.41 9.81
CA SER G 30 -13.85 40.10 10.93
C SER G 30 -13.08 38.80 10.76
N THR G 31 -13.25 38.11 9.64
CA THR G 31 -12.58 36.85 9.39
C THR G 31 -11.35 36.98 8.50
N TYR G 32 -11.37 37.93 7.57
CA TYR G 32 -10.36 38.01 6.53
C TYR G 32 -9.44 39.20 6.75
N ALA G 33 -8.17 39.01 6.47
CA ALA G 33 -7.19 40.09 6.52
C ALA G 33 -7.39 41.03 5.34
N MET G 34 -6.93 42.27 5.51
CA MET G 34 -7.09 43.32 4.52
C MET G 34 -5.76 44.03 4.32
N SER G 35 -5.61 44.64 3.15
CA SER G 35 -4.34 45.26 2.78
C SER G 35 -4.60 46.50 1.95
N TRP G 36 -3.61 47.39 1.94
CA TRP G 36 -3.59 48.56 1.07
C TRP G 36 -2.43 48.41 0.10
N VAL G 37 -2.70 48.58 -1.19
CA VAL G 37 -1.70 48.45 -2.25
C VAL G 37 -1.81 49.68 -3.15
N ARG G 38 -0.68 50.32 -3.42
CA ARG G 38 -0.66 51.54 -4.22
C ARG G 38 0.09 51.32 -5.52
N GLN G 39 -0.33 52.04 -6.55
CA GLN G 39 0.29 52.00 -7.86
C GLN G 39 0.51 53.43 -8.35
N ALA G 40 1.76 53.83 -8.46
CA ALA G 40 2.08 55.15 -8.95
C ALA G 40 1.64 55.29 -10.41
N PRO G 41 1.29 56.50 -10.85
CA PRO G 41 0.81 56.66 -12.22
C PRO G 41 1.85 56.23 -13.25
N GLY G 42 1.55 55.17 -13.98
CA GLY G 42 2.43 54.65 -15.00
C GLY G 42 3.45 53.64 -14.52
N LYS G 43 3.66 53.50 -13.22
CA LYS G 43 4.62 52.56 -12.69
C LYS G 43 3.91 51.33 -12.13
N GLY G 44 4.67 50.45 -11.48
CA GLY G 44 4.15 49.18 -11.02
C GLY G 44 3.47 49.26 -9.68
N LEU G 45 3.12 48.08 -9.16
CA LEU G 45 2.39 47.96 -7.92
C LEU G 45 3.33 47.87 -6.74
N GLU G 46 2.97 48.53 -5.64
CA GLU G 46 3.76 48.54 -4.43
C GLU G 46 2.87 48.27 -3.23
N TRP G 47 3.27 47.30 -2.41
CA TRP G 47 2.53 46.99 -1.20
C TRP G 47 2.73 48.08 -0.16
N VAL G 48 1.68 48.38 0.59
CA VAL G 48 1.71 49.44 1.60
C VAL G 48 1.57 48.88 3.01
N SER G 49 0.44 48.24 3.31
CA SER G 49 0.18 47.76 4.65
C SER G 49 -0.81 46.60 4.60
N THR G 50 -0.92 45.91 5.73
CA THR G 50 -1.89 44.84 5.91
C THR G 50 -2.27 44.78 7.38
N ILE G 51 -3.43 44.18 7.65
CA ILE G 51 -3.96 44.10 9.01
C ILE G 51 -4.65 42.75 9.19
N SER G 52 -4.59 42.23 10.41
CA SER G 52 -5.16 40.93 10.71
C SER G 52 -6.67 41.03 10.91
N GLY G 53 -7.31 39.88 11.15
CA GLY G 53 -8.75 39.85 11.27
C GLY G 53 -9.26 40.60 12.49
N SER G 54 -8.57 40.45 13.63
CA SER G 54 -8.96 41.15 14.83
C SER G 54 -8.41 42.57 14.91
N GLY G 55 -7.47 42.92 14.05
CA GLY G 55 -6.87 44.24 14.06
C GLY G 55 -5.69 44.39 14.99
N GLY G 56 -5.34 43.35 15.75
CA GLY G 56 -4.24 43.47 16.67
C GLY G 56 -2.86 43.44 16.04
N SER G 57 -2.74 42.87 14.84
CA SER G 57 -1.47 42.76 14.15
C SER G 57 -1.50 43.64 12.91
N THR G 58 -0.53 44.54 12.80
CA THR G 58 -0.41 45.44 11.67
C THR G 58 0.99 45.32 11.09
N TYR G 59 1.07 45.28 9.76
CA TYR G 59 2.34 45.15 9.06
C TYR G 59 2.45 46.27 8.03
N ASP G 60 3.60 46.93 7.99
CA ASP G 60 3.81 48.09 7.14
C ASP G 60 5.09 47.92 6.33
N ALA G 61 5.13 48.59 5.19
CA ALA G 61 6.32 48.59 4.35
C ALA G 61 7.34 49.59 4.89
N GLU G 62 8.59 49.39 4.50
CA GLU G 62 9.68 50.22 5.04
C GLU G 62 9.55 51.66 4.59
N SER G 63 9.15 51.89 3.34
CA SER G 63 8.98 53.26 2.86
C SER G 63 7.73 53.93 3.38
N VAL G 64 7.02 53.27 4.28
CA VAL G 64 5.74 53.74 4.78
C VAL G 64 5.71 53.62 6.30
N LYS G 65 6.66 52.84 6.84
CA LYS G 65 6.58 52.34 8.20
C LYS G 65 6.21 53.39 9.24
N GLY G 66 7.02 54.42 9.38
CA GLY G 66 6.78 55.40 10.40
C GLY G 66 5.76 56.46 10.07
N ARG G 67 5.24 56.48 8.85
CA ARG G 67 4.37 57.56 8.40
C ARG G 67 2.89 57.16 8.32
N PHE G 68 2.56 56.07 7.64
CA PHE G 68 1.18 55.67 7.45
C PHE G 68 0.84 54.52 8.39
N THR G 69 -0.37 54.56 8.93
CA THR G 69 -0.88 53.52 9.82
C THR G 69 -2.19 52.97 9.27
N ILE G 70 -2.54 51.78 9.75
CA ILE G 70 -3.72 51.06 9.29
C ILE G 70 -4.60 50.72 10.49
N SER G 71 -5.89 50.56 10.24
CA SER G 71 -6.84 50.27 11.31
C SER G 71 -8.10 49.68 10.72
N ARG G 72 -8.90 49.07 11.59
CA ARG G 72 -10.20 48.53 11.22
C ARG G 72 -11.25 48.91 12.27
N ASP G 73 -12.50 48.90 11.84
CA ASP G 73 -13.65 48.99 12.74
C ASP G 73 -14.58 47.86 12.33
N ASN G 74 -14.39 46.69 12.92
CA ASN G 74 -15.12 45.50 12.50
C ASN G 74 -16.63 45.66 12.71
N SER G 75 -17.04 46.56 13.61
CA SER G 75 -18.46 46.82 13.78
C SER G 75 -19.04 47.52 12.55
N LYS G 76 -18.31 48.51 12.01
CA LYS G 76 -18.78 49.27 10.87
C LYS G 76 -18.35 48.69 9.53
N ASN G 77 -17.57 47.61 9.54
CA ASN G 77 -17.12 46.94 8.32
C ASN G 77 -16.37 47.90 7.39
N THR G 78 -15.50 48.73 7.97
CA THR G 78 -14.75 49.72 7.21
C THR G 78 -13.27 49.61 7.56
N LEU G 79 -12.43 49.73 6.55
CA LEU G 79 -10.97 49.68 6.71
C LEU G 79 -10.41 51.07 6.51
N TYR G 80 -9.57 51.52 7.44
CA TYR G 80 -9.05 52.88 7.46
C TYR G 80 -7.54 52.88 7.32
N LEU G 81 -7.02 53.77 6.48
CA LEU G 81 -5.60 54.04 6.38
C LEU G 81 -5.35 55.51 6.64
N GLN G 82 -4.45 55.81 7.56
CA GLN G 82 -4.16 57.19 7.96
C GLN G 82 -2.80 57.59 7.43
N MET G 83 -2.76 58.74 6.75
CA MET G 83 -1.54 59.33 6.25
C MET G 83 -1.14 60.47 7.17
N ASN G 84 0.09 60.44 7.67
CA ASN G 84 0.55 61.46 8.62
C ASN G 84 1.54 62.43 8.00
N SER G 85 2.61 61.93 7.39
CA SER G 85 3.60 62.76 6.72
C SER G 85 3.67 62.31 5.26
N LEU G 86 3.27 63.19 4.36
CA LEU G 86 3.15 62.86 2.94
C LEU G 86 4.28 63.51 2.16
N ARG G 87 4.92 62.73 1.31
CA ARG G 87 6.03 63.18 0.49
C ARG G 87 5.61 63.23 -0.97
N ALA G 88 6.54 63.66 -1.83
CA ALA G 88 6.25 63.76 -3.25
C ALA G 88 6.15 62.40 -3.93
N GLU G 89 6.67 61.35 -3.31
CA GLU G 89 6.63 60.02 -3.90
C GLU G 89 5.40 59.22 -3.48
N ASP G 90 4.51 59.81 -2.70
CA ASP G 90 3.30 59.13 -2.25
C ASP G 90 2.12 59.31 -3.19
N THR G 91 2.29 60.05 -4.28
CA THR G 91 1.23 60.21 -5.26
C THR G 91 1.03 58.91 -6.01
N ALA G 92 -0.11 58.25 -5.76
CA ALA G 92 -0.41 56.98 -6.39
C ALA G 92 -1.91 56.74 -6.24
N VAL G 93 -2.37 55.65 -6.86
CA VAL G 93 -3.76 55.20 -6.71
C VAL G 93 -3.77 54.09 -5.68
N TYR G 94 -4.55 54.27 -4.62
CA TYR G 94 -4.56 53.35 -3.49
C TYR G 94 -5.75 52.41 -3.58
N TYR G 95 -5.47 51.12 -3.54
CA TYR G 95 -6.49 50.08 -3.58
C TYR G 95 -6.61 49.42 -2.21
N CYS G 96 -7.83 49.04 -1.85
CA CYS G 96 -8.07 48.21 -0.68
C CYS G 96 -8.42 46.81 -1.15
N ALA G 97 -7.69 45.82 -0.62
CA ALA G 97 -7.80 44.45 -1.08
C ALA G 97 -8.16 43.54 0.09
N LYS G 98 -8.72 42.38 -0.24
CA LYS G 98 -9.15 41.40 0.75
C LYS G 98 -8.37 40.11 0.55
N GLU G 99 -7.98 39.48 1.67
CA GLU G 99 -7.38 38.16 1.62
C GLU G 99 -8.32 37.17 0.97
N GLY G 100 -7.96 36.67 -0.20
CA GLY G 100 -8.85 35.79 -0.93
C GLY G 100 -8.85 34.35 -0.47
N GLY G 101 -7.95 33.98 0.43
CA GLY G 101 -7.87 32.61 0.86
C GLY G 101 -8.89 32.28 1.94
N ASP G 102 -9.27 31.00 1.99
CA ASP G 102 -10.16 30.49 3.02
C ASP G 102 -9.48 29.40 3.86
N PHE G 103 -8.17 29.47 4.01
CA PHE G 103 -7.39 28.52 4.80
C PHE G 103 -6.70 29.28 5.91
N TRP G 104 -7.23 29.12 7.11
CA TRP G 104 -6.70 29.88 8.25
C TRP G 104 -6.64 31.35 7.86
N SER G 105 -7.76 31.94 7.40
CA SER G 105 -7.83 33.35 7.06
C SER G 105 -7.93 34.21 8.31
N GLY G 106 -7.23 35.35 8.30
CA GLY G 106 -7.28 36.27 9.41
C GLY G 106 -5.92 36.65 9.95
N TYR G 107 -4.87 36.07 9.38
CA TYR G 107 -3.50 36.33 9.82
C TYR G 107 -2.75 37.24 8.87
N TYR G 108 -2.71 36.89 7.59
CA TYR G 108 -1.97 37.66 6.60
C TYR G 108 -2.64 37.46 5.24
N ALA G 109 -2.38 38.40 4.33
CA ALA G 109 -2.96 38.36 2.99
C ALA G 109 -1.92 37.79 2.03
N ASN G 110 -2.03 36.50 1.73
CA ASN G 110 -1.12 35.88 0.78
C ASN G 110 -1.47 36.24 -0.65
N TRP G 111 -2.76 36.40 -0.95
CA TRP G 111 -3.19 36.90 -2.25
C TRP G 111 -4.47 37.70 -2.06
N PHE G 112 -4.74 38.57 -3.04
CA PHE G 112 -5.82 39.55 -2.94
C PHE G 112 -6.84 39.26 -4.02
N ASP G 113 -7.95 38.60 -3.65
CA ASP G 113 -8.92 38.21 -4.68
C ASP G 113 -9.76 39.40 -5.15
N PRO G 114 -10.50 40.10 -4.30
CA PRO G 114 -11.19 41.30 -4.79
C PRO G 114 -10.38 42.56 -4.54
N TRP G 115 -10.48 43.49 -5.48
CA TRP G 115 -9.81 44.78 -5.38
C TRP G 115 -10.83 45.88 -5.58
N GLY G 116 -10.59 47.02 -4.95
CA GLY G 116 -11.42 48.17 -5.16
C GLY G 116 -11.05 48.92 -6.43
N GLN G 117 -11.92 49.85 -6.81
CA GLN G 117 -11.64 50.66 -7.99
C GLN G 117 -10.50 51.65 -7.74
N GLY G 118 -10.20 51.97 -6.49
CA GLY G 118 -9.05 52.79 -6.17
C GLY G 118 -9.39 54.26 -6.00
N THR G 119 -8.66 54.91 -5.10
CA THR G 119 -8.76 56.34 -4.87
C THR G 119 -7.39 56.96 -5.08
N LEU G 120 -7.35 58.05 -5.84
CA LEU G 120 -6.10 58.68 -6.21
C LEU G 120 -5.81 59.85 -5.27
N VAL G 121 -4.65 59.82 -4.63
CA VAL G 121 -4.17 60.91 -3.81
C VAL G 121 -3.00 61.57 -4.53
N THR G 122 -2.94 62.90 -4.44
CA THR G 122 -1.90 63.66 -5.11
C THR G 122 -1.35 64.71 -4.17
N VAL G 123 -0.03 64.89 -4.20
CA VAL G 123 0.63 65.94 -3.44
C VAL G 123 1.33 66.86 -4.41
N SER G 124 1.28 68.16 -4.14
CA SER G 124 1.87 69.18 -4.99
C SER G 124 1.82 70.51 -4.25
N SER G 125 2.41 71.53 -4.85
CA SER G 125 2.40 72.87 -4.27
C SER G 125 1.02 73.50 -4.36
N SER H 2 14.34 45.68 -1.35
CA SER H 2 14.53 45.45 -2.81
C SER H 2 13.22 44.98 -3.44
N ALA H 3 13.26 44.59 -4.70
CA ALA H 3 12.03 44.08 -5.38
C ALA H 3 12.32 42.94 -6.36
N LEU H 4 11.30 42.15 -6.68
CA LEU H 4 11.34 41.05 -7.64
C LEU H 4 11.66 41.57 -9.03
N THR H 5 12.29 40.74 -9.84
CA THR H 5 12.74 41.11 -11.17
C THR H 5 11.83 40.47 -12.22
N GLN H 6 11.34 41.28 -13.13
CA GLN H 6 10.45 40.84 -14.20
C GLN H 6 10.89 41.51 -15.51
N PRO H 7 10.69 40.84 -16.64
CA PRO H 7 11.02 41.46 -17.92
C PRO H 7 10.10 42.63 -18.22
N ARG H 8 10.64 43.59 -18.97
CA ARG H 8 9.86 44.78 -19.34
C ARG H 8 8.67 44.41 -20.21
N SER H 9 8.88 43.55 -21.21
CA SER H 9 7.81 43.21 -22.13
C SER H 9 8.08 41.85 -22.73
N VAL H 10 7.00 41.16 -23.08
CA VAL H 10 7.05 39.89 -23.80
C VAL H 10 5.97 39.93 -24.88
N SER H 11 6.33 39.54 -26.10
CA SER H 11 5.41 39.55 -27.22
C SER H 11 5.35 38.17 -27.86
N GLY H 12 4.16 37.83 -28.37
CA GLY H 12 3.97 36.55 -29.04
C GLY H 12 2.80 36.62 -29.98
N SER H 13 2.89 35.84 -31.06
CA SER H 13 1.81 35.80 -32.03
C SER H 13 0.63 35.01 -31.46
N PRO H 14 -0.59 35.30 -31.92
CA PRO H 14 -1.77 34.59 -31.40
C PRO H 14 -1.65 33.09 -31.62
N GLY H 15 -2.11 32.34 -30.62
CA GLY H 15 -2.02 30.90 -30.63
C GLY H 15 -0.74 30.32 -30.05
N GLN H 16 0.23 31.16 -29.72
CA GLN H 16 1.51 30.70 -29.20
C GLN H 16 1.46 30.60 -27.68
N SER H 17 2.64 30.40 -27.08
CA SER H 17 2.77 30.30 -25.63
C SER H 17 3.77 31.36 -25.16
N VAL H 18 3.44 32.02 -24.06
CA VAL H 18 4.26 33.09 -23.50
C VAL H 18 4.56 32.76 -22.05
N THR H 19 5.82 32.86 -21.67
CA THR H 19 6.25 32.59 -20.31
C THR H 19 6.84 33.85 -19.70
N ILE H 20 6.36 34.21 -18.51
CA ILE H 20 6.86 35.36 -17.77
C ILE H 20 7.62 34.85 -16.55
N SER H 21 8.82 35.36 -16.35
CA SER H 21 9.69 34.92 -15.27
C SER H 21 9.75 35.97 -14.18
N CYS H 22 9.56 35.52 -12.93
CA CYS H 22 9.59 36.38 -11.76
C CYS H 22 10.67 35.85 -10.83
N THR H 23 11.90 36.34 -10.98
CA THR H 23 13.04 35.82 -10.25
C THR H 23 13.15 36.52 -8.89
N GLY H 24 13.22 35.73 -7.83
CA GLY H 24 13.32 36.25 -6.48
C GLY H 24 14.47 35.62 -5.72
N THR H 25 14.55 35.98 -4.45
CA THR H 25 15.62 35.50 -3.58
C THR H 25 15.16 34.25 -2.84
N ARG H 26 15.88 33.84 -1.80
CA ARG H 26 15.56 32.56 -1.13
C ARG H 26 14.50 32.77 -0.07
N SER H 27 14.34 34.00 0.39
CA SER H 27 13.28 34.26 1.36
C SER H 27 11.97 34.64 0.71
N ASP H 28 11.97 34.99 -0.58
CA ASP H 28 10.75 35.47 -1.23
C ASP H 28 10.00 34.35 -1.95
N VAL H 29 10.64 33.72 -2.93
CA VAL H 29 10.00 32.73 -3.77
C VAL H 29 10.42 31.31 -3.38
N GLY H 30 11.69 31.12 -3.06
CA GLY H 30 12.15 29.80 -2.68
C GLY H 30 11.87 29.41 -1.25
N GLY H 31 11.46 30.34 -0.41
CA GLY H 31 11.17 30.03 0.97
C GLY H 31 9.73 29.64 1.23
N TYR H 32 8.83 30.00 0.31
CA TYR H 32 7.41 29.76 0.49
C TYR H 32 6.80 29.40 -0.85
N ASN H 33 5.50 29.08 -0.84
CA ASN H 33 4.72 28.79 -2.03
C ASN H 33 3.56 29.75 -2.18
N TYR H 34 3.76 31.01 -1.76
CA TYR H 34 2.71 32.02 -1.79
C TYR H 34 2.88 32.98 -2.94
N VAL H 35 3.32 32.49 -4.09
CA VAL H 35 3.49 33.33 -5.27
C VAL H 35 2.14 33.50 -5.96
N SER H 36 1.84 34.74 -6.36
CA SER H 36 0.57 35.04 -6.99
C SER H 36 0.81 35.91 -8.22
N TRP H 37 -0.12 35.83 -9.17
CA TRP H 37 -0.02 36.56 -10.43
C TRP H 37 -1.29 37.37 -10.63
N TYR H 38 -1.14 38.64 -10.98
CA TYR H 38 -2.25 39.55 -11.17
C TYR H 38 -2.18 40.16 -12.56
N GLN H 39 -3.35 40.27 -13.19
CA GLN H 39 -3.48 40.86 -14.53
C GLN H 39 -4.20 42.19 -14.40
N GLN H 40 -3.58 43.25 -14.92
CA GLN H 40 -4.13 44.60 -14.82
C GLN H 40 -4.35 45.15 -16.23
N HIS H 41 -5.62 45.27 -16.61
CA HIS H 41 -5.97 45.94 -17.85
C HIS H 41 -5.83 47.45 -17.67
N PRO H 42 -5.63 48.19 -18.76
CA PRO H 42 -5.41 49.64 -18.64
C PRO H 42 -6.57 50.34 -17.95
N GLY H 43 -6.26 51.08 -16.89
CA GLY H 43 -7.25 51.84 -16.17
C GLY H 43 -8.22 51.02 -15.34
N LYS H 44 -7.84 49.81 -14.95
CA LYS H 44 -8.72 48.93 -14.18
C LYS H 44 -7.95 48.30 -13.04
N ALA H 45 -8.68 47.90 -12.00
CA ALA H 45 -8.08 47.24 -10.86
C ALA H 45 -7.58 45.86 -11.25
N PRO H 46 -6.48 45.40 -10.65
CA PRO H 46 -5.94 44.09 -10.99
C PRO H 46 -6.88 42.96 -10.59
N LYS H 47 -6.75 41.85 -11.32
CA LYS H 47 -7.50 40.64 -11.05
C LYS H 47 -6.54 39.46 -10.97
N VAL H 48 -6.88 38.49 -10.13
CA VAL H 48 -6.03 37.33 -9.91
C VAL H 48 -6.20 36.35 -11.07
N ILE H 49 -5.08 35.75 -11.50
CA ILE H 49 -5.09 34.68 -12.47
C ILE H 49 -4.55 33.39 -11.89
N ILE H 50 -3.51 33.46 -11.07
CA ILE H 50 -2.91 32.29 -10.43
C ILE H 50 -2.58 32.64 -8.99
N TYR H 51 -3.29 32.03 -8.05
CA TYR H 51 -2.95 32.11 -6.64
C TYR H 51 -2.22 30.83 -6.27
N ASP H 52 -1.30 30.95 -5.31
CA ASP H 52 -0.30 29.92 -5.06
C ASP H 52 0.50 29.67 -6.32
N VAL H 53 1.41 28.70 -6.30
CA VAL H 53 2.27 28.46 -7.45
C VAL H 53 1.45 28.05 -8.67
N LYS H 54 0.51 27.11 -8.49
CA LYS H 54 -0.13 26.47 -9.63
C LYS H 54 -1.64 26.27 -9.38
N LYS H 55 -2.31 27.28 -8.83
CA LYS H 55 -3.74 27.18 -8.62
C LYS H 55 -4.44 28.37 -9.28
N ARG H 56 -5.68 28.12 -9.70
CA ARG H 56 -6.52 29.06 -10.41
C ARG H 56 -7.78 29.35 -9.62
N PRO H 57 -8.28 30.59 -9.65
CA PRO H 57 -9.59 30.86 -9.05
C PRO H 57 -10.72 30.26 -9.85
N SER H 58 -11.95 30.50 -9.44
CA SER H 58 -13.13 30.03 -10.19
C SER H 58 -13.55 31.14 -11.13
N GLY H 59 -13.31 30.93 -12.43
CA GLY H 59 -13.68 31.93 -13.41
C GLY H 59 -12.51 32.44 -14.22
N VAL H 60 -11.48 31.61 -14.37
CA VAL H 60 -10.29 31.97 -15.14
C VAL H 60 -10.05 30.87 -16.17
N PRO H 61 -9.72 31.21 -17.41
CA PRO H 61 -9.47 30.17 -18.41
C PRO H 61 -8.31 29.26 -18.00
N ASP H 62 -8.43 27.99 -18.37
CA ASP H 62 -7.41 27.01 -18.05
C ASP H 62 -6.13 27.19 -18.85
N ARG H 63 -6.12 28.20 -19.71
CA ARG H 63 -4.91 28.48 -20.53
C ARG H 63 -3.79 28.88 -19.59
N PHE H 64 -4.11 29.77 -18.64
CA PHE H 64 -3.12 30.27 -17.70
C PHE H 64 -2.61 29.15 -16.80
N SER H 65 -1.30 29.11 -16.62
CA SER H 65 -0.68 28.12 -15.77
C SER H 65 0.52 28.75 -15.06
N GLY H 66 0.85 28.20 -13.90
CA GLY H 66 1.96 28.68 -13.13
C GLY H 66 2.84 27.53 -12.67
N SER H 67 4.10 27.86 -12.43
CA SER H 67 5.08 26.88 -11.99
C SER H 67 6.18 27.58 -11.23
N LYS H 68 6.95 26.81 -10.48
CA LYS H 68 8.06 27.32 -9.71
C LYS H 68 9.28 26.44 -9.95
N SER H 69 10.44 27.08 -10.11
CA SER H 69 11.70 26.38 -10.31
C SER H 69 12.76 27.06 -9.45
N GLY H 70 12.93 26.60 -8.22
CA GLY H 70 13.89 27.19 -7.33
C GLY H 70 13.49 28.59 -6.88
N ASN H 71 14.22 29.60 -7.35
CA ASN H 71 13.98 30.98 -6.96
C ASN H 71 13.23 31.77 -8.02
N THR H 72 12.83 31.14 -9.12
CA THR H 72 12.13 31.80 -10.21
C THR H 72 10.77 31.16 -10.41
N ALA H 73 9.74 32.00 -10.53
CA ALA H 73 8.37 31.55 -10.76
C ALA H 73 7.95 31.95 -12.15
N SER H 74 7.28 31.03 -12.85
CA SER H 74 6.93 31.23 -14.25
C SER H 74 5.42 31.14 -14.44
N LEU H 75 4.89 32.02 -15.27
CA LEU H 75 3.49 32.02 -15.67
C LEU H 75 3.43 31.78 -17.17
N THR H 76 2.70 30.75 -17.59
CA THR H 76 2.60 30.37 -18.99
C THR H 76 1.20 30.69 -19.48
N ILE H 77 1.11 31.53 -20.51
CA ILE H 77 -0.15 31.86 -21.15
C ILE H 77 -0.23 31.09 -22.46
N SER H 78 -1.20 30.19 -22.56
CA SER H 78 -1.38 29.37 -23.74
C SER H 78 -2.57 29.88 -24.55
N GLY H 79 -2.52 29.66 -25.86
CA GLY H 79 -3.58 30.12 -26.73
C GLY H 79 -3.72 31.63 -26.68
N LEU H 80 -2.60 32.34 -26.78
CA LEU H 80 -2.60 33.78 -26.64
C LEU H 80 -3.56 34.43 -27.62
N GLN H 81 -4.39 35.34 -27.11
CA GLN H 81 -5.41 36.00 -27.90
C GLN H 81 -5.50 37.46 -27.49
N ALA H 82 -6.43 38.18 -28.13
CA ALA H 82 -6.48 39.64 -28.01
C ALA H 82 -6.80 40.09 -26.59
N GLU H 83 -7.72 39.39 -25.91
CA GLU H 83 -8.15 39.80 -24.59
C GLU H 83 -7.13 39.48 -23.50
N ASP H 84 -5.95 38.99 -23.87
CA ASP H 84 -4.88 38.72 -22.93
C ASP H 84 -3.81 39.81 -22.93
N GLU H 85 -4.05 40.92 -23.64
CA GLU H 85 -3.07 42.00 -23.74
C GLU H 85 -3.25 42.91 -22.53
N ALA H 86 -2.38 42.73 -21.54
CA ALA H 86 -2.43 43.53 -20.33
C ALA H 86 -1.08 43.42 -19.61
N ASP H 87 -0.96 44.14 -18.51
CA ASP H 87 0.22 44.09 -17.67
C ASP H 87 0.03 43.02 -16.59
N TYR H 88 1.05 42.19 -16.42
CA TYR H 88 0.99 41.06 -15.50
C TYR H 88 2.04 41.26 -14.40
N TYR H 89 1.60 41.17 -13.15
CA TYR H 89 2.46 41.36 -12.00
C TYR H 89 2.53 40.07 -11.19
N CYS H 90 3.66 39.88 -10.51
CA CYS H 90 3.88 38.74 -9.64
C CYS H 90 4.07 39.20 -8.22
N SER H 91 3.49 38.46 -7.28
CA SER H 91 3.56 38.78 -5.86
C SER H 91 4.20 37.62 -5.12
N ALA H 92 4.93 37.94 -4.05
CA ALA H 92 5.61 36.94 -3.25
C ALA H 92 5.61 37.39 -1.80
N PHE H 93 5.79 36.42 -0.91
CA PHE H 93 5.81 36.65 0.52
C PHE H 93 7.25 36.55 1.01
N ALA H 94 7.71 37.58 1.72
CA ALA H 94 9.11 37.69 2.13
C ALA H 94 9.28 37.62 3.65
N GLY H 95 8.39 36.94 4.35
CA GLY H 95 8.55 36.73 5.78
C GLY H 95 7.88 37.77 6.64
N SER H 96 8.14 39.05 6.36
CA SER H 96 7.53 40.14 7.10
C SER H 96 6.84 41.14 6.20
N HIS H 97 6.80 40.91 4.90
CA HIS H 97 6.19 41.84 3.96
C HIS H 97 5.84 41.09 2.69
N THR H 98 5.08 41.74 1.82
CA THR H 98 4.71 41.21 0.52
C THR H 98 5.44 42.01 -0.55
N LEU H 99 6.07 41.31 -1.48
CA LEU H 99 6.83 41.93 -2.57
C LEU H 99 6.07 41.79 -3.87
N PHE H 100 6.11 42.83 -4.69
CA PHE H 100 5.49 42.83 -6.00
C PHE H 100 6.55 42.99 -7.08
N GLY H 101 6.30 42.39 -8.23
CA GLY H 101 7.23 42.48 -9.33
C GLY H 101 7.16 43.81 -10.05
N GLY H 102 8.11 44.01 -10.96
CA GLY H 102 8.13 45.24 -11.73
C GLY H 102 6.95 45.35 -12.67
N GLY H 103 6.62 44.27 -13.35
CA GLY H 103 5.49 44.31 -14.28
C GLY H 103 5.94 43.98 -15.69
N THR H 104 5.27 42.99 -16.29
CA THR H 104 5.54 42.58 -17.66
C THR H 104 4.31 42.86 -18.52
N LYS H 105 4.51 43.60 -19.60
CA LYS H 105 3.42 43.95 -20.52
C LYS H 105 3.43 42.97 -21.68
N VAL H 106 2.33 42.25 -21.84
CA VAL H 106 2.19 41.24 -22.88
C VAL H 106 1.50 41.86 -24.08
N THR H 107 2.14 41.79 -25.23
CA THR H 107 1.58 42.31 -26.49
C THR H 107 1.34 41.15 -27.45
N VAL H 108 0.16 41.12 -28.05
CA VAL H 108 -0.23 40.08 -28.99
C VAL H 108 -0.04 40.61 -30.40
N LEU H 109 0.73 39.88 -31.20
CA LEU H 109 1.00 40.28 -32.58
C LEU H 109 -0.21 40.03 -33.46
N GLY I 6 20.51 8.07 31.92
CA GLY I 6 20.73 6.82 31.21
C GLY I 6 19.49 5.96 31.10
N HIS I 7 19.53 4.99 30.20
CA HIS I 7 18.43 4.06 29.96
C HIS I 7 18.90 2.62 30.22
N HIS I 8 17.98 1.67 30.08
CA HIS I 8 18.23 0.29 30.44
C HIS I 8 18.69 -0.51 29.22
N ALA I 9 19.28 -1.66 29.50
CA ALA I 9 19.67 -2.60 28.46
C ALA I 9 19.40 -4.01 28.94
N VAL I 10 19.22 -4.91 27.99
CA VAL I 10 18.97 -6.32 28.31
C VAL I 10 20.10 -7.15 27.72
N PRO I 11 20.40 -8.33 28.27
CA PRO I 11 21.52 -9.11 27.74
C PRO I 11 21.18 -9.85 26.46
N ASN I 12 19.93 -10.26 26.29
CA ASN I 12 19.48 -11.05 25.15
C ASN I 12 18.43 -10.25 24.39
N GLY I 13 18.86 -9.47 23.40
CA GLY I 13 17.95 -8.71 22.57
C GLY I 13 17.53 -9.47 21.34
N THR I 14 16.68 -8.80 20.54
CA THR I 14 16.14 -9.38 19.32
C THR I 14 16.47 -8.48 18.13
N ILE I 15 16.68 -9.11 16.98
CA ILE I 15 17.03 -8.41 15.76
C ILE I 15 15.75 -8.01 15.02
N VAL I 16 15.66 -6.75 14.63
CA VAL I 16 14.46 -6.18 14.04
C VAL I 16 14.84 -5.34 12.82
N LYS I 17 14.00 -5.40 11.80
CA LYS I 17 14.19 -4.68 10.55
C LYS I 17 13.66 -3.26 10.67
N THR I 18 14.30 -2.33 9.95
CA THR I 18 13.84 -0.96 9.91
C THR I 18 14.17 -0.36 8.55
N ILE I 19 13.87 0.92 8.39
CA ILE I 19 14.09 1.59 7.12
C ILE I 19 15.59 1.71 6.84
N THR I 20 16.37 2.11 7.85
CA THR I 20 17.78 2.39 7.62
C THR I 20 18.58 1.12 7.36
N ASP I 21 18.39 0.08 8.18
CA ASP I 21 19.22 -1.11 8.05
C ASP I 21 18.41 -2.35 8.39
N ASP I 22 18.96 -3.50 8.00
CA ASP I 22 18.23 -4.76 8.11
C ASP I 22 18.16 -5.25 9.55
N GLN I 23 19.22 -5.03 10.33
CA GLN I 23 19.31 -5.57 11.69
C GLN I 23 19.60 -4.46 12.68
N ILE I 24 18.71 -4.27 13.65
CA ILE I 24 18.99 -3.48 14.84
C ILE I 24 18.51 -4.28 16.05
N GLU I 25 19.37 -4.42 17.05
CA GLU I 25 18.98 -5.09 18.28
C GLU I 25 18.04 -4.22 19.09
N VAL I 26 16.98 -4.82 19.61
CA VAL I 26 16.04 -4.16 20.49
C VAL I 26 15.85 -5.00 21.73
N THR I 27 15.30 -4.39 22.77
CA THR I 27 15.11 -5.08 24.04
C THR I 27 14.15 -6.26 23.89
N ASN I 28 13.03 -6.05 23.21
CA ASN I 28 12.08 -7.13 22.96
C ASN I 28 11.29 -6.82 21.70
N ALA I 29 10.73 -7.88 21.11
CA ALA I 29 9.92 -7.75 19.91
C ALA I 29 8.87 -8.85 19.91
N THR I 30 7.81 -8.62 19.14
CA THR I 30 6.71 -9.57 19.02
C THR I 30 6.54 -9.98 17.57
N GLU I 31 6.32 -11.28 17.35
CA GLU I 31 6.12 -11.78 16.01
C GLU I 31 4.75 -11.38 15.49
N LEU I 32 4.70 -10.94 14.24
CA LEU I 32 3.46 -10.49 13.61
C LEU I 32 2.99 -11.45 12.51
N VAL I 33 3.62 -12.61 12.37
CA VAL I 33 3.22 -13.62 11.41
C VAL I 33 2.96 -14.92 12.15
N GLN I 34 1.76 -15.47 11.97
CA GLN I 34 1.40 -16.77 12.54
C GLN I 34 1.83 -17.86 11.57
N SER I 35 2.84 -18.64 11.96
CA SER I 35 3.42 -19.65 11.09
C SER I 35 3.23 -21.06 11.62
N SER I 36 2.27 -21.25 12.53
CA SER I 36 2.03 -22.56 13.13
C SER I 36 0.54 -22.87 13.13
N SER I 37 0.23 -24.16 13.07
CA SER I 37 -1.13 -24.66 13.17
C SER I 37 -1.17 -25.83 14.14
N THR I 38 -2.30 -25.98 14.82
CA THR I 38 -2.47 -27.10 15.74
C THR I 38 -2.71 -28.42 15.01
N GLY I 39 -3.00 -28.38 13.71
CA GLY I 39 -3.25 -29.58 12.95
C GLY I 39 -4.65 -30.13 13.01
N LYS I 40 -5.56 -29.43 13.70
CA LYS I 40 -6.92 -29.91 13.87
C LYS I 40 -7.90 -28.76 13.63
N ILE I 41 -9.11 -29.12 13.24
CA ILE I 41 -10.18 -28.15 12.99
C ILE I 41 -11.13 -28.16 14.16
N CYS I 42 -11.46 -26.98 14.69
CA CYS I 42 -12.39 -26.84 15.79
C CYS I 42 -13.79 -26.58 15.27
N ASN I 43 -14.80 -26.96 16.05
CA ASN I 43 -16.17 -26.94 15.59
C ASN I 43 -17.11 -26.10 16.44
N ASN I 44 -16.58 -25.30 17.37
CA ASN I 44 -17.49 -24.61 18.27
C ASN I 44 -18.13 -23.38 17.65
N PRO I 45 -17.36 -22.40 17.12
CA PRO I 45 -18.00 -21.16 16.66
C PRO I 45 -18.69 -21.31 15.31
N HIS I 46 -18.17 -22.19 14.47
CA HIS I 46 -18.74 -22.47 13.16
C HIS I 46 -19.24 -23.90 13.13
N ARG I 47 -20.22 -24.17 12.28
CA ARG I 47 -20.71 -25.52 12.08
C ARG I 47 -19.87 -26.20 11.01
N ILE I 48 -19.21 -27.29 11.39
CA ILE I 48 -18.33 -28.03 10.50
C ILE I 48 -18.99 -29.36 10.17
N LEU I 49 -19.10 -29.65 8.88
CA LEU I 49 -19.68 -30.89 8.39
C LEU I 49 -18.61 -31.67 7.65
N ASP I 50 -18.36 -32.90 8.09
CA ASP I 50 -17.30 -33.73 7.55
C ASP I 50 -17.86 -34.63 6.46
N GLY I 51 -17.56 -34.32 5.20
CA GLY I 51 -17.90 -35.17 4.09
C GLY I 51 -16.90 -36.29 3.94
N ARG I 52 -16.90 -37.24 4.88
CA ARG I 52 -15.84 -38.28 4.90
C ARG I 52 -15.67 -38.99 3.56
N ASP I 53 -16.76 -39.49 2.97
CA ASP I 53 -16.61 -40.33 1.79
C ASP I 53 -17.36 -39.78 0.57
N CYS I 54 -18.14 -38.71 0.73
CA CYS I 54 -18.88 -38.14 -0.38
C CYS I 54 -18.54 -36.67 -0.56
N THR I 55 -18.57 -36.25 -1.83
CA THR I 55 -18.44 -34.86 -2.19
C THR I 55 -19.78 -34.16 -2.02
N LEU I 56 -19.77 -32.83 -2.18
CA LEU I 56 -21.00 -32.07 -2.06
C LEU I 56 -21.99 -32.45 -3.16
N ILE I 57 -21.50 -32.66 -4.38
CA ILE I 57 -22.38 -33.02 -5.49
C ILE I 57 -22.99 -34.39 -5.27
N ASP I 58 -22.20 -35.34 -4.77
CA ASP I 58 -22.72 -36.68 -4.49
C ASP I 58 -23.80 -36.63 -3.41
N ALA I 59 -23.57 -35.85 -2.36
CA ALA I 59 -24.59 -35.68 -1.33
C ALA I 59 -25.81 -34.95 -1.87
N LEU I 60 -25.59 -33.95 -2.73
CA LEU I 60 -26.69 -33.24 -3.35
C LEU I 60 -27.51 -34.16 -4.24
N LEU I 61 -26.83 -34.99 -5.03
CA LEU I 61 -27.53 -35.86 -5.99
C LEU I 61 -28.22 -37.03 -5.30
N GLY I 62 -27.73 -37.44 -4.14
CA GLY I 62 -28.33 -38.56 -3.44
C GLY I 62 -27.61 -39.87 -3.65
N ASP I 63 -26.29 -39.88 -3.48
CA ASP I 63 -25.52 -41.09 -3.62
C ASP I 63 -26.01 -42.14 -2.61
N PRO I 64 -26.05 -43.41 -2.97
CA PRO I 64 -26.58 -44.43 -2.04
C PRO I 64 -25.84 -44.53 -0.74
N HIS I 65 -24.53 -44.28 -0.71
CA HIS I 65 -23.73 -44.55 0.46
C HIS I 65 -23.55 -43.35 1.39
N CYS I 66 -24.19 -42.22 1.08
CA CYS I 66 -24.21 -41.07 1.99
C CYS I 66 -25.62 -40.48 2.07
N ASP I 67 -26.60 -41.33 2.33
CA ASP I 67 -27.95 -40.88 2.61
C ASP I 67 -28.00 -40.18 3.97
N VAL I 68 -26.90 -40.25 4.72
CA VAL I 68 -26.82 -39.58 6.02
C VAL I 68 -26.76 -38.07 5.89
N PHE I 69 -26.36 -37.56 4.72
CA PHE I 69 -26.17 -36.13 4.53
C PHE I 69 -27.44 -35.42 4.07
N GLN I 70 -28.56 -36.13 4.01
CA GLN I 70 -29.80 -35.51 3.57
C GLN I 70 -30.28 -34.45 4.55
N ASP I 71 -30.74 -33.33 4.01
CA ASP I 71 -31.29 -32.22 4.81
C ASP I 71 -30.30 -31.76 5.87
N GLU I 72 -29.03 -31.68 5.50
CA GLU I 72 -27.95 -31.32 6.42
C GLU I 72 -27.46 -29.92 6.07
N THR I 73 -27.48 -29.03 7.05
CA THR I 73 -26.96 -27.68 6.90
C THR I 73 -25.53 -27.61 7.40
N TRP I 74 -24.83 -26.54 7.02
CA TRP I 74 -23.44 -26.42 7.40
C TRP I 74 -23.03 -24.95 7.35
N ASP I 75 -21.91 -24.66 8.01
CA ASP I 75 -21.18 -23.42 7.81
C ASP I 75 -19.88 -23.62 7.07
N LEU I 76 -19.39 -24.85 6.99
CA LEU I 76 -18.18 -25.19 6.25
C LEU I 76 -18.21 -26.67 5.95
N TYR I 77 -18.24 -27.03 4.66
CA TYR I 77 -18.18 -28.42 4.24
C TYR I 77 -16.72 -28.80 4.03
N VAL I 78 -16.24 -29.76 4.80
CA VAL I 78 -14.87 -30.23 4.69
C VAL I 78 -14.86 -31.44 3.77
N GLU I 79 -14.20 -31.31 2.62
CA GLU I 79 -14.11 -32.36 1.63
C GLU I 79 -12.80 -33.12 1.80
N ARG I 80 -12.88 -34.44 1.83
CA ARG I 80 -11.71 -35.28 2.00
C ARG I 80 -11.28 -35.86 0.66
N SER I 81 -9.97 -36.04 0.51
CA SER I 81 -9.41 -36.57 -0.73
C SER I 81 -9.79 -38.02 -0.98
N SER I 82 -10.34 -38.71 0.03
CA SER I 82 -10.74 -40.10 -0.09
C SER I 82 -12.18 -40.25 -0.59
N ALA I 83 -12.82 -39.16 -0.97
CA ALA I 83 -14.19 -39.23 -1.46
C ALA I 83 -14.25 -39.97 -2.78
N PHE I 84 -15.24 -40.84 -2.93
CA PHE I 84 -15.40 -41.67 -4.11
C PHE I 84 -16.87 -41.79 -4.46
N SER I 85 -17.13 -42.10 -5.73
CA SER I 85 -18.49 -42.22 -6.24
C SER I 85 -18.84 -43.69 -6.44
N ASN I 86 -20.06 -44.05 -6.07
CA ASN I 86 -20.54 -45.42 -6.12
C ASN I 86 -21.94 -45.48 -6.73
N CYS I 87 -22.14 -44.79 -7.84
CA CYS I 87 -23.43 -44.78 -8.51
C CYS I 87 -23.19 -44.77 -10.02
N TYR I 88 -24.24 -44.48 -10.76
CA TYR I 88 -24.12 -44.39 -12.21
C TYR I 88 -23.10 -43.31 -12.58
N PRO I 89 -22.20 -43.60 -13.51
CA PRO I 89 -21.21 -42.59 -13.91
C PRO I 89 -21.90 -41.33 -14.42
N TYR I 90 -21.35 -40.18 -14.05
CA TYR I 90 -21.96 -38.92 -14.41
C TYR I 90 -20.89 -37.85 -14.57
N ASP I 91 -21.29 -36.75 -15.19
CA ASP I 91 -20.45 -35.57 -15.28
C ASP I 91 -21.34 -34.32 -15.18
N VAL I 92 -20.72 -33.21 -14.81
CA VAL I 92 -21.39 -31.93 -14.73
C VAL I 92 -20.64 -30.97 -15.66
N PRO I 93 -21.29 -30.41 -16.67
CA PRO I 93 -20.58 -29.49 -17.58
C PRO I 93 -19.94 -28.31 -16.85
N ASP I 94 -20.58 -27.78 -15.81
CA ASP I 94 -19.98 -26.75 -14.96
C ASP I 94 -19.96 -27.30 -13.54
N TYR I 95 -18.91 -28.06 -13.22
CA TYR I 95 -18.78 -28.63 -11.89
C TYR I 95 -18.48 -27.56 -10.85
N ALA I 96 -17.60 -26.61 -11.19
CA ALA I 96 -17.19 -25.60 -10.22
C ALA I 96 -18.33 -24.63 -9.92
N SER I 97 -19.22 -24.41 -10.88
CA SER I 97 -20.34 -23.51 -10.64
C SER I 97 -21.37 -24.15 -9.71
N LEU I 98 -21.70 -25.42 -9.96
CA LEU I 98 -22.68 -26.09 -9.10
C LEU I 98 -22.12 -26.32 -7.71
N ARG I 99 -20.83 -26.66 -7.61
CA ARG I 99 -20.21 -26.82 -6.31
C ARG I 99 -20.23 -25.51 -5.54
N SER I 100 -19.88 -24.41 -6.20
CA SER I 100 -19.85 -23.12 -5.52
C SER I 100 -21.24 -22.65 -5.13
N LEU I 101 -22.22 -22.86 -6.01
CA LEU I 101 -23.57 -22.37 -5.75
C LEU I 101 -24.20 -23.11 -4.58
N VAL I 102 -24.04 -24.43 -4.52
CA VAL I 102 -24.64 -25.21 -3.45
C VAL I 102 -23.92 -24.96 -2.13
N ALA I 103 -22.58 -24.88 -2.18
CA ALA I 103 -21.81 -24.69 -0.96
C ALA I 103 -22.16 -23.37 -0.28
N SER I 104 -22.28 -22.30 -1.06
CA SER I 104 -22.67 -21.01 -0.50
C SER I 104 -24.13 -20.98 -0.07
N SER I 105 -24.96 -21.89 -0.60
CA SER I 105 -26.34 -21.98 -0.14
C SER I 105 -26.39 -22.40 1.32
N GLY I 106 -25.62 -23.41 1.69
CA GLY I 106 -25.51 -23.84 3.06
C GLY I 106 -26.58 -24.79 3.53
N THR I 107 -27.42 -25.31 2.65
CA THR I 107 -28.46 -26.26 3.05
C THR I 107 -28.71 -27.26 1.93
N LEU I 108 -28.67 -28.54 2.28
CA LEU I 108 -29.13 -29.60 1.40
C LEU I 108 -30.57 -29.99 1.71
N GLU I 109 -31.47 -29.01 1.78
CA GLU I 109 -32.85 -29.26 2.15
C GLU I 109 -33.68 -29.47 0.91
N PHE I 110 -34.43 -30.57 0.88
CA PHE I 110 -35.13 -31.03 -0.32
C PHE I 110 -36.60 -31.20 -0.01
N ILE I 111 -37.45 -30.53 -0.78
CA ILE I 111 -38.90 -30.65 -0.66
C ILE I 111 -39.43 -31.30 -1.92
N THR I 112 -39.99 -32.49 -1.78
CA THR I 112 -40.44 -33.28 -2.91
C THR I 112 -41.75 -32.73 -3.44
N GLU I 113 -41.73 -32.30 -4.71
CA GLU I 113 -42.93 -31.83 -5.37
C GLU I 113 -43.66 -33.01 -6.03
N GLY I 114 -44.95 -32.78 -6.32
CA GLY I 114 -45.74 -33.78 -7.01
C GLY I 114 -45.63 -33.62 -8.51
N PHE I 115 -44.77 -34.41 -9.14
CA PHE I 115 -44.57 -34.37 -10.57
C PHE I 115 -45.37 -35.48 -11.23
N THR I 116 -46.23 -35.10 -12.17
CA THR I 116 -47.07 -36.05 -12.88
C THR I 116 -46.42 -36.37 -14.22
N TRP I 117 -45.88 -37.57 -14.34
CA TRP I 117 -45.34 -38.09 -15.59
C TRP I 117 -46.30 -39.12 -16.13
N THR I 118 -46.85 -38.88 -17.32
CA THR I 118 -47.87 -39.73 -17.91
C THR I 118 -47.27 -40.52 -19.07
N GLY I 119 -47.50 -41.83 -19.06
CA GLY I 119 -47.04 -42.69 -20.12
C GLY I 119 -45.62 -43.17 -20.00
N VAL I 120 -44.98 -43.01 -18.84
CA VAL I 120 -43.62 -43.47 -18.62
C VAL I 120 -43.55 -44.20 -17.30
N THR I 121 -42.52 -45.04 -17.17
CA THR I 121 -42.28 -45.81 -15.96
C THR I 121 -41.19 -45.13 -15.15
N GLN I 122 -41.47 -44.86 -13.88
CA GLN I 122 -40.58 -44.11 -13.02
C GLN I 122 -39.73 -45.05 -12.17
N ASN I 123 -38.93 -44.46 -11.30
CA ASN I 123 -38.09 -45.18 -10.34
C ASN I 123 -37.18 -46.20 -11.05
N GLY I 124 -36.54 -45.75 -12.13
CA GLY I 124 -35.58 -46.59 -12.79
C GLY I 124 -34.29 -46.71 -11.99
N GLY I 125 -33.47 -47.68 -12.38
CA GLY I 125 -32.25 -47.93 -11.64
C GLY I 125 -31.24 -48.68 -12.46
N SER I 126 -30.05 -48.83 -11.88
CA SER I 126 -28.93 -49.49 -12.54
C SER I 126 -28.14 -50.29 -11.52
N ASN I 127 -27.44 -51.31 -12.02
CA ASN I 127 -26.61 -52.13 -11.14
C ASN I 127 -25.42 -51.37 -10.59
N ALA I 128 -25.05 -50.25 -11.20
CA ALA I 128 -23.94 -49.46 -10.68
C ALA I 128 -24.27 -48.92 -9.30
N CYS I 129 -25.49 -48.43 -9.10
CA CYS I 129 -25.95 -47.95 -7.80
C CYS I 129 -26.72 -49.08 -7.13
N LYS I 130 -26.03 -49.85 -6.30
CA LYS I 130 -26.65 -50.93 -5.55
C LYS I 130 -27.06 -50.39 -4.19
N ARG I 131 -28.35 -50.11 -4.03
CA ARG I 131 -28.91 -49.73 -2.73
C ARG I 131 -29.33 -51.03 -2.05
N GLY I 132 -28.52 -51.48 -1.10
CA GLY I 132 -28.70 -52.77 -0.50
C GLY I 132 -28.45 -53.87 -1.52
N PRO I 133 -29.22 -54.95 -1.44
CA PRO I 133 -29.04 -56.04 -2.41
C PRO I 133 -29.58 -55.72 -3.80
N ALA I 134 -30.44 -54.73 -3.94
CA ALA I 134 -31.11 -54.45 -5.20
C ALA I 134 -30.52 -53.22 -5.88
N SER I 135 -30.66 -53.17 -7.20
CA SER I 135 -30.19 -52.04 -7.97
C SER I 135 -31.06 -50.81 -7.70
N GLY I 136 -30.41 -49.66 -7.66
CA GLY I 136 -31.07 -48.41 -7.33
C GLY I 136 -30.54 -47.26 -8.16
N PHE I 137 -30.64 -46.06 -7.61
CA PHE I 137 -30.29 -44.84 -8.34
C PHE I 137 -30.10 -43.72 -7.32
N PHE I 138 -29.73 -42.54 -7.82
CA PHE I 138 -29.70 -41.35 -6.99
C PHE I 138 -31.08 -41.12 -6.38
N SER I 139 -31.11 -40.77 -5.10
CA SER I 139 -32.38 -40.61 -4.41
C SER I 139 -33.10 -39.34 -4.80
N ARG I 140 -32.38 -38.32 -5.25
CA ARG I 140 -32.98 -37.02 -5.60
C ARG I 140 -33.19 -36.87 -7.10
N LEU I 141 -32.99 -37.91 -7.88
CA LEU I 141 -33.21 -37.90 -9.32
C LEU I 141 -34.10 -39.06 -9.70
N ASN I 142 -35.02 -38.83 -10.63
CA ASN I 142 -36.01 -39.82 -11.02
C ASN I 142 -35.76 -40.22 -12.47
N TRP I 143 -35.47 -41.50 -12.69
CA TRP I 143 -35.19 -42.02 -14.02
C TRP I 143 -36.49 -42.48 -14.67
N LEU I 144 -36.73 -42.02 -15.90
CA LEU I 144 -37.94 -42.33 -16.63
C LEU I 144 -37.62 -43.23 -17.81
N THR I 145 -38.39 -44.32 -17.94
CA THR I 145 -38.23 -45.29 -19.01
C THR I 145 -39.56 -45.42 -19.74
N LYS I 146 -39.55 -46.13 -20.85
CA LYS I 146 -40.77 -46.33 -21.62
C LYS I 146 -41.79 -47.15 -20.83
N SER I 147 -43.06 -46.95 -21.15
CA SER I 147 -44.16 -47.67 -20.51
C SER I 147 -44.80 -48.56 -21.57
N GLY I 148 -44.30 -49.79 -21.67
CA GLY I 148 -44.76 -50.70 -22.69
C GLY I 148 -43.98 -50.57 -23.97
N SER I 149 -44.51 -49.81 -24.93
CA SER I 149 -43.81 -49.59 -26.19
C SER I 149 -43.94 -48.14 -26.65
N ALA I 150 -44.02 -47.20 -25.72
CA ALA I 150 -44.18 -45.80 -26.09
C ALA I 150 -43.51 -44.91 -25.07
N TYR I 151 -43.02 -43.77 -25.54
CA TYR I 151 -42.46 -42.71 -24.69
C TYR I 151 -43.14 -41.40 -25.09
N PRO I 152 -44.32 -41.12 -24.54
CA PRO I 152 -45.02 -39.88 -24.91
C PRO I 152 -44.20 -38.66 -24.56
N VAL I 153 -44.35 -37.63 -25.38
CA VAL I 153 -43.64 -36.37 -25.16
C VAL I 153 -44.13 -35.77 -23.86
N LEU I 154 -43.25 -35.68 -22.87
CA LEU I 154 -43.61 -35.16 -21.57
C LEU I 154 -43.60 -33.64 -21.60
N ASN I 155 -44.68 -33.03 -21.11
CA ASN I 155 -44.79 -31.58 -20.97
C ASN I 155 -45.35 -31.32 -19.58
N VAL I 156 -44.47 -31.22 -18.60
CA VAL I 156 -44.86 -30.99 -17.22
C VAL I 156 -44.56 -29.54 -16.87
N THR I 157 -45.21 -29.05 -15.81
CA THR I 157 -45.03 -27.69 -15.35
C THR I 157 -45.10 -27.67 -13.83
N MET I 158 -44.40 -26.71 -13.23
CA MET I 158 -44.43 -26.57 -11.79
C MET I 158 -44.19 -25.10 -11.41
N PRO I 159 -45.21 -24.39 -10.98
CA PRO I 159 -45.06 -22.94 -10.77
C PRO I 159 -44.44 -22.60 -9.43
N ASN I 160 -44.14 -21.32 -9.23
CA ASN I 160 -43.59 -20.83 -7.97
C ASN I 160 -44.61 -19.91 -7.32
N ASN I 161 -44.95 -20.22 -6.07
CA ASN I 161 -45.81 -19.36 -5.27
C ASN I 161 -45.18 -19.00 -3.94
N ASP I 162 -43.95 -19.45 -3.68
CA ASP I 162 -43.26 -19.17 -2.45
C ASP I 162 -42.47 -17.86 -2.58
N ASN I 163 -41.60 -17.59 -1.63
CA ASN I 163 -40.81 -16.37 -1.61
C ASN I 163 -39.32 -16.66 -1.54
N PHE I 164 -38.91 -17.85 -1.98
CA PHE I 164 -37.50 -18.19 -2.07
C PHE I 164 -37.22 -18.84 -3.42
N ASP I 165 -35.95 -18.86 -3.79
CA ASP I 165 -35.54 -19.45 -5.05
C ASP I 165 -35.42 -20.96 -4.90
N LYS I 166 -35.92 -21.68 -5.89
CA LYS I 166 -35.83 -23.14 -5.93
C LYS I 166 -34.74 -23.54 -6.91
N LEU I 167 -33.90 -24.48 -6.48
CA LEU I 167 -32.88 -25.06 -7.34
C LEU I 167 -33.34 -26.44 -7.78
N TYR I 168 -33.48 -26.62 -9.09
CA TYR I 168 -33.88 -27.90 -9.67
C TYR I 168 -32.66 -28.55 -10.30
N VAL I 169 -32.36 -29.78 -9.90
CA VAL I 169 -31.27 -30.56 -10.48
C VAL I 169 -31.88 -31.68 -11.29
N TRP I 170 -31.58 -31.71 -12.59
CA TRP I 170 -32.08 -32.71 -13.51
C TRP I 170 -30.90 -33.24 -14.32
N GLY I 171 -31.20 -34.09 -15.30
CA GLY I 171 -30.12 -34.68 -16.06
C GLY I 171 -30.58 -35.29 -17.36
N VAL I 172 -29.59 -35.60 -18.19
CA VAL I 172 -29.79 -36.25 -19.49
C VAL I 172 -28.92 -37.49 -19.52
N HIS I 173 -29.48 -38.60 -19.99
CA HIS I 173 -28.78 -39.88 -20.04
C HIS I 173 -28.25 -40.10 -21.45
N HIS I 174 -26.93 -40.23 -21.58
CA HIS I 174 -26.31 -40.53 -22.86
C HIS I 174 -26.02 -42.03 -22.93
N PRO I 175 -26.84 -42.82 -23.60
CA PRO I 175 -26.62 -44.26 -23.63
C PRO I 175 -25.46 -44.64 -24.56
N SER I 176 -24.92 -45.82 -24.30
CA SER I 176 -23.71 -46.25 -25.01
C SER I 176 -24.02 -46.62 -26.45
N THR I 177 -25.09 -47.37 -26.69
CA THR I 177 -25.40 -47.89 -28.01
C THR I 177 -26.80 -47.47 -28.42
N ASN I 178 -27.04 -47.48 -29.74
CA ASN I 178 -28.35 -47.14 -30.26
C ASN I 178 -29.40 -48.17 -29.86
N GLN I 179 -29.00 -49.43 -29.70
CA GLN I 179 -29.94 -50.44 -29.23
C GLN I 179 -30.39 -50.15 -27.81
N GLU I 180 -29.48 -49.66 -26.97
CA GLU I 180 -29.84 -49.30 -25.60
C GLU I 180 -30.85 -48.17 -25.57
N GLN I 181 -30.71 -47.19 -26.47
CA GLN I 181 -31.65 -46.09 -26.52
C GLN I 181 -33.05 -46.56 -26.89
N THR I 182 -33.16 -47.33 -27.98
CA THR I 182 -34.45 -47.84 -28.40
C THR I 182 -35.02 -48.86 -27.43
N ASN I 183 -34.17 -49.53 -26.65
CA ASN I 183 -34.67 -50.44 -25.63
C ASN I 183 -35.17 -49.68 -24.41
N LEU I 184 -34.48 -48.61 -24.01
CA LEU I 184 -34.89 -47.86 -22.83
C LEU I 184 -36.00 -46.87 -23.17
N TYR I 185 -35.70 -45.91 -24.03
CA TYR I 185 -36.69 -45.03 -24.63
C TYR I 185 -37.10 -45.63 -25.96
N VAL I 186 -37.79 -44.86 -26.79
CA VAL I 186 -38.23 -45.33 -28.10
C VAL I 186 -37.60 -44.52 -29.23
N GLN I 187 -37.53 -43.21 -29.08
CA GLN I 187 -37.01 -42.36 -30.14
C GLN I 187 -35.52 -42.61 -30.34
N ALA I 188 -35.12 -42.66 -31.62
CA ALA I 188 -33.70 -42.85 -31.92
C ALA I 188 -32.86 -41.68 -31.44
N SER I 189 -33.37 -40.46 -31.57
CA SER I 189 -32.70 -39.27 -31.10
C SER I 189 -33.60 -38.55 -30.10
N GLY I 190 -33.16 -38.49 -28.84
CA GLY I 190 -33.92 -37.84 -27.81
C GLY I 190 -33.63 -36.36 -27.70
N ARG I 191 -34.32 -35.71 -26.78
CA ARG I 191 -34.20 -34.28 -26.56
C ARG I 191 -34.80 -33.88 -25.23
N VAL I 192 -34.12 -33.02 -24.47
CA VAL I 192 -34.60 -32.55 -23.18
C VAL I 192 -34.52 -31.04 -23.14
N THR I 193 -35.65 -30.38 -22.91
CA THR I 193 -35.71 -28.93 -22.84
C THR I 193 -36.33 -28.53 -21.52
N VAL I 194 -35.58 -27.82 -20.69
CA VAL I 194 -36.07 -27.27 -19.44
C VAL I 194 -35.94 -25.77 -19.52
N SER I 195 -37.05 -25.06 -19.38
CA SER I 195 -37.10 -23.63 -19.58
C SER I 195 -37.92 -22.95 -18.50
N THR I 196 -37.48 -21.78 -18.09
CA THR I 196 -38.27 -20.87 -17.27
C THR I 196 -38.80 -19.75 -18.17
N ARG I 197 -39.42 -18.76 -17.54
CA ARG I 197 -39.93 -17.62 -18.30
C ARG I 197 -38.81 -16.74 -18.84
N ARG I 198 -37.60 -16.87 -18.33
CA ARG I 198 -36.49 -16.01 -18.73
C ARG I 198 -35.30 -16.75 -19.33
N SER I 199 -35.09 -18.02 -18.98
CA SER I 199 -33.94 -18.77 -19.48
C SER I 199 -34.39 -20.10 -20.02
N GLN I 200 -33.66 -20.60 -21.02
CA GLN I 200 -33.95 -21.88 -21.64
C GLN I 200 -32.68 -22.71 -21.73
N GLN I 201 -32.86 -24.03 -21.71
CA GLN I 201 -31.74 -24.96 -21.75
C GLN I 201 -32.19 -26.19 -22.53
N THR I 202 -31.60 -26.42 -23.69
CA THR I 202 -31.92 -27.58 -24.53
C THR I 202 -30.67 -28.42 -24.70
N ILE I 203 -30.79 -29.71 -24.41
CA ILE I 203 -29.67 -30.64 -24.50
C ILE I 203 -30.11 -31.86 -25.29
N ILE I 204 -29.36 -32.18 -26.34
CA ILE I 204 -29.60 -33.36 -27.17
C ILE I 204 -28.58 -34.43 -26.75
N PRO I 205 -29.01 -35.58 -26.26
CA PRO I 205 -28.05 -36.61 -25.84
C PRO I 205 -27.23 -37.14 -27.01
N ASN I 206 -26.00 -37.53 -26.70
CA ASN I 206 -25.05 -38.03 -27.68
C ASN I 206 -24.81 -39.52 -27.42
N ILE I 207 -24.88 -40.32 -28.49
CA ILE I 207 -24.75 -41.76 -28.39
C ILE I 207 -23.31 -42.14 -28.71
N GLY I 208 -22.70 -42.91 -27.83
CA GLY I 208 -21.34 -43.39 -28.08
C GLY I 208 -20.83 -44.19 -26.91
N SER I 209 -19.84 -45.00 -27.19
CA SER I 209 -19.17 -45.79 -26.16
C SER I 209 -18.23 -44.92 -25.35
N ARG I 210 -18.13 -45.21 -24.07
CA ARG I 210 -17.30 -44.47 -23.13
C ARG I 210 -16.61 -45.47 -22.21
N PRO I 211 -15.56 -45.04 -21.51
CA PRO I 211 -14.88 -45.94 -20.58
C PRO I 211 -15.85 -46.64 -19.63
N TRP I 212 -15.43 -47.79 -19.13
CA TRP I 212 -16.27 -48.70 -18.36
C TRP I 212 -16.15 -48.34 -16.89
N VAL I 213 -17.23 -47.82 -16.30
CA VAL I 213 -17.28 -47.45 -14.90
C VAL I 213 -18.42 -48.20 -14.25
N ARG I 214 -18.08 -49.11 -13.32
CA ARG I 214 -19.07 -49.88 -12.55
C ARG I 214 -20.06 -50.60 -13.46
N GLY I 215 -19.58 -51.05 -14.62
CA GLY I 215 -20.37 -51.83 -15.53
C GLY I 215 -21.13 -51.05 -16.58
N GLN I 216 -21.19 -49.73 -16.47
CA GLN I 216 -21.95 -48.89 -17.38
C GLN I 216 -21.02 -48.14 -18.32
N SER I 217 -21.27 -48.26 -19.62
CA SER I 217 -20.55 -47.49 -20.63
C SER I 217 -21.22 -46.17 -20.96
N GLY I 218 -22.42 -45.92 -20.44
CA GLY I 218 -23.08 -44.64 -20.63
C GLY I 218 -22.82 -43.69 -19.49
N ARG I 219 -23.30 -42.46 -19.66
CA ARG I 219 -23.07 -41.41 -18.69
C ARG I 219 -24.35 -40.61 -18.48
N ILE I 220 -24.32 -39.74 -17.48
CA ILE I 220 -25.42 -38.84 -17.15
C ILE I 220 -24.86 -37.44 -17.00
N SER I 221 -25.47 -36.47 -17.67
CA SER I 221 -25.04 -35.08 -17.58
C SER I 221 -25.99 -34.33 -16.66
N ILE I 222 -25.44 -33.76 -15.59
CA ILE I 222 -26.23 -33.11 -14.54
C ILE I 222 -26.32 -31.62 -14.84
N TYR I 223 -27.54 -31.09 -14.81
CA TYR I 223 -27.79 -29.67 -15.03
C TYR I 223 -28.64 -29.14 -13.89
N TRP I 224 -28.62 -27.82 -13.73
CA TRP I 224 -29.39 -27.15 -12.69
C TRP I 224 -30.12 -25.94 -13.24
N THR I 225 -31.26 -25.64 -12.63
CA THR I 225 -32.09 -24.49 -13.01
C THR I 225 -32.63 -23.85 -11.76
N ILE I 226 -32.60 -22.51 -11.71
CA ILE I 226 -33.07 -21.74 -10.57
C ILE I 226 -34.35 -21.03 -10.95
N VAL I 227 -35.39 -21.20 -10.14
CA VAL I 227 -36.68 -20.57 -10.36
C VAL I 227 -36.89 -19.53 -9.27
N LYS I 228 -37.02 -18.27 -9.67
CA LYS I 228 -37.27 -17.18 -8.76
C LYS I 228 -38.75 -17.11 -8.39
N PRO I 229 -39.10 -16.41 -7.31
CA PRO I 229 -40.52 -16.28 -6.96
C PRO I 229 -41.32 -15.64 -8.09
N GLY I 230 -42.50 -16.17 -8.32
CA GLY I 230 -43.35 -15.74 -9.41
C GLY I 230 -43.04 -16.36 -10.74
N ASP I 231 -42.01 -17.20 -10.83
CA ASP I 231 -41.61 -17.80 -12.09
C ASP I 231 -42.28 -19.16 -12.26
N VAL I 232 -41.98 -19.83 -13.37
CA VAL I 232 -42.54 -21.13 -13.68
C VAL I 232 -41.48 -21.96 -14.39
N LEU I 233 -41.55 -23.27 -14.18
CA LEU I 233 -40.62 -24.21 -14.78
C LEU I 233 -41.38 -25.21 -15.63
N VAL I 234 -40.98 -25.35 -16.90
CA VAL I 234 -41.59 -26.29 -17.82
C VAL I 234 -40.51 -27.26 -18.29
N ILE I 235 -40.78 -28.55 -18.11
CA ILE I 235 -39.86 -29.61 -18.53
C ILE I 235 -40.49 -30.33 -19.72
N ASN I 236 -39.80 -30.29 -20.85
CA ASN I 236 -40.29 -30.91 -22.07
C ASN I 236 -39.20 -31.84 -22.60
N SER I 237 -39.57 -33.08 -22.87
CA SER I 237 -38.63 -34.08 -23.34
C SER I 237 -39.36 -35.20 -24.05
N ASN I 238 -38.75 -35.74 -25.10
CA ASN I 238 -39.22 -36.96 -25.74
C ASN I 238 -38.29 -38.14 -25.49
N GLY I 239 -37.32 -37.99 -24.61
CA GLY I 239 -36.43 -39.07 -24.27
C GLY I 239 -35.22 -38.59 -23.51
N ASN I 240 -34.59 -39.53 -22.80
CA ASN I 240 -33.31 -39.32 -22.13
C ASN I 240 -33.41 -38.22 -21.06
N LEU I 241 -34.34 -38.40 -20.13
CA LEU I 241 -34.57 -37.42 -19.08
C LEU I 241 -34.44 -38.09 -17.73
N ILE I 242 -33.50 -37.60 -16.93
CA ILE I 242 -33.39 -37.98 -15.52
C ILE I 242 -34.14 -36.88 -14.75
N ALA I 243 -35.42 -37.11 -14.54
CA ALA I 243 -36.31 -36.07 -14.04
C ALA I 243 -35.99 -35.71 -12.59
N PRO I 244 -36.27 -34.48 -12.20
CA PRO I 244 -36.08 -34.09 -10.80
C PRO I 244 -37.26 -34.48 -9.93
N ARG I 245 -36.94 -34.81 -8.67
CA ARG I 245 -37.96 -35.21 -7.72
C ARG I 245 -38.48 -34.06 -6.89
N GLY I 246 -37.92 -32.87 -7.02
CA GLY I 246 -38.30 -31.75 -6.19
C GLY I 246 -37.37 -30.58 -6.39
N TYR I 247 -37.15 -29.83 -5.32
CA TYR I 247 -36.28 -28.67 -5.37
C TYR I 247 -35.54 -28.51 -4.05
N PHE I 248 -34.39 -27.86 -4.12
CA PHE I 248 -33.58 -27.56 -2.95
C PHE I 248 -33.80 -26.11 -2.55
N LYS I 249 -34.02 -25.88 -1.28
CA LYS I 249 -34.21 -24.51 -0.81
C LYS I 249 -32.87 -23.81 -0.94
N MET I 250 -32.88 -22.57 -1.37
CA MET I 250 -31.70 -21.74 -1.58
C MET I 250 -31.71 -20.58 -0.61
N ARG I 251 -30.56 -20.46 0.06
CA ARG I 251 -30.35 -19.41 1.07
C ARG I 251 -29.02 -18.72 0.83
N THR I 252 -28.87 -17.46 1.23
CA THR I 252 -27.58 -16.79 1.24
C THR I 252 -27.07 -16.66 2.67
N GLY I 253 -25.76 -16.75 2.82
CA GLY I 253 -25.16 -16.66 4.13
C GLY I 253 -23.67 -16.93 4.08
N LYS I 254 -23.10 -17.14 5.26
CA LYS I 254 -21.68 -17.42 5.40
C LYS I 254 -21.47 -18.93 5.37
N SER I 255 -21.34 -19.49 4.18
CA SER I 255 -21.14 -20.92 4.03
C SER I 255 -20.20 -21.15 2.85
N SER I 256 -19.26 -22.07 3.03
CA SER I 256 -18.29 -22.35 1.99
C SER I 256 -17.88 -23.82 2.09
N ILE I 257 -17.04 -24.24 1.16
CA ILE I 257 -16.52 -25.60 1.11
C ILE I 257 -15.00 -25.53 1.15
N MET I 258 -14.40 -26.46 1.89
CA MET I 258 -12.95 -26.51 2.06
C MET I 258 -12.47 -27.92 1.84
N ARG I 259 -11.33 -28.05 1.14
CA ARG I 259 -10.70 -29.34 0.91
C ARG I 259 -9.56 -29.50 1.90
N SER I 260 -9.77 -30.35 2.90
CA SER I 260 -8.78 -30.57 3.95
C SER I 260 -8.76 -32.03 4.32
N ASP I 261 -7.67 -32.45 4.96
CA ASP I 261 -7.55 -33.77 5.53
C ASP I 261 -7.31 -33.73 7.04
N ALA I 262 -7.42 -32.56 7.66
CA ALA I 262 -7.21 -32.45 9.08
C ALA I 262 -8.41 -33.01 9.84
N PRO I 263 -8.20 -33.62 11.00
CA PRO I 263 -9.33 -34.09 11.80
C PRO I 263 -10.02 -32.94 12.53
N ILE I 264 -11.24 -33.22 12.98
CA ILE I 264 -12.08 -32.23 13.65
C ILE I 264 -12.04 -32.50 15.15
N ASP I 265 -11.77 -31.45 15.92
CA ASP I 265 -11.73 -31.58 17.37
C ASP I 265 -12.66 -30.58 18.05
N THR I 266 -12.60 -30.48 19.37
CA THR I 266 -13.49 -29.63 20.15
C THR I 266 -12.68 -28.48 20.74
N CYS I 267 -12.83 -27.30 20.11
CA CYS I 267 -12.21 -26.09 20.67
C CYS I 267 -12.94 -24.89 20.10
N ILE I 268 -12.41 -23.71 20.35
CA ILE I 268 -13.04 -22.47 19.91
C ILE I 268 -11.98 -21.70 19.12
N SER I 269 -11.98 -21.87 17.80
CA SER I 269 -11.07 -21.15 16.92
C SER I 269 -11.88 -20.42 15.86
N GLU I 270 -11.57 -19.15 15.65
CA GLU I 270 -12.36 -18.32 14.76
C GLU I 270 -12.13 -18.64 13.29
N CYS I 271 -10.91 -19.02 12.88
CA CYS I 271 -10.63 -19.31 11.48
C CYS I 271 -10.22 -20.75 11.29
N ILE I 272 -10.51 -21.26 10.09
CA ILE I 272 -10.22 -22.64 9.71
C ILE I 272 -9.37 -22.61 8.46
N THR I 273 -8.30 -23.40 8.45
CA THR I 273 -7.37 -23.54 7.34
C THR I 273 -7.22 -25.02 7.03
N PRO I 274 -6.97 -25.38 5.77
CA PRO I 274 -6.81 -26.82 5.45
C PRO I 274 -5.71 -27.50 6.23
N ASN I 275 -4.75 -26.76 6.77
CA ASN I 275 -3.71 -27.31 7.63
C ASN I 275 -4.13 -27.33 9.09
N GLY I 276 -5.32 -26.85 9.43
CA GLY I 276 -5.82 -26.82 10.78
C GLY I 276 -6.42 -25.48 11.11
N SER I 277 -6.64 -25.23 12.39
CA SER I 277 -7.18 -23.96 12.86
C SER I 277 -6.06 -23.11 13.44
N ILE I 278 -6.00 -21.85 13.05
CA ILE I 278 -4.92 -20.97 13.45
C ILE I 278 -5.45 -19.90 14.39
N PRO I 279 -4.65 -19.43 15.35
CA PRO I 279 -5.10 -18.31 16.21
C PRO I 279 -5.21 -17.02 15.43
N ASN I 280 -6.09 -16.15 15.91
CA ASN I 280 -6.48 -14.94 15.21
C ASN I 280 -5.92 -13.66 15.83
N ASP I 281 -5.08 -13.78 16.86
CA ASP I 281 -4.53 -12.57 17.49
C ASP I 281 -3.60 -11.80 16.58
N LYS I 282 -2.83 -12.51 15.75
CA LYS I 282 -1.80 -11.87 14.94
C LYS I 282 -2.36 -11.27 13.67
N PRO I 283 -1.68 -10.28 13.09
CA PRO I 283 -2.22 -9.59 11.91
C PRO I 283 -2.01 -10.34 10.60
N PHE I 284 -0.92 -11.12 10.50
CA PHE I 284 -0.58 -11.82 9.27
C PHE I 284 -0.30 -13.29 9.58
N GLN I 285 -0.43 -14.13 8.56
CA GLN I 285 -0.17 -15.55 8.71
C GLN I 285 0.46 -16.11 7.45
N ASN I 286 1.19 -17.21 7.61
CA ASN I 286 1.89 -17.86 6.51
C ASN I 286 1.48 -19.32 6.35
N VAL I 287 0.46 -19.77 7.06
CA VAL I 287 0.11 -21.19 7.05
C VAL I 287 -0.49 -21.59 5.71
N ASN I 288 -1.47 -20.84 5.23
CA ASN I 288 -2.17 -21.20 4.01
C ASN I 288 -2.93 -20.01 3.47
N LYS I 289 -3.08 -19.98 2.15
CA LYS I 289 -3.85 -18.92 1.49
C LYS I 289 -5.35 -19.20 1.49
N ILE I 290 -5.77 -20.41 1.78
CA ILE I 290 -7.18 -20.78 1.87
C ILE I 290 -7.58 -20.68 3.33
N THR I 291 -8.60 -19.87 3.60
CA THR I 291 -9.03 -19.58 4.96
C THR I 291 -10.53 -19.40 5.01
N TYR I 292 -11.10 -19.58 6.19
CA TYR I 292 -12.52 -19.37 6.43
C TYR I 292 -12.72 -18.69 7.77
N GLY I 293 -13.22 -17.46 7.74
CA GLY I 293 -13.57 -16.75 8.94
C GLY I 293 -12.65 -15.57 9.22
N ALA I 294 -12.58 -15.22 10.50
CA ALA I 294 -11.74 -14.11 10.95
C ALA I 294 -10.34 -14.65 11.23
N CYS I 295 -9.41 -14.39 10.32
CA CYS I 295 -8.04 -14.84 10.48
C CYS I 295 -7.11 -13.88 9.78
N PRO I 296 -5.82 -13.90 10.13
CA PRO I 296 -4.89 -12.93 9.57
C PRO I 296 -4.75 -13.07 8.06
N LYS I 297 -4.28 -12.00 7.44
CA LYS I 297 -4.00 -12.02 6.01
C LYS I 297 -2.81 -12.92 5.72
N TYR I 298 -2.72 -13.34 4.46
CA TYR I 298 -1.63 -14.20 4.03
C TYR I 298 -0.50 -13.37 3.47
N VAL I 299 0.72 -13.64 3.93
CA VAL I 299 1.92 -12.97 3.46
C VAL I 299 2.94 -14.03 3.09
N LYS I 300 3.84 -13.67 2.18
CA LYS I 300 4.93 -14.57 1.80
C LYS I 300 5.99 -14.68 2.88
N GLN I 301 6.06 -13.71 3.79
CA GLN I 301 7.14 -13.65 4.75
C GLN I 301 7.01 -14.73 5.81
N SER I 302 8.16 -15.28 6.23
CA SER I 302 8.17 -16.27 7.31
C SER I 302 8.11 -15.62 8.68
N THR I 303 8.70 -14.44 8.85
CA THR I 303 8.74 -13.76 10.13
C THR I 303 8.59 -12.25 9.93
N LEU I 304 8.06 -11.60 10.95
CA LEU I 304 7.89 -10.15 10.95
C LEU I 304 7.81 -9.70 12.40
N LYS I 305 8.82 -8.97 12.86
CA LYS I 305 8.94 -8.60 14.26
C LYS I 305 8.69 -7.11 14.44
N LEU I 306 7.85 -6.78 15.41
CA LEU I 306 7.57 -5.40 15.77
C LEU I 306 8.31 -5.06 17.06
N ALA I 307 9.02 -3.94 17.06
CA ALA I 307 9.90 -3.58 18.17
C ALA I 307 9.07 -2.97 19.30
N THR I 308 8.91 -3.73 20.38
CA THR I 308 8.30 -3.20 21.61
C THR I 308 9.39 -2.83 22.61
N GLY I 309 10.22 -1.87 22.21
CA GLY I 309 11.33 -1.46 23.06
C GLY I 309 12.30 -0.61 22.27
N MET I 310 13.36 -0.21 22.96
CA MET I 310 14.36 0.67 22.40
C MET I 310 15.57 -0.14 21.92
N ARG I 311 16.58 0.58 21.42
CA ARG I 311 17.85 -0.03 21.08
C ARG I 311 18.43 -0.74 22.30
N ASN I 312 19.29 -1.72 22.02
CA ASN I 312 19.81 -2.57 23.08
C ASN I 312 21.33 -2.51 23.17
N VAL I 313 21.88 -1.29 23.18
CA VAL I 313 23.33 -1.15 23.36
C VAL I 313 23.70 -1.58 24.77
N PRO I 314 24.52 -2.62 24.92
CA PRO I 314 24.89 -3.09 26.27
C PRO I 314 26.15 -2.42 26.77
N GLU I 315 26.56 -2.75 27.99
CA GLU I 315 27.77 -2.19 28.56
C GLU I 315 28.96 -3.13 28.36
N LYS I 325 17.51 13.91 20.42
CA LYS I 325 18.27 12.68 20.24
C LYS I 325 19.18 12.42 21.45
N ALA I 326 19.15 11.18 21.94
CA ALA I 326 19.89 10.87 23.20
C ALA I 326 20.28 9.39 23.23
N GLY J 327 22.28 11.32 21.66
CA GLY J 327 23.58 11.13 21.07
C GLY J 327 24.74 11.23 22.03
N PHE J 328 24.49 11.60 23.29
CA PHE J 328 25.53 11.68 24.30
C PHE J 328 25.62 10.43 25.17
N ILE J 329 24.51 9.72 25.38
CA ILE J 329 24.56 8.45 26.06
C ILE J 329 25.07 7.39 25.10
N GLU J 330 26.17 6.75 25.46
CA GLU J 330 26.82 5.78 24.59
C GLU J 330 26.92 4.42 25.27
N ASN J 331 25.90 4.06 26.02
CA ASN J 331 25.88 2.81 26.76
C ASN J 331 24.45 2.56 27.22
N GLY J 332 24.20 1.36 27.74
CA GLY J 332 22.93 1.03 28.33
C GLY J 332 23.12 0.34 29.67
N TRP J 333 22.51 0.88 30.71
CA TRP J 333 22.74 0.42 32.08
C TRP J 333 21.97 -0.87 32.30
N GLU J 334 22.65 -1.99 32.08
CA GLU J 334 22.13 -3.26 32.57
C GLU J 334 22.19 -3.27 34.09
N GLY J 335 21.10 -3.68 34.71
CA GLY J 335 20.91 -3.49 36.14
C GLY J 335 19.89 -2.43 36.48
N MET J 336 19.35 -1.75 35.47
CA MET J 336 18.22 -0.83 35.65
C MET J 336 16.97 -1.66 35.42
N ILE J 337 16.44 -2.22 36.52
CA ILE J 337 15.37 -3.20 36.45
C ILE J 337 14.06 -2.71 37.04
N ASP J 338 13.91 -1.41 37.28
CA ASP J 338 12.67 -0.84 37.79
C ASP J 338 12.16 0.26 36.88
N GLY J 339 12.38 0.11 35.59
CA GLY J 339 11.95 1.11 34.63
C GLY J 339 12.90 1.16 33.45
N TRP J 340 12.53 1.99 32.49
CA TRP J 340 13.31 2.18 31.26
C TRP J 340 14.30 3.33 31.34
N TYR J 341 14.04 4.32 32.19
CA TYR J 341 14.89 5.50 32.30
C TYR J 341 15.12 5.77 33.78
N GLY J 342 16.22 6.44 34.09
CA GLY J 342 16.49 6.77 35.46
C GLY J 342 17.82 7.47 35.63
N PHE J 343 18.18 7.66 36.89
CA PHE J 343 19.37 8.40 37.28
C PHE J 343 20.26 7.54 38.16
N ARG J 344 21.54 7.83 38.16
CA ARG J 344 22.45 7.39 39.20
C ARG J 344 23.43 8.50 39.51
N HIS J 345 23.78 8.61 40.79
CA HIS J 345 24.53 9.75 41.30
C HIS J 345 25.69 9.28 42.15
N GLN J 346 26.65 10.17 42.34
CA GLN J 346 27.79 9.95 43.24
C GLN J 346 27.97 11.25 44.03
N ASN J 347 27.35 11.33 45.20
CA ASN J 347 27.52 12.46 46.09
C ASN J 347 28.43 12.06 47.24
N SER J 348 28.55 12.93 48.24
CA SER J 348 29.41 12.64 49.38
C SER J 348 28.90 11.44 50.18
N GLU J 349 27.60 11.23 50.21
CA GLU J 349 27.05 10.09 50.95
C GLU J 349 27.41 8.77 50.29
N GLY J 350 27.31 8.70 48.98
CA GLY J 350 27.72 7.51 48.25
C GLY J 350 26.92 7.34 46.97
N THR J 351 27.31 6.32 46.21
CA THR J 351 26.65 6.03 44.94
C THR J 351 25.23 5.55 45.16
N GLY J 352 24.33 6.01 44.31
CA GLY J 352 22.94 5.59 44.38
C GLY J 352 22.40 5.34 42.98
N GLN J 353 21.20 4.77 42.95
CA GLN J 353 20.52 4.43 41.70
C GLN J 353 19.03 4.64 41.87
N ALA J 354 18.38 5.13 40.83
CA ALA J 354 16.94 5.36 40.86
C ALA J 354 16.41 5.25 39.44
N ALA J 355 15.10 5.06 39.34
CA ALA J 355 14.43 4.89 38.06
C ALA J 355 13.30 5.90 37.94
N ASP J 356 13.17 6.49 36.75
CA ASP J 356 12.09 7.40 36.46
C ASP J 356 10.86 6.62 36.02
N LEU J 357 9.70 7.13 36.39
CA LEU J 357 8.45 6.42 36.13
C LEU J 357 7.50 7.18 35.21
N LYS J 358 7.52 8.51 35.25
CA LYS J 358 6.71 9.29 34.32
C LYS J 358 7.17 9.08 32.88
N SER J 359 8.49 9.05 32.67
CA SER J 359 9.02 8.89 31.32
C SER J 359 8.89 7.45 30.83
N THR J 360 9.00 6.48 31.74
CA THR J 360 8.91 5.08 31.37
C THR J 360 7.51 4.72 30.88
N GLN J 361 6.49 5.12 31.64
CA GLN J 361 5.12 4.77 31.27
C GLN J 361 4.64 5.53 30.05
N ALA J 362 5.18 6.73 29.82
CA ALA J 362 4.86 7.45 28.60
C ALA J 362 5.35 6.67 27.38
N ALA J 363 6.55 6.11 27.45
CA ALA J 363 7.07 5.34 26.34
C ALA J 363 6.32 4.03 26.16
N ILE J 364 5.97 3.37 27.27
CA ILE J 364 5.28 2.09 27.19
C ILE J 364 3.85 2.28 26.66
N ASP J 365 3.18 3.36 27.09
CA ASP J 365 1.83 3.62 26.63
C ASP J 365 1.80 3.81 25.12
N GLN J 366 2.75 4.58 24.58
CA GLN J 366 2.78 4.83 23.15
C GLN J 366 3.10 3.57 22.37
N ILE J 367 4.01 2.74 22.88
CA ILE J 367 4.30 1.46 22.23
C ILE J 367 3.10 0.53 22.34
N ASN J 368 2.42 0.56 23.49
CA ASN J 368 1.22 -0.26 23.66
C ASN J 368 0.11 0.19 22.72
N GLY J 369 -0.05 1.50 22.54
CA GLY J 369 -1.07 1.99 21.62
C GLY J 369 -0.77 1.63 20.18
N LYS J 370 0.51 1.65 19.81
CA LYS J 370 0.90 1.24 18.46
C LYS J 370 0.57 -0.22 18.21
N LEU J 371 0.83 -1.08 19.19
CA LEU J 371 0.59 -2.51 19.02
C LEU J 371 -0.89 -2.80 18.85
N ASN J 372 -1.74 -2.11 19.62
CA ASN J 372 -3.17 -2.34 19.53
C ASN J 372 -3.71 -1.99 18.15
N ARG J 373 -3.23 -0.90 17.57
CA ARG J 373 -3.71 -0.49 16.25
C ARG J 373 -3.32 -1.49 15.17
N VAL J 374 -2.13 -2.08 15.28
CA VAL J 374 -1.70 -3.09 14.32
C VAL J 374 -2.51 -4.37 14.48
N ILE J 375 -2.81 -4.74 15.73
CA ILE J 375 -3.35 -6.06 16.03
C ILE J 375 -4.82 -6.21 15.63
N GLU J 376 -5.57 -5.12 15.50
CA GLU J 376 -7.02 -5.20 15.32
C GLU J 376 -7.38 -6.12 14.16
N LYS J 377 -8.36 -6.98 14.42
CA LYS J 377 -8.81 -7.98 13.45
C LYS J 377 -10.05 -7.45 12.74
N THR J 378 -9.90 -7.11 11.46
CA THR J 378 -11.00 -6.57 10.67
C THR J 378 -11.18 -7.30 9.35
N ASN J 379 -10.52 -8.45 9.17
CA ASN J 379 -10.62 -9.24 7.95
C ASN J 379 -11.48 -10.46 8.26
N GLU J 380 -12.66 -10.53 7.65
CA GLU J 380 -13.60 -11.62 7.88
C GLU J 380 -14.17 -12.04 6.51
N LYS J 381 -13.62 -13.11 5.96
CA LYS J 381 -13.99 -13.61 4.64
C LYS J 381 -14.53 -15.01 4.76
N PHE J 382 -15.67 -15.28 4.11
CA PHE J 382 -16.36 -16.55 4.23
C PHE J 382 -16.28 -17.40 2.96
N HIS J 383 -16.75 -16.89 1.82
CA HIS J 383 -16.72 -17.64 0.58
C HIS J 383 -15.91 -16.87 -0.45
N GLN J 384 -14.82 -17.49 -0.90
CA GLN J 384 -13.91 -16.88 -1.85
C GLN J 384 -13.69 -17.84 -3.01
N ILE J 385 -12.85 -17.43 -3.96
CA ILE J 385 -12.61 -18.27 -5.12
C ILE J 385 -11.71 -19.44 -4.74
N GLU J 386 -11.66 -20.43 -5.63
CA GLU J 386 -10.83 -21.60 -5.42
C GLU J 386 -9.39 -21.28 -5.81
N LYS J 387 -8.44 -21.65 -4.93
CA LYS J 387 -7.05 -21.27 -5.11
C LYS J 387 -6.14 -22.43 -5.47
N GLU J 388 -6.57 -23.66 -5.24
CA GLU J 388 -5.83 -24.85 -5.68
C GLU J 388 -6.63 -25.58 -6.73
N PHE J 389 -5.94 -26.10 -7.74
CA PHE J 389 -6.58 -26.74 -8.88
C PHE J 389 -5.97 -28.10 -9.12
N SER J 390 -6.82 -29.08 -9.43
CA SER J 390 -6.38 -30.44 -9.73
C SER J 390 -6.18 -30.65 -11.22
N GLU J 391 -7.19 -30.30 -12.03
CA GLU J 391 -7.08 -30.43 -13.47
C GLU J 391 -6.36 -29.22 -14.05
N VAL J 392 -6.18 -29.22 -15.37
CA VAL J 392 -5.56 -28.11 -16.08
C VAL J 392 -6.61 -27.50 -17.00
N GLU J 393 -6.95 -26.24 -16.76
CA GLU J 393 -7.90 -25.49 -17.58
C GLU J 393 -7.18 -24.32 -18.21
N GLY J 394 -7.96 -23.44 -18.86
CA GLY J 394 -7.37 -22.36 -19.62
C GLY J 394 -7.42 -21.01 -18.96
N ARG J 395 -8.15 -20.08 -19.58
CA ARG J 395 -8.11 -18.68 -19.17
C ARG J 395 -8.62 -18.48 -17.75
N ILE J 396 -9.72 -19.13 -17.40
CA ILE J 396 -10.35 -18.89 -16.10
C ILE J 396 -9.44 -19.32 -14.96
N GLN J 397 -8.79 -20.47 -15.10
CA GLN J 397 -7.88 -20.94 -14.07
C GLN J 397 -6.66 -20.03 -13.94
N ASP J 398 -6.11 -19.57 -15.07
CA ASP J 398 -4.95 -18.69 -15.02
C ASP J 398 -5.30 -17.34 -14.40
N LEU J 399 -6.48 -16.81 -14.73
CA LEU J 399 -6.90 -15.52 -14.16
C LEU J 399 -7.05 -15.63 -12.65
N GLU J 400 -7.61 -16.75 -12.16
CA GLU J 400 -7.76 -16.93 -10.72
C GLU J 400 -6.40 -16.98 -10.03
N LYS J 401 -5.44 -17.65 -10.65
CA LYS J 401 -4.08 -17.69 -10.08
C LYS J 401 -3.44 -16.32 -10.12
N TYR J 402 -3.69 -15.54 -11.18
CA TYR J 402 -3.13 -14.20 -11.27
C TYR J 402 -3.68 -13.28 -10.19
N VAL J 403 -4.98 -13.40 -9.91
CA VAL J 403 -5.61 -12.51 -8.93
C VAL J 403 -5.06 -12.78 -7.54
N GLU J 404 -4.95 -14.05 -7.17
CA GLU J 404 -4.46 -14.39 -5.83
C GLU J 404 -2.99 -14.04 -5.67
N ASP J 405 -2.19 -14.25 -6.71
CA ASP J 405 -0.78 -13.85 -6.65
C ASP J 405 -0.64 -12.34 -6.51
N THR J 406 -1.47 -11.59 -7.24
CA THR J 406 -1.43 -10.12 -7.12
C THR J 406 -1.81 -9.68 -5.72
N LYS J 407 -2.83 -10.31 -5.14
CA LYS J 407 -3.27 -9.94 -3.80
C LYS J 407 -2.20 -10.25 -2.76
N ILE J 408 -1.49 -11.36 -2.91
CA ILE J 408 -0.50 -11.76 -1.92
C ILE J 408 0.70 -10.83 -1.96
N ASP J 409 1.17 -10.48 -3.17
CA ASP J 409 2.32 -9.59 -3.27
C ASP J 409 2.02 -8.21 -2.70
N LEU J 410 0.82 -7.69 -2.96
CA LEU J 410 0.45 -6.38 -2.43
C LEU J 410 0.38 -6.38 -0.91
N TRP J 411 -0.20 -7.43 -0.32
CA TRP J 411 -0.27 -7.48 1.14
C TRP J 411 1.06 -7.81 1.77
N SER J 412 1.92 -8.55 1.07
CA SER J 412 3.25 -8.81 1.58
C SER J 412 4.09 -7.54 1.61
N TYR J 413 3.95 -6.69 0.59
CA TYR J 413 4.64 -5.41 0.59
C TYR J 413 4.11 -4.50 1.69
N ASN J 414 2.80 -4.52 1.92
CA ASN J 414 2.22 -3.70 2.98
C ASN J 414 2.69 -4.16 4.34
N ALA J 415 2.91 -5.47 4.49
CA ALA J 415 3.38 -6.00 5.76
C ALA J 415 4.81 -5.56 6.06
N GLU J 416 5.66 -5.52 5.03
CA GLU J 416 7.04 -5.09 5.22
C GLU J 416 7.13 -3.62 5.56
N LEU J 417 6.42 -2.78 4.80
CA LEU J 417 6.50 -1.34 5.01
C LEU J 417 5.92 -0.95 6.36
N LEU J 418 4.82 -1.60 6.76
CA LEU J 418 4.21 -1.28 8.05
C LEU J 418 5.16 -1.60 9.20
N VAL J 419 5.81 -2.77 9.14
CA VAL J 419 6.76 -3.15 10.18
C VAL J 419 7.96 -2.21 10.18
N ALA J 420 8.47 -1.88 8.99
CA ALA J 420 9.62 -1.00 8.89
C ALA J 420 9.30 0.40 9.41
N LEU J 421 8.11 0.90 9.09
CA LEU J 421 7.73 2.23 9.52
C LEU J 421 7.51 2.29 11.03
N GLU J 422 6.80 1.32 11.58
CA GLU J 422 6.49 1.37 13.01
C GLU J 422 7.72 1.11 13.87
N ASN J 423 8.71 0.39 13.33
CA ASN J 423 9.93 0.16 14.09
C ASN J 423 10.78 1.43 14.16
N GLN J 424 10.91 2.13 13.04
CA GLN J 424 11.70 3.37 13.04
C GLN J 424 11.06 4.42 13.92
N HIS J 425 9.73 4.41 14.01
CA HIS J 425 9.06 5.33 14.93
C HIS J 425 9.29 4.93 16.37
N THR J 426 9.40 3.62 16.66
CA THR J 426 9.64 3.18 18.03
C THR J 426 11.04 3.57 18.50
N ILE J 427 12.04 3.43 17.63
CA ILE J 427 13.39 3.84 17.99
C ILE J 427 13.44 5.34 18.24
N ASP J 428 12.84 6.12 17.34
CA ASP J 428 12.85 7.57 17.48
C ASP J 428 12.05 8.02 18.69
N LEU J 429 11.00 7.29 19.07
CA LEU J 429 10.14 7.69 20.21
C LEU J 429 10.80 7.30 21.52
N THR J 430 11.72 6.36 21.47
CA THR J 430 12.42 6.02 22.71
C THR J 430 13.66 6.90 22.92
N ASP J 431 14.36 7.24 21.84
CA ASP J 431 15.48 8.17 21.97
C ASP J 431 15.00 9.57 22.34
N SER J 432 13.84 9.97 21.82
CA SER J 432 13.30 11.29 22.16
C SER J 432 12.94 11.38 23.63
N GLU J 433 12.39 10.31 24.20
CA GLU J 433 11.97 10.34 25.60
C GLU J 433 13.17 10.48 26.54
N MET J 434 14.34 10.02 26.11
CA MET J 434 15.54 10.18 26.92
C MET J 434 16.03 11.63 26.87
N ASN J 435 16.02 12.22 25.67
CA ASN J 435 16.40 13.62 25.56
C ASN J 435 15.43 14.53 26.28
N LYS J 436 14.13 14.21 26.24
CA LYS J 436 13.15 15.00 26.96
C LYS J 436 13.41 14.98 28.46
N LEU J 437 13.78 13.82 29.00
CA LEU J 437 14.14 13.73 30.42
C LEU J 437 15.42 14.52 30.69
N PHE J 438 16.39 14.42 29.79
CA PHE J 438 17.64 15.16 29.95
C PHE J 438 17.40 16.67 29.87
N GLU J 439 16.53 17.09 28.96
CA GLU J 439 16.28 18.52 28.78
C GLU J 439 15.62 19.12 30.02
N LYS J 440 14.69 18.39 30.63
CA LYS J 440 13.97 18.93 31.78
C LYS J 440 14.84 18.93 33.03
N THR J 441 15.76 17.97 33.14
CA THR J 441 16.70 17.99 34.25
C THR J 441 17.71 19.11 34.10
N ARG J 442 18.07 19.45 32.87
CA ARG J 442 18.97 20.57 32.63
C ARG J 442 18.33 21.90 33.05
N ARG J 443 17.06 22.08 32.69
CA ARG J 443 16.38 23.34 33.03
C ARG J 443 16.15 23.45 34.53
N GLN J 444 16.08 22.33 35.22
CA GLN J 444 15.85 22.35 36.66
C GLN J 444 17.05 22.94 37.40
N LEU J 445 18.27 22.54 37.00
CA LEU J 445 19.49 23.05 37.61
C LEU J 445 19.93 24.27 36.82
N ARG J 446 19.20 25.36 37.01
CA ARG J 446 19.46 26.61 36.31
C ARG J 446 20.77 27.19 36.81
N GLU J 447 21.81 27.09 35.96
CA GLU J 447 23.13 27.67 36.24
C GLU J 447 23.75 27.13 37.52
N ASN J 448 23.36 25.94 37.96
CA ASN J 448 23.99 25.27 39.08
C ASN J 448 24.71 24.00 38.69
N ALA J 449 24.72 23.66 37.40
CA ALA J 449 25.35 22.43 36.93
C ALA J 449 25.85 22.65 35.51
N GLU J 450 26.81 21.82 35.12
CA GLU J 450 27.43 21.88 33.81
C GLU J 450 27.32 20.53 33.13
N ASP J 451 26.89 20.55 31.87
CA ASP J 451 26.90 19.33 31.07
C ASP J 451 28.32 18.83 30.90
N MET J 452 28.48 17.50 30.99
CA MET J 452 29.84 16.95 30.98
C MET J 452 30.01 16.04 29.77
N GLY J 453 29.41 16.40 28.64
CA GLY J 453 29.53 15.62 27.42
C GLY J 453 28.59 14.44 27.39
N ASN J 454 28.89 13.42 28.19
CA ASN J 454 27.97 12.30 28.34
C ASN J 454 26.73 12.76 29.11
N GLY J 455 25.79 11.84 29.27
CA GLY J 455 24.52 12.19 29.90
C GLY J 455 24.60 12.33 31.41
N CYS J 456 25.53 13.15 31.89
CA CYS J 456 25.66 13.38 33.32
C CYS J 456 25.99 14.84 33.58
N PHE J 457 25.46 15.36 34.67
CA PHE J 457 25.70 16.72 35.12
C PHE J 457 26.70 16.74 36.25
N LYS J 458 27.41 17.86 36.37
CA LYS J 458 28.27 18.14 37.51
C LYS J 458 27.67 19.25 38.33
N ILE J 459 27.08 18.90 39.47
CA ILE J 459 26.48 19.87 40.38
C ILE J 459 27.59 20.49 41.20
N TYR J 460 27.64 21.83 41.21
CA TYR J 460 28.73 22.56 41.84
C TYR J 460 28.41 22.98 43.25
N HIS J 461 27.58 22.21 43.96
CA HIS J 461 27.31 22.45 45.36
C HIS J 461 27.06 21.11 46.05
N LYS J 462 27.17 21.13 47.37
CA LYS J 462 27.02 19.90 48.15
C LYS J 462 25.59 19.38 48.05
N CYS J 463 25.41 18.25 47.39
CA CYS J 463 24.12 17.59 47.27
C CYS J 463 24.09 16.40 48.22
N ASP J 464 23.07 16.36 49.07
CA ASP J 464 22.81 15.18 49.89
C ASP J 464 21.80 14.29 49.16
N ASN J 465 21.34 13.24 49.83
CA ASN J 465 20.36 12.36 49.22
C ASN J 465 19.04 13.08 48.97
N ALA J 466 18.64 13.95 49.89
CA ALA J 466 17.38 14.67 49.74
C ALA J 466 17.41 15.60 48.53
N CYS J 467 18.55 16.27 48.30
CA CYS J 467 18.66 17.18 47.17
C CYS J 467 18.54 16.43 45.85
N ILE J 468 19.15 15.25 45.76
CA ILE J 468 19.04 14.45 44.54
C ILE J 468 17.60 13.96 44.35
N GLU J 469 16.93 13.63 45.45
CA GLU J 469 15.54 13.20 45.35
C GLU J 469 14.65 14.32 44.82
N SER J 470 14.90 15.56 45.27
CA SER J 470 14.12 16.69 44.79
C SER J 470 14.32 16.91 43.29
N ILE J 471 15.49 16.53 42.77
CA ILE J 471 15.72 16.61 41.34
C ILE J 471 14.79 15.66 40.59
N ARG J 472 14.63 14.44 41.12
CA ARG J 472 13.76 13.48 40.47
C ARG J 472 12.28 13.82 40.69
N ASN J 473 11.93 14.31 41.89
CA ASN J 473 10.54 14.65 42.15
C ASN J 473 10.07 15.77 41.24
N GLY J 474 10.91 16.79 41.05
CA GLY J 474 10.51 17.99 40.35
C GLY J 474 10.41 19.23 41.21
N THR J 475 10.85 19.17 42.46
CA THR J 475 10.72 20.27 43.42
C THR J 475 12.08 20.79 43.86
N TYR J 476 12.99 20.97 42.91
CA TYR J 476 14.34 21.45 43.20
C TYR J 476 14.36 22.97 43.13
N ASP J 477 14.67 23.60 44.26
CA ASP J 477 14.76 25.05 44.33
C ASP J 477 16.19 25.46 43.98
N HIS J 478 16.34 26.13 42.84
CA HIS J 478 17.67 26.47 42.34
C HIS J 478 18.24 27.72 42.97
N ASP J 479 17.50 28.40 43.85
CA ASP J 479 17.96 29.66 44.41
C ASP J 479 18.70 29.49 45.73
N ILE J 480 18.35 28.47 46.52
CA ILE J 480 19.02 28.28 47.80
C ILE J 480 20.47 27.86 47.59
N TYR J 481 20.73 27.05 46.58
CA TYR J 481 22.07 26.59 46.27
C TYR J 481 22.78 27.47 45.25
N ARG J 482 22.15 28.57 44.82
CA ARG J 482 22.69 29.32 43.68
C ARG J 482 23.98 30.03 44.03
N ASP J 483 24.02 30.71 45.17
CA ASP J 483 25.18 31.53 45.52
C ASP J 483 26.44 30.68 45.66
N GLU J 484 26.31 29.53 46.33
CA GLU J 484 27.48 28.69 46.55
C GLU J 484 27.85 27.91 45.29
N ALA J 485 26.89 27.71 44.38
CA ALA J 485 27.20 27.05 43.12
C ALA J 485 27.96 27.99 42.18
N LEU J 486 27.52 29.25 42.11
CA LEU J 486 28.17 30.20 41.21
C LEU J 486 29.59 30.49 41.63
N ASN J 487 29.86 30.46 42.94
CA ASN J 487 31.22 30.66 43.43
C ASN J 487 32.12 29.51 43.00
N ASN J 488 31.64 28.27 43.17
CA ASN J 488 32.42 27.11 42.77
C ASN J 488 32.65 27.07 41.27
N ARG J 489 31.63 27.43 40.49
CA ARG J 489 31.77 27.43 39.04
C ARG J 489 32.83 28.42 38.58
N PHE J 490 32.85 29.60 39.18
CA PHE J 490 33.81 30.64 38.81
C PHE J 490 34.64 31.08 40.00
N VAL K 2 -3.85 -18.30 40.67
CA VAL K 2 -3.44 -17.11 41.42
C VAL K 2 -4.30 -16.97 42.67
N GLN K 3 -3.66 -16.69 43.80
CA GLN K 3 -4.37 -16.52 45.05
C GLN K 3 -3.56 -15.64 45.99
N LEU K 4 -4.18 -14.58 46.48
CA LEU K 4 -3.56 -13.65 47.42
C LEU K 4 -4.30 -13.75 48.75
N LEU K 5 -3.56 -14.02 49.82
CA LEU K 5 -4.14 -14.15 51.16
C LEU K 5 -3.51 -13.10 52.06
N GLU K 6 -4.36 -12.28 52.68
CA GLU K 6 -3.92 -11.22 53.58
C GLU K 6 -3.97 -11.67 55.02
N SER K 7 -3.17 -11.02 55.86
CA SER K 7 -3.13 -11.33 57.28
C SER K 7 -2.59 -10.11 58.03
N GLY K 8 -2.77 -10.13 59.35
CA GLY K 8 -2.26 -9.10 60.21
C GLY K 8 -3.28 -8.09 60.69
N GLY K 9 -4.48 -8.08 60.11
CA GLY K 9 -5.48 -7.11 60.51
C GLY K 9 -5.90 -7.30 61.95
N GLY K 10 -6.18 -6.19 62.63
CA GLY K 10 -6.56 -6.24 64.03
C GLY K 10 -6.73 -4.85 64.58
N LEU K 11 -7.02 -4.80 65.87
CA LEU K 11 -7.24 -3.52 66.55
C LEU K 11 -5.92 -2.98 67.07
N VAL K 12 -5.66 -1.70 66.78
CA VAL K 12 -4.44 -1.03 67.21
C VAL K 12 -4.81 0.34 67.76
N GLN K 13 -4.18 0.71 68.86
CA GLN K 13 -4.42 2.03 69.44
C GLN K 13 -3.84 3.10 68.52
N PRO K 14 -4.39 4.31 68.54
CA PRO K 14 -3.85 5.38 67.71
C PRO K 14 -2.39 5.66 68.06
N GLY K 15 -1.59 5.92 67.03
CA GLY K 15 -0.17 6.07 67.20
C GLY K 15 0.59 4.76 67.27
N GLY K 16 -0.09 3.63 67.13
CA GLY K 16 0.55 2.33 67.21
C GLY K 16 1.12 1.88 65.88
N SER K 17 1.49 0.61 65.84
CA SER K 17 2.11 0.01 64.66
C SER K 17 1.46 -1.32 64.35
N LEU K 18 1.52 -1.71 63.08
CA LEU K 18 0.96 -2.97 62.64
C LEU K 18 1.67 -3.39 61.36
N ARG K 19 1.74 -4.70 61.15
CA ARG K 19 2.41 -5.28 60.00
C ARG K 19 1.48 -6.25 59.30
N LEU K 20 1.23 -6.01 58.02
CA LEU K 20 0.33 -6.84 57.22
C LEU K 20 1.14 -7.64 56.22
N SER K 21 0.81 -8.92 56.09
CA SER K 21 1.49 -9.83 55.18
C SER K 21 0.48 -10.37 54.18
N CYS K 22 0.86 -10.38 52.91
CA CYS K 22 0.03 -10.94 51.85
C CYS K 22 0.82 -12.05 51.18
N ALA K 23 0.40 -13.30 51.42
CA ALA K 23 1.04 -14.46 50.82
C ALA K 23 0.43 -14.73 49.45
N ALA K 24 1.28 -14.78 48.44
CA ALA K 24 0.86 -14.93 47.05
C ALA K 24 1.42 -16.22 46.48
N SER K 25 0.55 -17.03 45.88
CA SER K 25 0.94 -18.27 45.23
C SER K 25 0.22 -18.39 43.91
N GLY K 26 0.83 -19.12 42.98
CA GLY K 26 0.25 -19.36 41.68
C GLY K 26 0.85 -18.55 40.55
N PHE K 27 1.87 -17.74 40.81
CA PHE K 27 2.51 -16.96 39.76
C PHE K 27 3.92 -16.60 40.19
N THR K 28 4.75 -16.24 39.22
CA THR K 28 6.11 -15.79 39.51
C THR K 28 6.05 -14.45 40.22
N PHE K 29 6.32 -14.46 41.52
CA PHE K 29 6.16 -13.26 42.34
C PHE K 29 7.18 -12.18 42.00
N SER K 30 8.34 -12.54 41.45
CA SER K 30 9.40 -11.58 41.19
C SER K 30 9.24 -10.86 39.86
N THR K 31 8.19 -11.17 39.10
CA THR K 31 7.97 -10.56 37.79
C THR K 31 6.96 -9.43 37.83
N TYR K 32 5.98 -9.50 38.71
CA TYR K 32 4.84 -8.60 38.69
C TYR K 32 4.89 -7.63 39.87
N ALA K 33 4.50 -6.39 39.61
CA ALA K 33 4.38 -5.39 40.65
C ALA K 33 3.17 -5.67 41.53
N MET K 34 3.21 -5.16 42.75
CA MET K 34 2.16 -5.39 43.73
C MET K 34 1.79 -4.07 44.39
N SER K 35 0.57 -4.01 44.92
CA SER K 35 0.04 -2.78 45.47
C SER K 35 -0.85 -3.07 46.67
N TRP K 36 -1.02 -2.07 47.51
CA TRP K 36 -1.96 -2.09 48.61
C TRP K 36 -3.03 -1.04 48.37
N VAL K 37 -4.29 -1.44 48.45
CA VAL K 37 -5.42 -0.53 48.22
C VAL K 37 -6.39 -0.70 49.40
N ARG K 38 -6.82 0.41 49.97
CA ARG K 38 -7.69 0.39 51.13
C ARG K 38 -9.04 1.01 50.80
N GLN K 39 -10.07 0.51 51.48
CA GLN K 39 -11.44 1.00 51.32
C GLN K 39 -12.04 1.20 52.70
N ALA K 40 -12.29 2.46 53.05
CA ALA K 40 -12.89 2.75 54.33
C ALA K 40 -14.31 2.19 54.38
N PRO K 41 -14.81 1.82 55.58
CA PRO K 41 -16.14 1.22 55.66
C PRO K 41 -17.23 2.14 55.14
N GLY K 42 -17.85 1.74 54.03
CA GLY K 42 -18.91 2.51 53.42
C GLY K 42 -18.46 3.54 52.40
N LYS K 43 -17.17 3.87 52.34
CA LYS K 43 -16.68 4.86 51.41
C LYS K 43 -15.96 4.16 50.24
N GLY K 44 -15.34 4.96 49.38
CA GLY K 44 -14.74 4.45 48.17
C GLY K 44 -13.35 3.91 48.36
N LEU K 45 -12.72 3.58 47.23
CA LEU K 45 -11.41 2.96 47.22
C LEU K 45 -10.32 4.02 47.17
N GLU K 46 -9.24 3.78 47.91
CA GLU K 46 -8.11 4.69 47.98
C GLU K 46 -6.83 3.91 47.81
N TRP K 47 -5.98 4.35 46.89
CA TRP K 47 -4.68 3.73 46.69
C TRP K 47 -3.75 4.06 47.84
N VAL K 48 -2.92 3.09 48.23
CA VAL K 48 -2.00 3.25 49.35
C VAL K 48 -0.54 3.23 48.88
N SER K 49 -0.10 2.12 48.31
CA SER K 49 1.30 1.97 47.93
C SER K 49 1.42 0.97 46.80
N THR K 50 2.61 0.94 46.19
CA THR K 50 2.95 -0.04 45.17
C THR K 50 4.44 -0.27 45.21
N ILE K 51 4.87 -1.42 44.69
CA ILE K 51 6.27 -1.81 44.71
C ILE K 51 6.61 -2.52 43.40
N SER K 52 7.85 -2.37 42.96
CA SER K 52 8.30 -2.93 41.70
C SER K 52 8.62 -4.42 41.87
N GLY K 53 9.00 -5.06 40.76
CA GLY K 53 9.27 -6.49 40.79
C GLY K 53 10.48 -6.85 41.63
N SER K 54 11.55 -6.07 41.53
CA SER K 54 12.73 -6.31 42.33
C SER K 54 12.65 -5.72 43.72
N GLY K 55 11.68 -4.86 43.99
CA GLY K 55 11.56 -4.23 45.28
C GLY K 55 12.35 -2.95 45.46
N GLY K 56 13.14 -2.56 44.46
CA GLY K 56 13.96 -1.36 44.59
C GLY K 56 13.19 -0.06 44.47
N SER K 57 12.04 -0.08 43.83
CA SER K 57 11.23 1.12 43.62
C SER K 57 9.94 1.00 44.43
N THR K 58 9.68 1.98 45.28
CA THR K 58 8.48 2.01 46.10
C THR K 58 7.78 3.33 45.89
N TYR K 59 6.46 3.29 45.76
CA TYR K 59 5.65 4.49 45.55
C TYR K 59 4.54 4.52 46.59
N ASP K 60 4.35 5.69 47.20
CA ASP K 60 3.40 5.85 48.29
C ASP K 60 2.49 7.04 48.03
N ALA K 61 1.30 6.98 48.61
CA ALA K 61 0.37 8.08 48.52
C ALA K 61 0.73 9.18 49.51
N GLU K 62 0.24 10.38 49.25
CA GLU K 62 0.61 11.54 50.07
C GLU K 62 0.08 11.41 51.49
N SER K 63 -1.14 10.89 51.64
CA SER K 63 -1.71 10.72 52.98
C SER K 63 -1.11 9.55 53.74
N VAL K 64 -0.10 8.90 53.16
CA VAL K 64 0.47 7.68 53.71
C VAL K 64 2.00 7.80 53.69
N LYS K 65 2.50 8.78 52.92
CA LYS K 65 3.90 8.83 52.50
C LYS K 65 4.89 8.59 53.63
N GLY K 66 4.87 9.43 54.65
CA GLY K 66 5.85 9.32 55.70
C GLY K 66 5.55 8.31 56.77
N ARG K 67 4.38 7.66 56.73
CA ARG K 67 3.95 6.79 57.80
C ARG K 67 4.03 5.31 57.45
N PHE K 68 3.46 4.88 56.33
CA PHE K 68 3.43 3.47 55.96
C PHE K 68 4.48 3.19 54.90
N THR K 69 5.13 2.04 55.01
CA THR K 69 6.13 1.59 54.06
C THR K 69 5.75 0.22 53.51
N ILE K 70 6.34 -0.12 52.36
CA ILE K 70 6.04 -1.36 51.66
C ILE K 70 7.34 -2.11 51.44
N SER K 71 7.23 -3.44 51.29
CA SER K 71 8.41 -4.28 51.12
C SER K 71 7.98 -5.62 50.53
N ARG K 72 8.96 -6.35 50.01
CA ARG K 72 8.75 -7.68 49.49
C ARG K 72 9.85 -8.61 49.98
N ASP K 73 9.56 -9.91 49.98
CA ASP K 73 10.55 -10.95 50.16
C ASP K 73 10.32 -11.96 49.04
N ASN K 74 10.97 -11.74 47.91
CA ASN K 74 10.69 -12.55 46.73
C ASN K 74 11.04 -14.01 46.95
N SER K 75 11.92 -14.32 47.91
CA SER K 75 12.19 -15.71 48.25
C SER K 75 10.98 -16.38 48.88
N LYS K 76 10.31 -15.69 49.80
CA LYS K 76 9.16 -16.24 50.51
C LYS K 76 7.84 -15.96 49.83
N ASN K 77 7.85 -15.20 48.72
CA ASN K 77 6.64 -14.89 47.95
C ASN K 77 5.58 -14.22 48.83
N THR K 78 6.01 -13.28 49.66
CA THR K 78 5.12 -12.58 50.57
C THR K 78 5.34 -11.08 50.43
N LEU K 79 4.24 -10.32 50.46
CA LEU K 79 4.27 -8.86 50.37
C LEU K 79 3.91 -8.27 51.73
N TYR K 80 4.73 -7.33 52.20
CA TYR K 80 4.60 -6.78 53.53
C TYR K 80 4.32 -5.30 53.47
N LEU K 81 3.37 -4.84 54.29
CA LEU K 81 3.12 -3.42 54.50
C LEU K 81 3.25 -3.12 55.98
N GLN K 82 4.06 -2.11 56.31
CA GLN K 82 4.35 -1.75 57.69
C GLN K 82 3.65 -0.44 58.02
N MET K 83 2.90 -0.43 59.12
CA MET K 83 2.24 0.76 59.62
C MET K 83 3.04 1.26 60.81
N ASN K 84 3.42 2.54 60.78
CA ASN K 84 4.25 3.12 61.84
C ASN K 84 3.48 4.08 62.74
N SER K 85 2.81 5.06 62.15
CA SER K 85 1.99 6.00 62.90
C SER K 85 0.57 5.93 62.35
N LEU K 86 -0.36 5.47 63.19
CA LEU K 86 -1.73 5.19 62.77
C LEU K 86 -2.65 6.25 63.33
N ARG K 87 -3.51 6.80 62.47
CA ARG K 87 -4.46 7.84 62.82
C ARG K 87 -5.88 7.27 62.78
N ALA K 88 -6.85 8.13 63.13
CA ALA K 88 -8.24 7.71 63.15
C ALA K 88 -8.81 7.50 61.75
N GLU K 89 -8.17 8.05 60.73
CA GLU K 89 -8.65 7.92 59.35
C GLU K 89 -8.07 6.71 58.64
N ASP K 90 -7.25 5.92 59.31
CA ASP K 90 -6.64 4.74 58.71
C ASP K 90 -7.48 3.48 58.86
N THR K 91 -8.63 3.56 59.51
CA THR K 91 -9.51 2.42 59.65
C THR K 91 -10.14 2.10 58.31
N ALA K 92 -9.75 0.99 57.70
CA ALA K 92 -10.25 0.58 56.41
C ALA K 92 -9.95 -0.90 56.22
N VAL K 93 -10.44 -1.46 55.12
CA VAL K 93 -10.13 -2.83 54.73
C VAL K 93 -9.03 -2.77 53.69
N TYR K 94 -7.92 -3.44 53.97
CA TYR K 94 -6.72 -3.35 53.13
C TYR K 94 -6.63 -4.57 52.23
N TYR K 95 -6.54 -4.34 50.92
CA TYR K 95 -6.41 -5.39 49.93
C TYR K 95 -4.99 -5.39 49.37
N CYS K 96 -4.48 -6.58 49.06
CA CYS K 96 -3.24 -6.73 48.31
C CYS K 96 -3.57 -7.16 46.89
N ALA K 97 -3.06 -6.42 45.92
CA ALA K 97 -3.41 -6.61 44.51
C ALA K 97 -2.16 -6.89 43.71
N LYS K 98 -2.34 -7.50 42.54
CA LYS K 98 -1.25 -7.86 41.65
C LYS K 98 -1.43 -7.13 40.32
N GLU K 99 -0.32 -6.67 39.76
CA GLU K 99 -0.32 -6.10 38.42
C GLU K 99 -0.82 -7.14 37.42
N GLY K 100 -1.99 -6.90 36.82
CA GLY K 100 -2.56 -7.88 35.93
C GLY K 100 -2.00 -7.88 34.53
N GLY K 101 -1.17 -6.91 34.19
CA GLY K 101 -0.64 -6.83 32.84
C GLY K 101 0.54 -7.74 32.62
N ASP K 102 0.71 -8.14 31.36
CA ASP K 102 1.86 -8.95 30.95
C ASP K 102 2.69 -8.22 29.90
N PHE K 103 2.71 -6.90 29.94
CA PHE K 103 3.48 -6.08 29.01
C PHE K 103 4.49 -5.26 29.83
N TRP K 104 5.71 -5.71 29.82
CA TRP K 104 6.76 -5.04 30.61
C TRP K 104 6.27 -4.96 32.02
N SER K 105 5.88 -6.10 32.61
CA SER K 105 5.45 -6.15 33.99
C SER K 105 6.64 -6.11 34.94
N GLY K 106 6.48 -5.39 36.05
CA GLY K 106 7.53 -5.30 37.05
C GLY K 106 7.91 -3.89 37.41
N TYR K 107 7.28 -2.92 36.76
CA TYR K 107 7.57 -1.51 36.99
C TYR K 107 6.49 -0.83 37.82
N TYR K 108 5.24 -0.92 37.38
CA TYR K 108 4.13 -0.26 38.06
C TYR K 108 2.86 -1.06 37.79
N ALA K 109 1.87 -0.86 38.65
CA ALA K 109 0.60 -1.57 38.55
C ALA K 109 -0.41 -0.64 37.88
N ASN K 110 -0.62 -0.82 36.58
CA ASN K 110 -1.60 -0.03 35.86
C ASN K 110 -3.01 -0.50 36.15
N TRP K 111 -3.20 -1.81 36.32
CA TRP K 111 -4.48 -2.34 36.76
C TRP K 111 -4.23 -3.57 37.62
N PHE K 112 -5.23 -3.92 38.42
CA PHE K 112 -5.11 -4.95 39.45
C PHE K 112 -6.07 -6.09 39.12
N ASP K 113 -5.55 -7.17 38.52
CA ASP K 113 -6.44 -8.25 38.10
C ASP K 113 -6.92 -9.09 39.28
N PRO K 114 -6.04 -9.73 40.07
CA PRO K 114 -6.55 -10.42 41.25
C PRO K 114 -6.46 -9.56 42.50
N TRP K 115 -7.46 -9.73 43.37
CA TRP K 115 -7.51 -9.02 44.63
C TRP K 115 -7.69 -10.02 45.76
N GLY K 116 -7.16 -9.67 46.92
CA GLY K 116 -7.38 -10.50 48.09
C GLY K 116 -8.72 -10.23 48.73
N GLN K 117 -9.08 -11.11 49.67
CA GLN K 117 -10.33 -10.93 50.40
C GLN K 117 -10.26 -9.74 51.35
N GLY K 118 -9.08 -9.32 51.74
CA GLY K 118 -8.92 -8.11 52.55
C GLY K 118 -8.82 -8.40 54.03
N THR K 119 -8.04 -7.56 54.70
CA THR K 119 -7.91 -7.60 56.16
C THR K 119 -8.29 -6.24 56.72
N LEU K 120 -9.12 -6.24 57.75
CA LEU K 120 -9.65 -5.01 58.31
C LEU K 120 -8.83 -4.60 59.53
N VAL K 121 -8.31 -3.38 59.50
CA VAL K 121 -7.61 -2.80 60.64
C VAL K 121 -8.47 -1.68 61.21
N THR K 122 -8.48 -1.58 62.53
CA THR K 122 -9.32 -0.59 63.21
C THR K 122 -8.50 0.08 64.30
N VAL K 123 -8.66 1.39 64.43
CA VAL K 123 -8.04 2.15 65.50
C VAL K 123 -9.14 2.79 66.33
N SER K 124 -8.94 2.79 67.65
CA SER K 124 -9.92 3.33 68.59
C SER K 124 -9.27 3.39 69.97
N SER K 125 -10.00 3.95 70.93
CA SER K 125 -9.51 4.04 72.29
C SER K 125 -9.52 2.67 72.97
N SER L 2 -5.86 15.43 44.96
CA SER L 2 -7.31 15.48 44.63
C SER L 2 -7.77 14.09 44.17
N ALA L 3 -9.01 13.99 43.69
CA ALA L 3 -9.53 12.69 43.18
C ALA L 3 -10.46 12.85 41.97
N LEU L 4 -10.62 11.79 41.19
CA LEU L 4 -11.50 11.70 40.03
C LEU L 4 -12.95 11.90 40.45
N THR L 5 -13.76 12.42 39.54
CA THR L 5 -15.15 12.76 39.80
C THR L 5 -16.05 11.74 39.13
N GLN L 6 -16.98 11.18 39.90
CA GLN L 6 -17.92 10.18 39.42
C GLN L 6 -19.30 10.50 39.98
N PRO L 7 -20.36 10.17 39.24
CA PRO L 7 -21.71 10.40 39.77
C PRO L 7 -22.01 9.49 40.95
N ARG L 8 -22.87 9.98 41.84
CA ARG L 8 -23.24 9.20 43.02
C ARG L 8 -23.96 7.91 42.64
N SER L 9 -24.91 8.01 41.71
CA SER L 9 -25.70 6.85 41.35
C SER L 9 -26.23 7.01 39.94
N VAL L 10 -26.43 5.88 39.26
CA VAL L 10 -27.06 5.83 37.96
C VAL L 10 -28.04 4.66 37.96
N SER L 11 -29.25 4.88 37.47
CA SER L 11 -30.28 3.86 37.44
C SER L 11 -30.82 3.70 36.03
N GLY L 12 -31.18 2.46 35.70
CA GLY L 12 -31.73 2.17 34.39
C GLY L 12 -32.58 0.92 34.43
N SER L 13 -33.60 0.88 33.57
CA SER L 13 -34.46 -0.29 33.51
C SER L 13 -33.73 -1.43 32.80
N PRO L 14 -34.09 -2.68 33.11
CA PRO L 14 -33.41 -3.82 32.47
C PRO L 14 -33.53 -3.77 30.96
N GLY L 15 -32.44 -4.15 30.29
CA GLY L 15 -32.36 -4.10 28.84
C GLY L 15 -31.87 -2.79 28.27
N GLN L 16 -31.69 -1.76 29.09
CA GLN L 16 -31.27 -0.46 28.63
C GLN L 16 -29.74 -0.36 28.62
N SER L 17 -29.24 0.86 28.43
CA SER L 17 -27.82 1.14 28.41
C SER L 17 -27.52 2.20 29.47
N VAL L 18 -26.43 1.99 30.21
CA VAL L 18 -26.04 2.89 31.29
C VAL L 18 -24.60 3.32 31.05
N THR L 19 -24.34 4.62 31.13
CA THR L 19 -23.02 5.18 30.93
C THR L 19 -22.55 5.86 32.21
N ILE L 20 -21.35 5.51 32.67
CA ILE L 20 -20.74 6.10 33.85
C ILE L 20 -19.57 6.96 33.39
N SER L 21 -19.52 8.19 33.87
CA SER L 21 -18.50 9.15 33.47
C SER L 21 -17.49 9.34 34.59
N CYS L 22 -16.21 9.26 34.23
CA CYS L 22 -15.11 9.44 35.16
C CYS L 22 -14.24 10.58 34.65
N THR L 23 -14.54 11.80 35.10
CA THR L 23 -13.88 12.99 34.59
C THR L 23 -12.61 13.26 35.37
N GLY L 24 -11.49 13.40 34.65
CA GLY L 24 -10.21 13.65 35.26
C GLY L 24 -9.52 14.85 34.63
N THR L 25 -8.28 15.07 35.08
CA THR L 25 -7.49 16.19 34.62
C THR L 25 -6.63 15.78 33.44
N ARG L 26 -5.70 16.65 33.04
CA ARG L 26 -4.86 16.37 31.88
C ARG L 26 -3.80 15.32 32.19
N SER L 27 -3.32 15.27 33.43
CA SER L 27 -2.29 14.32 33.79
C SER L 27 -2.83 12.95 34.17
N ASP L 28 -4.14 12.84 34.44
CA ASP L 28 -4.69 11.57 34.91
C ASP L 28 -5.26 10.73 33.77
N VAL L 29 -6.26 11.26 33.07
CA VAL L 29 -6.95 10.51 32.04
C VAL L 29 -6.51 10.93 30.64
N GLY L 30 -6.30 12.21 30.42
CA GLY L 30 -5.87 12.68 29.11
C GLY L 30 -4.41 12.52 28.82
N GLY L 31 -3.60 12.22 29.83
CA GLY L 31 -2.18 12.05 29.62
C GLY L 31 -1.75 10.64 29.31
N TYR L 32 -2.60 9.66 29.63
CA TYR L 32 -2.28 8.25 29.45
C TYR L 32 -3.53 7.51 29.01
N ASN L 33 -3.36 6.22 28.75
CA ASN L 33 -4.45 5.32 28.40
C ASN L 33 -4.55 4.17 29.40
N TYR L 34 -4.26 4.44 30.67
CA TYR L 34 -4.24 3.43 31.72
C TYR L 34 -5.48 3.52 32.60
N VAL L 35 -6.63 3.83 32.01
CA VAL L 35 -7.87 3.90 32.76
C VAL L 35 -8.44 2.50 32.94
N SER L 36 -8.89 2.19 34.14
CA SER L 36 -9.43 0.88 34.46
C SER L 36 -10.72 1.03 35.23
N TRP L 37 -11.57 0.00 35.14
CA TRP L 37 -12.88 0.00 35.76
C TRP L 37 -13.02 -1.25 36.60
N TYR L 38 -13.48 -1.09 37.84
CA TYR L 38 -13.62 -2.20 38.77
C TYR L 38 -15.05 -2.26 39.29
N GLN L 39 -15.58 -3.47 39.39
CA GLN L 39 -16.92 -3.72 39.90
C GLN L 39 -16.83 -4.39 41.27
N GLN L 40 -17.47 -3.79 42.26
CA GLN L 40 -17.42 -4.29 43.63
C GLN L 40 -18.82 -4.63 44.10
N HIS L 41 -19.10 -5.92 44.23
CA HIS L 41 -20.34 -6.38 44.84
C HIS L 41 -20.28 -6.16 46.34
N PRO L 42 -21.43 -6.07 47.01
CA PRO L 42 -21.43 -5.79 48.45
C PRO L 42 -20.69 -6.85 49.24
N GLY L 43 -19.71 -6.42 50.03
CA GLY L 43 -18.96 -7.33 50.87
C GLY L 43 -17.98 -8.22 50.14
N LYS L 44 -17.55 -7.83 48.95
CA LYS L 44 -16.65 -8.66 48.15
C LYS L 44 -15.54 -7.81 47.58
N ALA L 45 -14.42 -8.45 47.27
CA ALA L 45 -13.29 -7.76 46.68
C ALA L 45 -13.62 -7.33 45.25
N PRO L 46 -13.10 -6.21 44.80
CA PRO L 46 -13.40 -5.73 43.45
C PRO L 46 -12.84 -6.65 42.37
N LYS L 47 -13.49 -6.63 41.22
CA LYS L 47 -13.07 -7.39 40.04
C LYS L 47 -13.01 -6.46 38.85
N VAL L 48 -12.07 -6.74 37.94
CA VAL L 48 -11.86 -5.91 36.77
C VAL L 48 -12.92 -6.20 35.73
N ILE L 49 -13.41 -5.16 35.07
CA ILE L 49 -14.30 -5.30 33.93
C ILE L 49 -13.69 -4.74 32.66
N ILE L 50 -12.97 -3.62 32.76
CA ILE L 50 -12.32 -3.00 31.61
C ILE L 50 -10.94 -2.52 32.04
N TYR L 51 -9.89 -3.16 31.52
CA TYR L 51 -8.54 -2.67 31.69
C TYR L 51 -8.14 -1.94 30.40
N ASP L 52 -7.29 -0.92 30.55
CA ASP L 52 -7.07 0.06 29.50
C ASP L 52 -8.39 0.73 29.15
N VAL L 53 -8.37 1.60 28.15
CA VAL L 53 -9.58 2.34 27.81
C VAL L 53 -10.69 1.40 27.35
N LYS L 54 -10.35 0.45 26.45
CA LYS L 54 -11.38 -0.32 25.77
C LYS L 54 -10.98 -1.79 25.63
N LYS L 55 -10.45 -2.37 26.69
CA LYS L 55 -10.08 -3.78 26.66
C LYS L 55 -10.75 -4.52 27.82
N ARG L 56 -11.03 -5.80 27.59
CA ARG L 56 -11.73 -6.67 28.51
C ARG L 56 -10.84 -7.84 28.90
N PRO L 57 -10.91 -8.30 30.15
CA PRO L 57 -10.21 -9.54 30.51
C PRO L 57 -10.86 -10.76 29.88
N SER L 58 -10.35 -11.95 30.21
CA SER L 58 -10.94 -13.19 29.72
C SER L 58 -11.93 -13.69 30.78
N GLY L 59 -13.21 -13.57 30.49
CA GLY L 59 -14.23 -14.01 31.42
C GLY L 59 -15.18 -12.90 31.84
N VAL L 60 -15.37 -11.92 30.97
CA VAL L 60 -16.26 -10.80 31.24
C VAL L 60 -17.23 -10.69 30.06
N PRO L 61 -18.53 -10.47 30.30
CA PRO L 61 -19.47 -10.34 29.19
C PRO L 61 -19.12 -9.18 28.28
N ASP L 62 -19.38 -9.37 26.99
CA ASP L 62 -19.09 -8.36 25.98
C ASP L 62 -20.02 -7.16 26.07
N ARG L 63 -20.95 -7.19 27.02
CA ARG L 63 -21.89 -6.07 27.21
C ARG L 63 -21.09 -4.86 27.64
N PHE L 64 -20.18 -5.06 28.59
CA PHE L 64 -19.37 -3.97 29.12
C PHE L 64 -18.45 -3.40 28.04
N SER L 65 -18.39 -2.08 27.97
CA SER L 65 -17.54 -1.40 27.01
C SER L 65 -17.00 -0.13 27.64
N GLY L 66 -15.83 0.30 27.16
CA GLY L 66 -15.20 1.49 27.66
C GLY L 66 -14.75 2.38 26.52
N SER L 67 -14.67 3.67 26.81
CA SER L 67 -14.25 4.65 25.82
C SER L 67 -13.64 5.84 26.55
N LYS L 68 -12.92 6.66 25.80
CA LYS L 68 -12.29 7.86 26.32
C LYS L 68 -12.58 9.01 25.39
N SER L 69 -12.90 10.17 25.97
CA SER L 69 -13.17 11.39 25.21
C SER L 69 -12.47 12.54 25.92
N GLY L 70 -11.23 12.82 25.53
CA GLY L 70 -10.48 13.88 26.15
C GLY L 70 -10.08 13.57 27.58
N ASN L 71 -10.70 14.27 28.53
CA ASN L 71 -10.38 14.11 29.94
C ASN L 71 -11.42 13.28 30.69
N THR L 72 -12.43 12.76 30.00
CA THR L 72 -13.49 11.98 30.61
C THR L 72 -13.51 10.58 30.01
N ALA L 73 -13.59 9.58 30.86
CA ALA L 73 -13.66 8.18 30.45
C ALA L 73 -15.04 7.64 30.76
N SER L 74 -15.60 6.88 29.84
CA SER L 74 -16.96 6.39 29.94
C SER L 74 -17.00 4.87 29.90
N LEU L 75 -17.84 4.29 30.75
CA LEU L 75 -18.11 2.86 30.76
C LEU L 75 -19.57 2.65 30.43
N THR L 76 -19.85 1.86 29.40
CA THR L 76 -21.20 1.60 28.93
C THR L 76 -21.58 0.17 29.27
N ILE L 77 -22.65 0.01 30.04
CA ILE L 77 -23.20 -1.30 30.38
C ILE L 77 -24.44 -1.52 29.51
N SER L 78 -24.38 -2.53 28.64
CA SER L 78 -25.48 -2.85 27.76
C SER L 78 -26.20 -4.09 28.26
N GLY L 79 -27.49 -4.17 27.95
CA GLY L 79 -28.29 -5.30 28.39
C GLY L 79 -28.33 -5.40 29.90
N LEU L 80 -28.58 -4.27 30.56
CA LEU L 80 -28.54 -4.21 32.02
C LEU L 80 -29.47 -5.25 32.63
N GLN L 81 -28.95 -6.00 33.59
CA GLN L 81 -29.69 -7.07 34.25
C GLN L 81 -29.36 -7.08 35.72
N ALA L 82 -29.97 -8.04 36.43
CA ALA L 82 -29.94 -8.04 37.89
C ALA L 82 -28.54 -8.21 38.44
N GLU L 83 -27.74 -9.08 37.82
CA GLU L 83 -26.40 -9.37 38.34
C GLU L 83 -25.40 -8.26 38.05
N ASP L 84 -25.84 -7.14 37.50
CA ASP L 84 -24.99 -5.98 37.26
C ASP L 84 -25.17 -4.90 38.32
N GLU L 85 -25.92 -5.17 39.37
CA GLU L 85 -26.18 -4.17 40.41
C GLU L 85 -25.04 -4.20 41.41
N ALA L 86 -24.12 -3.25 41.26
CA ALA L 86 -22.97 -3.15 42.15
C ALA L 86 -22.37 -1.75 42.03
N ASP L 87 -21.34 -1.51 42.82
CA ASP L 87 -20.62 -0.25 42.79
C ASP L 87 -19.46 -0.36 41.80
N TYR L 88 -19.33 0.65 40.94
CA TYR L 88 -18.32 0.64 39.87
C TYR L 88 -17.35 1.79 40.11
N TYR L 89 -16.06 1.47 40.12
CA TYR L 89 -15.01 2.45 40.36
C TYR L 89 -14.12 2.57 39.13
N CYS L 90 -13.54 3.75 38.95
CA CYS L 90 -12.63 4.02 37.85
C CYS L 90 -11.25 4.36 38.41
N SER L 91 -10.22 3.85 37.75
CA SER L 91 -8.84 4.07 38.16
C SER L 91 -8.08 4.75 37.03
N ALA L 92 -7.13 5.59 37.39
CA ALA L 92 -6.32 6.32 36.43
C ALA L 92 -4.91 6.46 36.96
N PHE L 93 -3.98 6.71 36.05
CA PHE L 93 -2.57 6.87 36.38
C PHE L 93 -2.20 8.35 36.26
N ALA L 94 -1.63 8.91 37.32
CA ALA L 94 -1.36 10.33 37.40
C ALA L 94 0.14 10.66 37.44
N GLY L 95 0.97 9.82 36.83
CA GLY L 95 2.38 10.11 36.70
C GLY L 95 3.23 9.56 37.83
N SER L 96 2.84 9.82 39.08
CA SER L 96 3.56 9.32 40.23
C SER L 96 2.66 8.57 41.21
N HIS L 97 1.38 8.40 40.88
CA HIS L 97 0.44 7.72 41.77
C HIS L 97 -0.73 7.24 40.94
N THR L 98 -1.56 6.40 41.56
CA THR L 98 -2.78 5.90 40.97
C THR L 98 -3.97 6.55 41.67
N LEU L 99 -4.91 7.07 40.89
CA LEU L 99 -6.10 7.73 41.40
C LEU L 99 -7.31 6.85 41.20
N PHE L 100 -8.20 6.83 42.19
CA PHE L 100 -9.45 6.09 42.13
C PHE L 100 -10.63 7.05 42.17
N GLY L 101 -11.71 6.67 41.51
CA GLY L 101 -12.90 7.49 41.48
C GLY L 101 -13.70 7.38 42.76
N GLY L 102 -14.70 8.26 42.87
CA GLY L 102 -15.55 8.23 44.04
C GLY L 102 -16.38 6.97 44.14
N GLY L 103 -16.96 6.54 43.03
CA GLY L 103 -17.77 5.32 43.03
C GLY L 103 -19.20 5.63 42.61
N THR L 104 -19.65 4.88 41.61
CA THR L 104 -21.01 5.00 41.09
C THR L 104 -21.76 3.70 41.36
N LYS L 105 -22.90 3.81 42.02
CA LYS L 105 -23.74 2.65 42.34
C LYS L 105 -24.83 2.53 41.29
N VAL L 106 -24.83 1.40 40.60
CA VAL L 106 -25.78 1.14 39.52
C VAL L 106 -26.95 0.33 40.09
N THR L 107 -28.16 0.86 39.93
CA THR L 107 -29.38 0.20 40.37
C THR L 107 -30.23 -0.16 39.17
N VAL L 108 -30.72 -1.40 39.15
CA VAL L 108 -31.54 -1.90 38.04
C VAL L 108 -32.98 -1.84 38.48
N LEU L 109 -33.81 -1.18 37.67
CA LEU L 109 -35.23 -1.03 37.97
C LEU L 109 -35.98 -2.33 37.71
#